data_3ZYS
#
_entry.id   3ZYS
#
_cell.length_a   1.000
_cell.length_b   1.000
_cell.length_c   1.000
_cell.angle_alpha   90.00
_cell.angle_beta   90.00
_cell.angle_gamma   90.00
#
_symmetry.space_group_name_H-M   'P 1'
#
loop_
_entity.id
_entity.type
_entity.pdbx_description
1 polymer DYNAMIN-1
2 polymer 'INTERFERON-INDUCED GTP-BINDING PROTEIN MX1'
3 polymer DYNAMIN-1
#
loop_
_entity_poly.entity_id
_entity_poly.type
_entity_poly.pdbx_seq_one_letter_code
_entity_poly.pdbx_strand_id
1 'polypeptide(L)'
;GPEFSMEDLIPLVNRLQDAFSAIGQNADLDLPQIAVVGGQSAGKSSVLENFVGRDFLPRGSGIVTRRPLVLQLVNATTEY
AEFLHCKGKKFTDFEEVRLEIEAETDRVTGTNKGISPVPINLRVYSPHVLNLTLVDLPGMTKVPVGDQPPDIEFQIRDML
MQFVTKENCLILAVSPANSDLANSDALKVAKEVDPQGQRTIGVITKLDLMDEGTDARDVLENKLLPLRRGYIGVVNRSQK
DIDGKKDITAALAAERKFFLSHPSYRHLADRMGTPYLQKVLNQQLTNHIRDTLPGLRNKLQSQLLSIEKEVEEYKNFRPD
KHGTDSRVDEMLRMYHALKEALSIIGNINTTTV
;
A,D
2 'polypeptide(L)'
;MVVSEVDIAKADPAAASHPLLLNGDATVAQKNPGSVAENNLCSQYEEKVRPCIDLIDSLRALGVEQDLALPAIAVIGDQS
SGKSSVLEALSGVALPRGSGIVTRCPLVLKLKKLVNEDKWRGKVSYQDYEIEISDASEVEKEINKAQNAIAGEGMGISHE
LITLEISSRDVPDLTLIDLPGITRVAVGNQPADIGYKIKTLIKKYIQRQETISLVVVPSNVDIATTEALSMAQEVDPEGD
RTIGILTKPDLVDKGTEDKVVDVVRNLVFHLKKGYMIVKCRGQQEIQDQLSLSEALQREKIFFENHPYFRDLLEEGKATV
PCLAEKLTSELITHICKSLPLLENQIKETHQRITEELQKYGVDIPEDENEKMFFLIDKVNAFNQDITALMQGEETVGEED
IRLFTRLRHEFHKWSTIIENNFQEGHKILSRKIQKFENQYRGRELPGFVNYRTFETIVKQQIKALEEPAVDMLHTVTDMV
RLAFTDVSIKNFEEFFNLHRTAKSKIEDIRAEQEREGEKLIRLHFQMEQIVYCQDQVYRGALQKVREKELEEEKKKKSWD
FGAFQSSSATDSSMEEIFQHLMAYHQEASKRISSHIPLIIQFFMLQTYGQQLQKAMLQLLQDKDTYSWLLKERSDTSDKR
KFLKERLARLTQARRRLAQFPG
;
B,E
3 'polypeptide(L)'
;ILVIRKGWLTINNIGIMKGGSKEYWFVLTAENLSWYKDDEEKEKKYMLSVDNLKLRDVEKGFMSSKHIFALFNTEQRNVY
KDYRQLELACETQEEVDSWKASFLRAGVYPERV
;
C,F
#
# COMPACT_ATOMS: atom_id res chain seq x y z
N SER A 5 -115.16 61.07 12.72
CA SER A 5 -113.82 61.03 13.27
C SER A 5 -113.67 61.67 14.67
N MET A 6 -114.61 62.55 15.00
CA MET A 6 -114.59 63.13 16.34
C MET A 6 -115.03 62.07 17.32
N GLU A 7 -116.06 61.27 16.96
CA GLU A 7 -116.54 60.19 17.80
C GLU A 7 -115.57 59.06 17.90
N ASP A 8 -114.75 58.82 16.92
CA ASP A 8 -113.86 57.69 16.86
C ASP A 8 -112.52 57.91 17.56
N LEU A 9 -112.19 59.17 17.77
CA LEU A 9 -110.86 59.54 18.24
C LEU A 9 -110.74 59.30 19.73
N ILE A 10 -111.69 59.80 20.52
CA ILE A 10 -111.59 59.67 21.97
C ILE A 10 -111.48 58.23 22.47
N PRO A 11 -112.48 57.38 22.15
CA PRO A 11 -112.49 56.02 22.74
C PRO A 11 -111.36 55.16 22.24
N LEU A 12 -110.99 55.26 20.96
CA LEU A 12 -110.00 54.38 20.37
C LEU A 12 -108.62 54.55 20.98
N VAL A 13 -108.28 55.76 21.38
CA VAL A 13 -107.01 56.07 22.04
C VAL A 13 -106.95 55.42 23.41
N ASN A 14 -108.06 55.45 24.14
CA ASN A 14 -108.07 54.86 25.49
C ASN A 14 -108.00 53.35 25.37
N ARG A 15 -108.66 52.78 24.37
CA ARG A 15 -108.76 51.34 24.18
C ARG A 15 -107.40 50.76 23.86
N LEU A 16 -106.63 51.43 23.04
CA LEU A 16 -105.31 50.97 22.61
C LEU A 16 -104.33 51.05 23.76
N GLN A 17 -104.42 52.10 24.56
CA GLN A 17 -103.50 52.26 25.67
C GLN A 17 -103.78 51.19 26.70
N ASP A 18 -105.01 50.83 26.93
CA ASP A 18 -105.44 49.89 27.94
C ASP A 18 -104.86 48.51 27.66
N ALA A 19 -104.92 48.06 26.43
CA ALA A 19 -104.36 46.77 26.03
C ALA A 19 -102.87 46.76 26.33
N PHE A 20 -102.16 47.82 26.01
CA PHE A 20 -100.73 47.99 26.22
C PHE A 20 -100.41 47.82 27.70
N SER A 21 -101.21 48.42 28.57
CA SER A 21 -101.08 48.39 29.99
C SER A 21 -100.96 46.97 30.51
N ALA A 22 -101.80 46.07 30.05
CA ALA A 22 -101.83 44.69 30.46
C ALA A 22 -100.58 43.96 30.10
N ILE A 23 -99.94 44.25 28.98
CA ILE A 23 -98.69 43.68 28.54
C ILE A 23 -97.54 44.18 29.39
N GLY A 24 -97.64 45.42 29.85
CA GLY A 24 -96.68 46.01 30.75
C GLY A 24 -95.53 46.47 29.87
N GLN A 25 -95.89 47.09 28.75
CA GLN A 25 -94.93 47.68 27.86
C GLN A 25 -95.19 49.16 27.74
N ASN A 26 -94.13 49.93 27.55
CA ASN A 26 -94.21 51.38 27.41
C ASN A 26 -94.52 51.60 25.94
N ALA A 27 -95.78 51.62 25.56
CA ALA A 27 -96.25 51.85 24.20
C ALA A 27 -97.32 52.94 24.22
N ASP A 28 -96.99 54.04 23.56
CA ASP A 28 -97.86 55.20 23.56
C ASP A 28 -98.03 55.67 22.13
N LEU A 29 -99.08 56.46 21.89
CA LEU A 29 -99.35 57.03 20.57
C LEU A 29 -98.47 58.27 20.37
N ASP A 30 -98.02 58.86 21.48
CA ASP A 30 -97.19 60.05 21.43
C ASP A 30 -97.94 61.19 20.72
N LEU A 31 -99.08 61.57 21.28
CA LEU A 31 -99.90 62.65 20.73
C LEU A 31 -99.04 63.91 20.72
N PRO A 32 -99.03 64.62 19.58
CA PRO A 32 -98.23 65.85 19.44
C PRO A 32 -98.64 66.92 20.47
N GLN A 33 -97.66 67.71 20.88
CA GLN A 33 -97.89 68.67 21.92
C GLN A 33 -98.42 69.99 21.38
N ILE A 34 -99.17 70.75 22.11
CA ILE A 34 -99.74 72.03 21.81
C ILE A 34 -99.22 73.10 22.77
N ALA A 35 -98.67 74.19 22.28
CA ALA A 35 -98.12 75.25 23.10
C ALA A 35 -98.76 76.59 22.81
N VAL A 36 -99.08 77.32 23.88
CA VAL A 36 -99.80 78.57 23.79
C VAL A 36 -98.79 79.72 23.93
N VAL A 37 -98.79 80.64 22.98
CA VAL A 37 -97.87 81.78 23.00
C VAL A 37 -98.57 83.11 22.71
N GLY A 38 -98.02 84.19 23.25
CA GLY A 38 -98.62 85.49 23.04
C GLY A 38 -98.16 86.56 24.02
N GLY A 39 -98.41 87.81 23.68
CA GLY A 39 -97.97 88.90 24.52
C GLY A 39 -98.64 88.79 25.87
N GLN A 40 -98.16 89.52 26.86
CA GLN A 40 -98.75 89.59 28.17
C GLN A 40 -100.20 90.06 28.02
N SER A 41 -101.10 89.42 28.77
CA SER A 41 -102.52 89.73 28.79
C SER A 41 -103.27 89.29 27.54
N ALA A 42 -102.68 88.32 26.82
CA ALA A 42 -103.37 87.79 25.64
C ALA A 42 -104.52 86.89 26.09
N GLY A 43 -104.34 86.17 27.20
CA GLY A 43 -105.31 85.19 27.64
C GLY A 43 -104.81 83.76 27.45
N LYS A 44 -103.52 83.63 27.21
CA LYS A 44 -102.85 82.39 26.97
C LYS A 44 -103.18 81.14 27.82
N SER A 45 -103.09 81.28 29.13
CA SER A 45 -103.48 80.17 30.02
C SER A 45 -104.98 79.83 29.90
N SER A 46 -105.83 80.84 29.73
CA SER A 46 -107.28 80.66 29.73
C SER A 46 -107.65 79.74 28.60
N VAL A 47 -107.07 79.97 27.43
CA VAL A 47 -107.44 79.20 26.25
C VAL A 47 -107.16 77.72 26.49
N LEU A 48 -105.93 77.40 26.87
CA LEU A 48 -105.54 76.03 27.11
C LEU A 48 -106.36 75.32 28.16
N GLU A 49 -106.54 75.94 29.33
CA GLU A 49 -107.17 75.25 30.44
C GLU A 49 -108.65 75.06 30.25
N ASN A 50 -109.29 75.90 29.46
CA ASN A 50 -110.68 75.77 29.17
C ASN A 50 -110.93 74.49 28.39
N PHE A 51 -110.05 74.13 27.47
CA PHE A 51 -110.11 72.87 26.76
C PHE A 51 -110.07 71.66 27.68
N VAL A 52 -109.24 71.74 28.73
CA VAL A 52 -109.08 70.70 29.71
C VAL A 52 -110.31 70.59 30.61
N GLY A 53 -111.02 71.67 30.79
CA GLY A 53 -112.22 71.78 31.57
C GLY A 53 -112.00 72.05 33.03
N ARG A 54 -111.00 72.86 33.39
CA ARG A 54 -110.74 73.24 34.77
C ARG A 54 -109.90 74.47 34.98
N ASP A 55 -110.12 75.20 36.06
CA ASP A 55 -109.26 76.31 36.44
C ASP A 55 -108.12 75.73 37.28
N PHE A 56 -106.93 75.64 36.73
CA PHE A 56 -105.78 75.15 37.50
C PHE A 56 -104.45 75.78 37.09
N LEU A 57 -104.46 76.59 36.04
CA LEU A 57 -103.26 77.24 35.54
C LEU A 57 -103.17 78.69 36.03
N PRO A 58 -101.97 79.13 36.45
CA PRO A 58 -101.78 80.51 36.90
C PRO A 58 -101.99 81.45 35.72
N ARG A 59 -102.71 82.56 35.96
CA ARG A 59 -103.11 83.45 34.89
C ARG A 59 -102.88 84.86 35.33
N GLY A 60 -102.91 85.91 34.52
CA GLY A 60 -101.90 86.88 34.34
C GLY A 60 -102.08 88.25 34.88
N SER A 61 -101.53 89.29 34.49
CA SER A 61 -101.03 90.49 34.72
C SER A 61 -99.67 90.41 35.36
N GLY A 62 -98.68 91.24 34.88
CA GLY A 62 -97.32 91.16 35.31
C GLY A 62 -96.70 89.85 34.86
N ILE A 63 -95.48 89.54 35.32
CA ILE A 63 -94.95 88.21 35.00
C ILE A 63 -95.41 87.22 36.02
N VAL A 64 -96.14 86.20 35.61
CA VAL A 64 -96.63 85.17 36.53
C VAL A 64 -95.95 83.81 36.31
N THR A 65 -96.19 83.22 35.14
CA THR A 65 -95.59 81.95 34.77
C THR A 65 -94.12 82.21 34.47
N ARG A 66 -93.26 81.72 35.34
CA ARG A 66 -91.81 81.91 35.19
C ARG A 66 -91.01 80.67 34.82
N ARG A 67 -91.72 79.58 34.60
CA ARG A 67 -91.14 78.31 34.17
C ARG A 67 -92.18 77.63 33.28
N PRO A 68 -91.75 76.89 32.25
CA PRO A 68 -92.78 76.21 31.48
C PRO A 68 -93.35 75.08 32.34
N LEU A 69 -94.60 74.73 32.14
CA LEU A 69 -95.22 73.64 32.86
C LEU A 69 -95.68 72.65 31.81
N VAL A 70 -95.07 71.47 31.83
CA VAL A 70 -95.39 70.40 30.92
C VAL A 70 -96.41 69.48 31.60
N LEU A 71 -97.65 69.60 31.24
CA LEU A 71 -98.80 68.88 31.63
C LEU A 71 -99.20 67.82 30.67
N GLN A 72 -99.37 66.60 31.13
CA GLN A 72 -99.84 65.42 30.45
C GLN A 72 -101.20 65.22 31.06
N LEU A 73 -102.25 65.09 30.34
CA LEU A 73 -103.59 64.96 30.63
C LEU A 73 -103.82 63.47 30.71
N VAL A 74 -104.52 62.90 31.66
CA VAL A 74 -104.68 61.48 31.85
C VAL A 74 -106.15 61.15 32.00
N ASN A 75 -106.64 60.21 31.20
CA ASN A 75 -108.03 59.81 31.34
C ASN A 75 -108.19 59.04 32.67
N ALA A 76 -109.12 59.49 33.49
CA ALA A 76 -109.35 58.87 34.78
C ALA A 76 -110.72 59.29 35.28
N THR A 77 -111.28 58.51 36.21
CA THR A 77 -112.66 58.78 36.65
C THR A 77 -112.74 60.04 37.50
N THR A 78 -111.83 60.17 38.47
CA THR A 78 -111.88 61.29 39.41
C THR A 78 -111.15 62.51 38.89
N GLU A 79 -111.65 63.71 39.24
CA GLU A 79 -111.03 64.95 38.83
C GLU A 79 -110.20 65.57 39.95
N TYR A 80 -108.88 65.52 39.79
CA TYR A 80 -107.89 66.08 40.71
C TYR A 80 -106.51 66.08 40.04
N ALA A 81 -105.47 66.55 40.67
CA ALA A 81 -104.14 66.65 40.19
C ALA A 81 -103.12 66.35 41.25
N GLU A 82 -101.93 65.93 40.87
CA GLU A 82 -100.82 65.71 41.80
C GLU A 82 -99.52 65.88 41.04
N PHE A 83 -98.50 66.44 41.71
CA PHE A 83 -97.19 66.72 41.11
C PHE A 83 -96.19 65.60 41.31
N LEU A 84 -95.30 65.41 40.35
CA LEU A 84 -94.32 64.35 40.37
C LEU A 84 -93.41 64.56 41.57
N HIS A 85 -92.99 65.79 41.85
CA HIS A 85 -92.17 66.13 42.98
C HIS A 85 -92.83 66.07 44.35
N CYS A 86 -94.12 65.84 44.47
CA CYS A 86 -94.81 65.70 45.72
C CYS A 86 -95.48 64.32 45.76
N LYS A 87 -94.67 63.28 45.98
CA LYS A 87 -95.17 61.91 46.03
C LYS A 87 -96.16 61.73 47.17
N GLY A 88 -97.33 61.20 46.84
CA GLY A 88 -98.33 60.94 47.87
C GLY A 88 -99.38 61.98 48.13
N LYS A 89 -99.08 63.24 47.82
CA LYS A 89 -100.05 64.30 48.05
C LYS A 89 -101.13 64.33 46.95
N LYS A 90 -102.39 64.32 47.38
CA LYS A 90 -103.53 64.36 46.47
C LYS A 90 -104.28 65.68 46.74
N PHE A 91 -104.11 66.66 45.91
CA PHE A 91 -104.78 67.92 45.86
C PHE A 91 -106.21 67.75 45.38
N THR A 92 -107.18 68.31 46.08
CA THR A 92 -108.58 68.27 45.61
C THR A 92 -109.06 69.71 45.31
N ASP A 93 -108.23 70.65 45.68
CA ASP A 93 -108.49 72.07 45.53
C ASP A 93 -107.58 72.51 44.37
N PHE A 94 -108.18 72.84 43.23
CA PHE A 94 -107.39 73.33 42.09
C PHE A 94 -106.77 74.70 42.26
N GLU A 95 -107.22 75.52 43.19
CA GLU A 95 -106.61 76.78 43.45
C GLU A 95 -105.28 76.51 44.12
N GLU A 96 -105.24 75.52 45.01
CA GLU A 96 -104.07 75.03 45.63
C GLU A 96 -103.10 74.46 44.62
N VAL A 97 -103.58 73.80 43.59
CA VAL A 97 -102.75 73.34 42.49
C VAL A 97 -102.02 74.50 41.84
N ARG A 98 -102.76 75.55 41.56
CA ARG A 98 -102.26 76.72 40.87
C ARG A 98 -101.11 77.26 41.68
N LEU A 99 -101.37 77.49 42.97
CA LEU A 99 -100.42 78.02 43.91
C LEU A 99 -99.17 77.19 44.00
N GLU A 100 -99.27 75.89 43.99
CA GLU A 100 -98.20 74.98 44.09
C GLU A 100 -97.23 75.13 42.93
N ILE A 101 -97.69 75.40 41.74
CA ILE A 101 -96.86 75.64 40.59
C ILE A 101 -95.96 76.82 40.87
N GLU A 102 -96.50 77.89 41.41
CA GLU A 102 -95.72 79.07 41.72
C GLU A 102 -94.60 78.76 42.72
N ALA A 103 -94.91 78.13 43.81
CA ALA A 103 -94.01 77.71 44.86
C ALA A 103 -92.86 76.87 44.35
N GLU A 104 -93.10 75.97 43.45
CA GLU A 104 -92.17 75.03 42.88
C GLU A 104 -91.15 75.76 42.05
N THR A 105 -91.55 76.84 41.39
CA THR A 105 -90.66 77.69 40.63
C THR A 105 -89.63 78.36 41.53
N ASP A 106 -90.03 78.82 42.69
CA ASP A 106 -89.19 79.45 43.70
C ASP A 106 -88.04 78.55 44.09
N ARG A 107 -88.24 77.26 44.26
CA ARG A 107 -87.28 76.29 44.60
C ARG A 107 -86.00 76.38 43.76
N VAL A 108 -86.14 76.49 42.45
CA VAL A 108 -85.01 76.49 41.55
C VAL A 108 -84.48 77.86 41.18
N THR A 109 -85.34 78.83 40.94
CA THR A 109 -85.02 80.19 40.51
C THR A 109 -84.80 81.26 41.59
N GLY A 110 -85.02 80.89 42.82
CA GLY A 110 -84.93 81.81 43.94
C GLY A 110 -86.23 82.59 44.03
N THR A 111 -86.40 83.43 45.06
CA THR A 111 -87.69 84.08 45.30
C THR A 111 -87.70 85.59 45.01
N ASN A 112 -86.84 85.98 44.07
CA ASN A 112 -86.86 87.36 43.60
C ASN A 112 -87.21 87.45 42.10
N LYS A 113 -88.32 86.80 41.73
CA LYS A 113 -88.89 86.79 40.36
C LYS A 113 -88.14 86.03 39.26
N GLY A 114 -87.18 85.20 39.64
CA GLY A 114 -86.37 84.50 38.67
C GLY A 114 -87.09 83.51 37.78
N ILE A 115 -86.49 83.22 36.63
CA ILE A 115 -87.07 82.29 35.68
C ILE A 115 -86.07 81.18 35.34
N SER A 116 -86.56 80.04 34.90
CA SER A 116 -85.81 78.87 34.53
C SER A 116 -86.52 78.19 33.38
N PRO A 117 -85.75 77.64 32.41
CA PRO A 117 -86.28 76.91 31.25
C PRO A 117 -86.62 75.44 31.59
N VAL A 118 -86.31 74.99 32.78
CA VAL A 118 -86.60 73.67 33.28
C VAL A 118 -88.09 73.56 33.66
N PRO A 119 -88.85 72.68 32.97
CA PRO A 119 -90.26 72.47 33.25
C PRO A 119 -90.62 71.81 34.60
N ILE A 120 -91.76 72.17 35.13
CA ILE A 120 -92.31 71.63 36.34
C ILE A 120 -93.29 70.61 35.75
N ASN A 121 -93.31 69.40 36.29
CA ASN A 121 -94.16 68.35 35.75
C ASN A 121 -95.42 68.06 36.53
N LEU A 122 -96.55 68.27 35.91
CA LEU A 122 -97.84 68.06 36.55
C LEU A 122 -98.79 67.23 35.71
N ARG A 123 -99.49 66.29 36.33
CA ARG A 123 -100.45 65.44 35.67
C ARG A 123 -101.84 65.79 36.19
N VAL A 124 -102.74 66.22 35.32
CA VAL A 124 -104.11 66.48 35.69
C VAL A 124 -105.00 65.42 35.02
N TYR A 125 -105.60 64.57 35.77
CA TYR A 125 -106.53 63.55 35.50
C TYR A 125 -107.93 64.05 35.38
N SER A 126 -108.68 63.66 34.36
CA SER A 126 -110.08 63.99 34.15
C SER A 126 -110.60 63.03 33.12
N PRO A 127 -111.92 62.80 33.06
CA PRO A 127 -112.40 61.81 32.10
C PRO A 127 -112.72 62.42 30.72
N HIS A 128 -112.48 63.69 30.55
CA HIS A 128 -112.79 64.48 29.39
C HIS A 128 -111.58 64.90 28.54
N VAL A 129 -110.57 64.08 28.52
CA VAL A 129 -109.35 64.25 27.84
C VAL A 129 -108.74 63.13 27.16
N LEU A 130 -108.03 63.06 26.12
CA LEU A 130 -107.10 62.29 25.48
C LEU A 130 -105.82 62.35 26.23
N ASN A 131 -104.89 61.44 26.17
CA ASN A 131 -103.64 61.42 26.85
C ASN A 131 -102.72 62.18 25.89
N LEU A 132 -102.64 63.43 25.82
CA LEU A 132 -102.01 64.52 25.19
C LEU A 132 -100.96 65.22 26.02
N THR A 133 -100.21 66.14 25.44
CA THR A 133 -99.26 66.98 26.17
C THR A 133 -99.50 68.44 25.82
N LEU A 134 -99.89 69.29 26.72
CA LEU A 134 -100.13 70.70 26.59
C LEU A 134 -99.09 71.47 27.38
N VAL A 135 -98.71 72.66 26.96
CA VAL A 135 -97.67 73.45 27.53
C VAL A 135 -98.07 74.90 27.72
N ASP A 136 -97.98 75.39 28.95
CA ASP A 136 -98.31 76.78 29.28
C ASP A 136 -96.97 77.51 29.27
N LEU A 137 -96.89 78.63 28.58
CA LEU A 137 -95.63 79.36 28.48
C LEU A 137 -95.66 80.79 28.97
N PRO A 138 -94.49 81.30 29.41
CA PRO A 138 -94.43 82.64 29.98
C PRO A 138 -94.80 83.66 28.91
N GLY A 139 -95.44 84.75 29.33
CA GLY A 139 -95.85 85.74 28.36
C GLY A 139 -94.66 86.61 27.97
N MET A 140 -94.76 87.32 26.86
CA MET A 140 -93.82 88.37 26.48
C MET A 140 -94.06 89.60 27.35
N THR A 141 -93.00 90.31 27.76
CA THR A 141 -93.16 91.45 28.65
C THR A 141 -92.45 92.71 28.21
N LYS A 142 -92.67 93.81 28.91
CA LYS A 142 -92.06 95.10 28.57
C LYS A 142 -91.10 95.68 29.58
N VAL A 143 -91.32 95.36 30.86
CA VAL A 143 -90.44 95.84 31.92
C VAL A 143 -90.05 94.71 32.87
N PRO A 144 -88.76 94.65 33.27
CA PRO A 144 -88.24 93.67 34.22
C PRO A 144 -88.68 93.89 35.65
N VAL A 145 -88.73 92.80 36.43
CA VAL A 145 -89.12 92.86 37.83
C VAL A 145 -88.20 91.93 38.61
N GLY A 146 -88.00 92.22 39.90
CA GLY A 146 -87.10 91.39 40.67
C GLY A 146 -85.68 91.47 40.12
N ASP A 147 -85.01 90.34 39.94
CA ASP A 147 -83.69 90.34 39.36
C ASP A 147 -83.62 89.98 37.87
N GLN A 148 -84.77 90.05 37.19
CA GLN A 148 -84.80 89.78 35.76
C GLN A 148 -83.97 90.82 35.01
N PRO A 149 -83.29 90.39 33.94
CA PRO A 149 -82.43 91.28 33.15
C PRO A 149 -83.28 92.30 32.38
N PRO A 150 -82.63 93.29 31.75
CA PRO A 150 -83.33 94.28 30.92
C PRO A 150 -83.96 93.63 29.69
N ASP A 151 -83.37 92.59 29.15
CA ASP A 151 -83.86 91.84 28.03
C ASP A 151 -84.74 90.59 28.35
N ILE A 152 -85.47 90.70 29.46
CA ILE A 152 -86.40 89.65 29.90
C ILE A 152 -87.34 89.17 28.78
N GLU A 153 -87.93 90.11 28.05
CA GLU A 153 -88.83 89.79 26.94
C GLU A 153 -88.24 88.78 25.97
N PHE A 154 -87.01 89.01 25.54
CA PHE A 154 -86.33 88.18 24.59
C PHE A 154 -85.91 86.83 25.15
N GLN A 155 -85.72 86.74 26.45
CA GLN A 155 -85.32 85.50 27.05
C GLN A 155 -86.52 84.58 27.06
N ILE A 156 -87.68 85.12 27.41
CA ILE A 156 -88.93 84.40 27.47
C ILE A 156 -89.32 83.93 26.07
N ARG A 157 -89.10 84.77 25.08
CA ARG A 157 -89.26 84.43 23.69
C ARG A 157 -88.49 83.15 23.34
N ASP A 158 -87.25 83.02 23.73
CA ASP A 158 -86.36 81.90 23.47
C ASP A 158 -86.97 80.64 24.02
N MET A 159 -87.37 80.74 25.29
CA MET A 159 -87.93 79.64 26.05
C MET A 159 -89.09 78.96 25.29
N LEU A 160 -90.02 79.74 24.79
CA LEU A 160 -91.13 79.18 24.05
C LEU A 160 -90.77 78.69 22.64
N MET A 161 -89.69 79.21 22.09
CA MET A 161 -89.19 78.83 20.79
C MET A 161 -88.70 77.40 20.78
N GLN A 162 -88.19 76.86 21.88
CA GLN A 162 -87.76 75.50 22.00
C GLN A 162 -88.87 74.48 22.01
N PHE A 163 -90.09 74.85 22.22
CA PHE A 163 -91.26 74.03 22.20
C PHE A 163 -92.03 74.14 20.89
N VAL A 164 -92.12 75.36 20.36
CA VAL A 164 -92.79 75.65 19.13
C VAL A 164 -92.07 75.27 17.84
N THR A 165 -90.77 74.93 17.93
CA THR A 165 -90.05 74.50 16.75
C THR A 165 -90.18 72.99 16.60
N LYS A 166 -90.55 72.32 17.70
CA LYS A 166 -90.77 70.88 17.74
C LYS A 166 -91.81 70.46 16.73
N GLU A 167 -91.43 69.55 15.84
CA GLU A 167 -92.29 69.10 14.76
C GLU A 167 -93.61 68.65 15.33
N ASN A 168 -94.69 69.05 14.66
CA ASN A 168 -96.03 68.75 15.13
C ASN A 168 -96.33 69.42 16.49
N CYS A 169 -96.22 70.74 16.51
CA CYS A 169 -96.58 71.47 17.70
C CYS A 169 -97.68 72.39 17.26
N LEU A 170 -98.92 72.14 17.58
CA LEU A 170 -100.03 73.00 17.39
C LEU A 170 -99.81 74.27 18.21
N ILE A 171 -99.63 75.39 17.60
CA ILE A 171 -99.49 76.67 18.16
C ILE A 171 -100.81 77.42 18.28
N LEU A 172 -101.23 77.63 19.52
CA LEU A 172 -102.42 78.40 19.83
C LEU A 172 -101.93 79.85 19.89
N ALA A 173 -102.07 80.54 18.77
CA ALA A 173 -101.67 81.94 18.66
C ALA A 173 -102.81 82.79 19.21
N VAL A 174 -102.67 83.21 20.47
CA VAL A 174 -103.68 83.96 21.20
C VAL A 174 -103.47 85.48 21.12
N SER A 175 -104.51 86.20 20.71
CA SER A 175 -104.38 87.64 20.44
C SER A 175 -105.48 88.41 21.14
N PRO A 176 -105.11 89.44 21.92
CA PRO A 176 -106.16 90.23 22.59
C PRO A 176 -106.88 91.18 21.64
N ALA A 177 -108.18 91.24 21.75
CA ALA A 177 -109.06 92.06 20.92
C ALA A 177 -108.89 93.56 21.10
N ASN A 178 -108.34 94.03 22.20
CA ASN A 178 -108.03 95.42 22.45
C ASN A 178 -106.74 95.89 21.87
N SER A 179 -106.10 95.22 20.95
CA SER A 179 -105.01 95.52 20.13
C SER A 179 -105.34 95.02 18.72
N ASP A 180 -104.78 95.65 17.69
CA ASP A 180 -105.03 95.28 16.31
C ASP A 180 -104.39 93.93 16.05
N LEU A 181 -105.00 93.16 15.15
CA LEU A 181 -104.56 91.82 14.77
C LEU A 181 -103.21 91.82 14.08
N ALA A 182 -102.84 92.88 13.36
CA ALA A 182 -101.55 92.99 12.72
C ALA A 182 -100.41 93.18 13.70
N ASN A 183 -100.62 93.79 14.85
CA ASN A 183 -99.66 94.09 15.89
C ASN A 183 -99.58 92.97 16.93
N SER A 184 -100.24 91.86 16.67
CA SER A 184 -100.15 90.70 17.55
C SER A 184 -98.79 90.02 17.67
N ASP A 185 -98.26 90.00 18.89
CA ASP A 185 -97.00 89.36 19.17
C ASP A 185 -97.14 87.86 18.88
N ALA A 186 -98.25 87.27 19.30
CA ALA A 186 -98.51 85.87 19.03
C ALA A 186 -98.47 85.56 17.55
N LEU A 187 -99.20 86.33 16.76
CA LEU A 187 -99.29 86.10 15.33
C LEU A 187 -97.96 86.26 14.59
N LYS A 188 -97.11 87.16 15.06
CA LYS A 188 -95.80 87.40 14.44
C LYS A 188 -94.98 86.11 14.46
N VAL A 189 -94.81 85.54 15.64
CA VAL A 189 -94.01 84.35 15.83
C VAL A 189 -94.56 83.20 15.02
N ALA A 190 -95.87 83.00 15.06
CA ALA A 190 -96.52 81.90 14.35
C ALA A 190 -96.24 81.99 12.86
N LYS A 191 -96.36 83.15 12.26
CA LYS A 191 -96.12 83.42 10.87
C LYS A 191 -94.65 83.27 10.49
N GLU A 192 -93.73 83.46 11.41
CA GLU A 192 -92.31 83.30 11.15
C GLU A 192 -91.95 81.84 10.93
N VAL A 193 -92.45 80.97 11.81
CA VAL A 193 -92.01 79.57 11.80
C VAL A 193 -92.82 78.63 10.92
N ASP A 194 -94.09 78.86 10.77
CA ASP A 194 -95.04 78.03 10.06
C ASP A 194 -96.03 79.02 9.44
N PRO A 195 -95.59 79.81 8.46
CA PRO A 195 -96.41 80.81 7.75
C PRO A 195 -97.67 80.30 7.09
N GLN A 196 -97.65 79.09 6.57
CA GLN A 196 -98.81 78.59 5.88
C GLN A 196 -99.85 77.94 6.78
N GLY A 197 -99.45 77.67 8.02
CA GLY A 197 -100.41 77.16 8.99
C GLY A 197 -100.70 75.67 8.89
N GLN A 198 -99.65 74.88 8.63
CA GLN A 198 -99.77 73.40 8.63
C GLN A 198 -100.03 72.82 10.02
N ARG A 199 -99.58 73.47 11.06
CA ARG A 199 -99.79 73.24 12.44
C ARG A 199 -100.17 74.46 13.28
N THR A 200 -100.64 75.54 12.65
CA THR A 200 -101.09 76.71 13.38
C THR A 200 -102.61 76.78 13.36
N ILE A 201 -103.19 76.94 14.54
CA ILE A 201 -104.64 77.07 14.68
C ILE A 201 -104.84 78.47 15.27
N GLY A 202 -105.41 79.35 14.47
CA GLY A 202 -105.62 80.71 14.94
C GLY A 202 -106.79 80.82 15.90
N VAL A 203 -106.52 81.35 17.09
CA VAL A 203 -107.57 81.56 18.06
C VAL A 203 -107.70 83.04 18.40
N ILE A 204 -108.84 83.62 18.08
CA ILE A 204 -109.10 85.02 18.36
C ILE A 204 -110.13 85.08 19.48
N THR A 205 -109.75 85.68 20.59
CA THR A 205 -110.53 85.83 21.80
C THR A 205 -111.19 87.20 21.90
N LYS A 206 -111.89 87.43 23.01
CA LYS A 206 -112.48 88.72 23.37
C LYS A 206 -113.29 89.39 22.25
N LEU A 207 -114.27 88.60 21.76
CA LEU A 207 -115.04 89.03 20.60
C LEU A 207 -115.98 90.14 20.97
N ASP A 208 -116.51 90.15 22.18
CA ASP A 208 -117.40 91.13 22.74
C ASP A 208 -116.73 92.43 23.12
N LEU A 209 -115.46 92.59 23.24
CA LEU A 209 -114.74 93.77 23.62
C LEU A 209 -113.93 94.38 22.49
N MET A 210 -113.97 93.79 21.31
CA MET A 210 -113.15 94.22 20.21
C MET A 210 -113.40 95.69 19.88
N ASP A 211 -112.31 96.39 19.58
CA ASP A 211 -112.34 97.78 19.14
C ASP A 211 -113.20 97.88 17.86
N GLU A 212 -114.00 98.93 17.74
CA GLU A 212 -114.80 99.08 16.52
C GLU A 212 -113.91 99.12 15.30
N GLY A 213 -114.32 98.49 14.22
CA GLY A 213 -113.53 98.57 13.00
C GLY A 213 -112.75 97.30 12.81
N THR A 214 -113.02 96.25 13.56
CA THR A 214 -112.47 94.94 13.27
C THR A 214 -113.58 93.88 13.29
N ASP A 215 -113.34 92.75 12.61
CA ASP A 215 -114.34 91.67 12.57
C ASP A 215 -113.65 90.35 12.19
N ALA A 216 -114.30 89.25 12.52
CA ALA A 216 -113.80 87.93 12.21
C ALA A 216 -114.52 87.23 11.06
N ARG A 217 -115.39 87.92 10.31
CA ARG A 217 -116.23 87.21 9.34
C ARG A 217 -115.37 86.50 8.29
N ASP A 218 -114.49 87.24 7.61
CA ASP A 218 -113.62 86.62 6.60
C ASP A 218 -112.75 85.55 7.21
N VAL A 219 -112.20 85.79 8.39
CA VAL A 219 -111.20 84.96 9.03
C VAL A 219 -111.72 83.52 9.25
N LEU A 220 -112.90 83.38 9.82
CA LEU A 220 -113.51 82.10 10.15
C LEU A 220 -113.99 81.32 8.93
N GLU A 221 -114.17 81.89 7.75
CA GLU A 221 -114.58 81.21 6.54
C GLU A 221 -113.34 80.85 5.76
N ASN A 222 -112.17 81.17 6.23
CA ASN A 222 -110.91 80.76 5.70
C ASN A 222 -110.67 81.56 4.43
N LYS A 223 -110.68 82.87 4.49
CA LYS A 223 -110.81 83.79 3.36
C LYS A 223 -109.74 84.86 3.46
N LEU A 224 -109.58 85.52 4.63
CA LEU A 224 -108.71 86.72 4.67
C LEU A 224 -107.27 86.29 4.55
N LEU A 225 -106.83 85.44 5.46
CA LEU A 225 -105.46 84.94 5.49
C LEU A 225 -105.62 83.48 5.87
N PRO A 226 -105.82 82.63 4.85
CA PRO A 226 -106.05 81.20 5.00
C PRO A 226 -105.05 80.35 5.73
N LEU A 227 -105.53 79.52 6.63
CA LEU A 227 -104.77 78.56 7.41
C LEU A 227 -105.34 77.20 7.03
N ARG A 228 -104.54 76.15 7.11
CA ARG A 228 -104.96 74.82 6.67
C ARG A 228 -106.13 74.34 7.51
N ARG A 229 -106.03 74.42 8.84
CA ARG A 229 -107.13 73.99 9.67
C ARG A 229 -108.12 75.07 10.06
N GLY A 230 -107.91 76.23 9.49
CA GLY A 230 -108.75 77.37 9.67
C GLY A 230 -108.59 78.10 10.99
N TYR A 231 -109.64 78.86 11.32
CA TYR A 231 -109.70 79.66 12.52
C TYR A 231 -110.95 79.37 13.32
N ILE A 232 -110.83 79.36 14.65
CA ILE A 232 -112.01 79.11 15.49
C ILE A 232 -112.07 80.35 16.38
N GLY A 233 -113.28 80.91 16.45
CA GLY A 233 -113.48 82.10 17.23
C GLY A 233 -113.90 81.79 18.64
N VAL A 234 -113.53 82.57 19.60
CA VAL A 234 -113.80 82.37 20.99
C VAL A 234 -114.05 83.70 21.66
N VAL A 235 -114.82 83.64 22.72
CA VAL A 235 -114.99 84.77 23.61
C VAL A 235 -114.54 84.32 24.99
N ASN A 236 -113.29 84.65 25.26
CA ASN A 236 -112.67 84.25 26.51
C ASN A 236 -112.68 85.36 27.55
N ARG A 237 -112.14 85.06 28.73
CA ARG A 237 -111.98 86.08 29.79
C ARG A 237 -111.02 87.20 29.44
N SER A 238 -111.40 88.40 29.86
CA SER A 238 -110.59 89.59 29.63
C SER A 238 -109.57 89.73 30.75
N GLN A 239 -108.71 90.75 30.75
CA GLN A 239 -107.81 90.93 31.90
C GLN A 239 -108.58 91.25 33.18
N LYS A 240 -109.64 92.02 33.06
CA LYS A 240 -110.49 92.35 34.18
C LYS A 240 -111.06 91.05 34.69
N ASP A 241 -111.58 90.18 33.83
CA ASP A 241 -112.16 88.89 34.17
C ASP A 241 -111.20 88.00 34.97
N ILE A 242 -109.98 87.80 34.51
CA ILE A 242 -108.98 86.93 35.10
C ILE A 242 -108.65 87.42 36.51
N ASP A 243 -108.55 88.73 36.70
CA ASP A 243 -108.30 89.31 38.01
C ASP A 243 -109.42 88.94 38.96
N GLY A 244 -110.66 89.02 38.51
CA GLY A 244 -111.82 88.68 39.30
C GLY A 244 -112.14 87.20 39.47
N LYS A 245 -111.38 86.34 38.83
CA LYS A 245 -111.55 84.90 38.87
C LYS A 245 -112.93 84.47 38.34
N LYS A 246 -113.33 85.03 37.20
CA LYS A 246 -114.51 84.59 36.48
C LYS A 246 -114.33 83.11 36.16
N ASP A 247 -115.30 82.29 36.53
CA ASP A 247 -115.14 80.85 36.32
C ASP A 247 -115.49 80.36 34.92
N ILE A 248 -115.12 79.12 34.64
CA ILE A 248 -115.33 78.53 33.35
C ILE A 248 -116.72 78.51 32.78
N THR A 249 -117.71 78.15 33.59
CA THR A 249 -119.06 78.00 33.01
C THR A 249 -119.51 79.32 32.46
N ALA A 250 -119.32 80.41 33.20
CA ALA A 250 -119.76 81.71 32.80
C ALA A 250 -119.15 82.18 31.47
N ALA A 251 -117.85 81.97 31.32
CA ALA A 251 -117.16 82.44 30.11
C ALA A 251 -117.69 81.67 28.89
N LEU A 252 -117.82 80.35 29.02
CA LEU A 252 -118.23 79.45 27.97
C LEU A 252 -119.65 79.77 27.49
N ALA A 253 -120.53 80.17 28.38
CA ALA A 253 -121.95 80.35 28.09
C ALA A 253 -122.12 81.61 27.26
N ALA A 254 -121.48 82.70 27.66
CA ALA A 254 -121.62 83.99 26.93
C ALA A 254 -120.91 83.85 25.56
N GLU A 255 -119.85 83.06 25.46
CA GLU A 255 -119.08 82.88 24.24
C GLU A 255 -119.94 82.23 23.14
N ARG A 256 -120.59 81.14 23.48
CA ARG A 256 -121.38 80.38 22.49
C ARG A 256 -122.51 81.25 21.99
N LYS A 257 -123.21 81.91 22.90
CA LYS A 257 -124.38 82.72 22.66
C LYS A 257 -124.03 83.84 21.68
N PHE A 258 -122.89 84.47 21.85
CA PHE A 258 -122.37 85.52 21.02
C PHE A 258 -122.47 85.24 19.52
N PHE A 259 -122.03 84.07 19.11
CA PHE A 259 -122.02 83.73 17.70
C PHE A 259 -123.40 83.54 17.08
N LEU A 260 -124.42 83.23 17.88
CA LEU A 260 -125.74 83.02 17.34
C LEU A 260 -126.43 84.33 16.99
N SER A 261 -126.11 85.41 17.68
CA SER A 261 -126.81 86.67 17.46
C SER A 261 -126.17 87.66 16.48
N HIS A 262 -124.86 87.59 16.36
CA HIS A 262 -124.05 88.41 15.49
C HIS A 262 -124.44 88.18 14.04
N PRO A 263 -124.85 89.25 13.32
CA PRO A 263 -125.26 89.19 11.92
C PRO A 263 -124.21 88.60 11.00
N SER A 264 -122.95 88.90 11.23
CA SER A 264 -121.85 88.42 10.42
C SER A 264 -121.48 86.94 10.59
N TYR A 265 -121.99 86.26 11.61
CA TYR A 265 -121.67 84.86 11.85
C TYR A 265 -122.80 83.81 11.95
N ARG A 266 -124.06 84.22 11.96
CA ARG A 266 -125.13 83.26 12.30
C ARG A 266 -125.34 82.08 11.42
N HIS A 267 -125.02 82.18 10.14
CA HIS A 267 -125.21 81.05 9.24
C HIS A 267 -124.05 80.07 9.46
N LEU A 268 -122.92 80.46 9.98
CA LEU A 268 -121.75 79.66 10.31
C LEU A 268 -121.70 79.32 11.81
N ALA A 269 -122.79 79.60 12.53
CA ALA A 269 -122.92 79.23 13.93
C ALA A 269 -122.60 77.82 14.36
N ASP A 270 -122.85 76.83 13.53
CA ASP A 270 -122.64 75.43 13.84
C ASP A 270 -121.18 75.03 13.81
N ARG A 271 -120.25 75.82 13.35
CA ARG A 271 -118.83 75.62 13.33
C ARG A 271 -118.11 76.68 14.19
N MET A 272 -118.80 77.03 15.27
CA MET A 272 -118.31 77.99 16.22
C MET A 272 -118.51 77.41 17.61
N GLY A 273 -117.89 77.91 18.62
CA GLY A 273 -117.85 77.59 19.99
C GLY A 273 -116.74 76.68 20.48
N THR A 274 -116.72 76.33 21.74
CA THR A 274 -116.12 75.21 22.41
C THR A 274 -116.26 73.87 21.65
N PRO A 275 -117.48 73.54 21.18
CA PRO A 275 -117.64 72.24 20.50
C PRO A 275 -116.78 72.19 19.23
N TYR A 276 -116.77 73.28 18.45
CA TYR A 276 -116.02 73.21 17.19
C TYR A 276 -114.51 73.32 17.44
N LEU A 277 -114.09 74.13 18.38
CA LEU A 277 -112.70 74.44 18.65
C LEU A 277 -112.08 73.13 19.11
N GLN A 278 -112.70 72.42 20.00
CA GLN A 278 -112.37 71.11 20.48
C GLN A 278 -112.16 70.16 19.31
N LYS A 279 -113.11 70.15 18.39
CA LYS A 279 -113.06 69.32 17.20
C LYS A 279 -111.76 69.55 16.43
N VAL A 280 -111.35 70.77 16.22
CA VAL A 280 -110.20 71.14 15.43
C VAL A 280 -108.93 70.57 16.02
N LEU A 281 -108.63 70.81 17.27
CA LEU A 281 -107.39 70.38 17.92
C LEU A 281 -107.30 68.85 17.92
N ASN A 282 -108.38 68.16 18.21
CA ASN A 282 -108.48 66.72 18.20
C ASN A 282 -108.20 66.20 16.82
N GLN A 283 -108.66 66.81 15.79
CA GLN A 283 -108.57 66.49 14.42
C GLN A 283 -107.10 66.32 14.00
N GLN A 284 -106.22 67.17 14.45
CA GLN A 284 -104.80 67.10 14.14
C GLN A 284 -104.21 65.83 14.75
N LEU A 285 -104.64 65.49 15.95
CA LEU A 285 -104.15 64.37 16.73
C LEU A 285 -104.44 63.11 15.91
N THR A 286 -105.62 62.93 15.41
CA THR A 286 -106.17 61.81 14.71
C THR A 286 -105.25 61.40 13.56
N ASN A 287 -104.73 62.29 12.77
CA ASN A 287 -103.90 62.04 11.62
C ASN A 287 -102.62 61.34 12.07
N HIS A 288 -101.97 61.86 13.10
CA HIS A 288 -100.71 61.31 13.58
C HIS A 288 -100.93 59.91 14.12
N ILE A 289 -101.97 59.70 14.88
CA ILE A 289 -102.30 58.50 15.59
C ILE A 289 -102.25 57.28 14.68
N ARG A 290 -103.00 57.29 13.61
CA ARG A 290 -103.13 56.23 12.66
C ARG A 290 -101.82 55.86 12.01
N ASP A 291 -100.99 56.84 11.71
CA ASP A 291 -99.79 56.60 10.91
C ASP A 291 -98.79 55.80 11.72
N THR A 292 -98.69 56.06 13.00
CA THR A 292 -97.84 55.42 13.98
C THR A 292 -98.18 53.96 14.32
N LEU A 293 -99.38 53.52 13.97
CA LEU A 293 -99.85 52.21 14.35
C LEU A 293 -99.14 50.94 13.86
N PRO A 294 -98.56 50.94 12.65
CA PRO A 294 -97.78 49.75 12.28
C PRO A 294 -96.61 49.50 13.21
N GLY A 295 -95.92 50.55 13.63
CA GLY A 295 -94.65 50.36 14.28
C GLY A 295 -94.73 49.52 15.53
N LEU A 296 -95.77 49.72 16.34
CA LEU A 296 -95.89 49.04 17.60
C LEU A 296 -96.10 47.56 17.50
N ARG A 297 -96.89 47.16 16.54
CA ARG A 297 -97.36 45.82 16.27
C ARG A 297 -96.17 44.94 16.11
N ASN A 298 -95.20 45.33 15.32
CA ASN A 298 -94.02 44.57 15.03
C ASN A 298 -93.18 44.31 16.26
N LYS A 299 -93.01 45.31 17.10
CA LYS A 299 -92.12 45.21 18.27
C LYS A 299 -92.57 44.02 19.11
N LEU A 300 -93.84 43.93 19.42
CA LEU A 300 -94.46 42.93 20.26
C LEU A 300 -94.18 41.50 19.78
N GLN A 301 -94.18 41.25 18.49
CA GLN A 301 -93.98 39.90 17.95
C GLN A 301 -92.56 39.46 18.28
N SER A 302 -91.61 40.35 18.09
CA SER A 302 -90.19 40.02 18.18
C SER A 302 -89.81 39.56 19.59
N GLN A 303 -90.38 40.16 20.60
CA GLN A 303 -89.92 40.02 21.97
C GLN A 303 -90.06 38.57 22.43
N LEU A 304 -91.20 37.97 22.19
CA LEU A 304 -91.59 36.63 22.56
C LEU A 304 -90.51 35.61 22.22
N LEU A 305 -90.09 35.57 20.99
CA LEU A 305 -89.15 34.60 20.44
C LEU A 305 -87.93 34.39 21.32
N SER A 306 -87.25 35.47 21.71
CA SER A 306 -85.94 35.39 22.35
C SER A 306 -86.02 34.50 23.57
N ILE A 307 -86.81 34.92 24.55
CA ILE A 307 -86.78 34.32 25.89
C ILE A 307 -87.17 32.84 25.88
N GLU A 308 -88.12 32.44 25.07
CA GLU A 308 -88.65 31.12 24.93
C GLU A 308 -87.61 30.07 24.59
N LYS A 309 -86.68 30.41 23.68
CA LYS A 309 -85.70 29.45 23.14
C LYS A 309 -84.61 29.24 24.18
N GLU A 310 -84.37 30.17 25.06
CA GLU A 310 -83.42 30.19 26.13
C GLU A 310 -84.00 29.69 27.43
N VAL A 311 -85.19 29.11 27.39
CA VAL A 311 -85.94 28.68 28.56
C VAL A 311 -85.03 28.02 29.62
N ASP A 329 -86.81 31.47 29.97
CA ASP A 329 -86.71 32.25 31.20
C ASP A 329 -87.82 31.85 32.18
N GLU A 330 -88.84 31.15 31.67
CA GLU A 330 -90.03 30.77 32.41
C GLU A 330 -91.03 31.93 32.50
N MET A 331 -90.83 32.98 31.76
CA MET A 331 -91.67 34.15 31.65
C MET A 331 -92.59 33.83 30.47
N LEU A 332 -93.53 32.94 30.61
CA LEU A 332 -94.49 32.53 29.64
C LEU A 332 -95.68 33.46 29.65
N ARG A 333 -95.80 34.33 30.65
CA ARG A 333 -96.84 35.33 30.71
C ARG A 333 -96.81 36.25 29.51
N MET A 334 -95.65 36.65 29.02
CA MET A 334 -95.50 37.43 27.83
C MET A 334 -96.32 36.89 26.69
N TYR A 335 -96.20 35.61 26.39
CA TYR A 335 -96.83 34.95 25.27
C TYR A 335 -98.27 35.40 25.11
N HIS A 336 -99.06 35.23 26.15
CA HIS A 336 -100.46 35.56 26.14
C HIS A 336 -100.79 37.03 26.00
N ALA A 337 -100.05 37.89 26.64
CA ALA A 337 -100.25 39.32 26.63
C ALA A 337 -100.24 39.82 25.19
N LEU A 338 -99.23 39.44 24.43
CA LEU A 338 -98.94 39.93 23.10
C LEU A 338 -100.11 39.74 22.15
N LYS A 339 -100.78 38.59 22.24
CA LYS A 339 -101.86 38.23 21.34
C LYS A 339 -102.95 39.30 21.41
N GLU A 340 -103.33 39.69 22.59
CA GLU A 340 -104.33 40.67 22.93
C GLU A 340 -104.11 41.98 22.21
N ALA A 341 -102.90 42.52 22.24
CA ALA A 341 -102.61 43.82 21.67
C ALA A 341 -103.01 43.88 20.22
N LEU A 342 -102.72 42.87 19.41
CA LEU A 342 -102.90 42.88 17.98
C LEU A 342 -104.34 43.15 17.55
N SER A 343 -105.32 42.67 18.29
CA SER A 343 -106.72 42.85 17.96
C SER A 343 -107.12 44.30 18.04
N ILE A 344 -106.72 44.95 19.13
CA ILE A 344 -107.03 46.34 19.41
C ILE A 344 -106.54 47.25 18.30
N ILE A 345 -105.33 46.99 17.82
CA ILE A 345 -104.70 47.77 16.78
C ILE A 345 -105.54 47.79 15.54
N GLY A 346 -106.07 46.63 15.14
CA GLY A 346 -106.84 46.51 13.94
C GLY A 346 -108.03 47.44 13.96
N ASN A 347 -108.75 47.52 15.07
CA ASN A 347 -109.99 48.26 15.15
C ASN A 347 -109.78 49.74 14.91
N ILE A 348 -108.69 50.29 15.40
CA ILE A 348 -108.35 51.69 15.20
C ILE A 348 -108.08 51.96 13.74
N ASN A 349 -107.43 51.04 13.02
CA ASN A 349 -107.08 51.15 11.63
C ASN A 349 -108.32 51.17 10.76
N THR A 350 -109.41 50.56 11.13
CA THR A 350 -110.64 50.44 10.40
C THR A 350 -111.52 51.68 10.67
N THR A 351 -111.29 52.30 11.81
CA THR A 351 -111.94 53.50 12.31
C THR A 351 -113.28 53.17 12.95
N ASP B 367 -88.43 21.74 32.00
CA ASP B 367 -88.83 20.39 31.48
C ASP B 367 -87.64 19.43 31.62
N GLU B 368 -87.93 18.14 31.68
CA GLU B 368 -86.91 17.10 31.48
C GLU B 368 -86.47 17.12 30.03
N ASN B 369 -87.39 17.35 29.12
CA ASN B 369 -87.23 17.51 27.70
C ASN B 369 -86.34 18.70 27.32
N GLU B 370 -86.31 19.77 28.10
CA GLU B 370 -85.48 20.91 27.79
C GLU B 370 -84.02 20.60 28.10
N LYS B 371 -83.80 20.05 29.30
CA LYS B 371 -82.49 19.72 29.84
C LYS B 371 -81.75 18.84 28.85
N MET B 372 -82.38 17.81 28.32
CA MET B 372 -81.85 16.89 27.36
C MET B 372 -81.31 17.61 26.15
N PHE B 373 -82.14 18.41 25.48
CA PHE B 373 -81.72 18.96 24.18
C PHE B 373 -80.66 20.03 24.30
N PHE B 374 -80.66 20.75 25.42
CA PHE B 374 -79.74 21.87 25.60
C PHE B 374 -78.33 21.29 25.68
N LEU B 375 -78.16 20.23 26.43
CA LEU B 375 -76.86 19.63 26.67
C LEU B 375 -76.34 18.87 25.48
N ILE B 376 -77.23 18.18 24.77
CA ILE B 376 -76.86 17.41 23.61
C ILE B 376 -76.26 18.38 22.62
N ASP B 377 -76.98 19.43 22.26
CA ASP B 377 -76.52 20.38 21.25
C ASP B 377 -75.14 20.96 21.57
N LYS B 378 -74.88 21.34 22.79
CA LYS B 378 -73.67 22.13 23.09
C LYS B 378 -72.41 21.32 22.84
N VAL B 379 -72.48 20.05 23.19
CA VAL B 379 -71.39 19.11 23.10
C VAL B 379 -70.93 18.94 21.66
N ASN B 380 -71.86 18.91 20.74
CA ASN B 380 -71.59 18.63 19.33
C ASN B 380 -70.88 19.80 18.65
N ALA B 381 -71.15 21.02 19.07
CA ALA B 381 -70.45 22.21 18.59
C ALA B 381 -68.98 22.21 19.04
N PHE B 382 -68.73 21.78 20.26
CA PHE B 382 -67.40 21.74 20.85
C PHE B 382 -66.44 20.92 19.95
N ASN B 383 -66.88 19.76 19.51
CA ASN B 383 -66.12 18.90 18.60
C ASN B 383 -65.74 19.59 17.27
N GLN B 384 -66.58 20.43 16.72
CA GLN B 384 -66.27 21.11 15.48
C GLN B 384 -65.05 22.04 15.68
N ASP B 385 -65.04 22.81 16.75
CA ASP B 385 -63.94 23.74 16.99
C ASP B 385 -62.56 23.06 17.10
N ILE B 386 -62.51 21.89 17.70
CA ILE B 386 -61.28 21.12 17.88
C ILE B 386 -60.63 20.81 16.51
N THR B 387 -61.43 20.47 15.50
CA THR B 387 -60.97 20.27 14.14
C THR B 387 -60.25 21.47 13.53
N ALA B 388 -60.70 22.67 13.83
CA ALA B 388 -60.08 23.86 13.22
C ALA B 388 -58.69 24.02 13.78
N LEU B 389 -58.56 23.83 15.08
CA LEU B 389 -57.31 24.06 15.81
C LEU B 389 -56.22 23.11 15.29
N MET B 390 -56.60 21.86 15.07
CA MET B 390 -55.78 20.79 14.56
C MET B 390 -55.26 21.03 13.12
N GLN B 391 -55.93 21.84 12.32
CA GLN B 391 -55.65 22.06 10.91
C GLN B 391 -54.99 23.42 10.60
N GLY B 392 -54.50 24.11 11.61
CA GLY B 392 -53.61 25.25 11.40
C GLY B 392 -54.28 26.51 10.85
N GLU B 393 -55.55 26.72 11.17
CA GLU B 393 -56.35 27.82 10.68
C GLU B 393 -57.03 28.61 11.78
N GLU B 394 -56.50 28.62 13.00
CA GLU B 394 -57.10 29.43 14.08
C GLU B 394 -56.76 30.89 13.90
N THR B 395 -57.57 31.77 14.49
CA THR B 395 -57.35 33.20 14.38
C THR B 395 -56.19 33.60 15.29
N VAL B 396 -55.24 34.32 14.72
CA VAL B 396 -53.99 34.70 15.39
C VAL B 396 -53.64 36.17 15.15
N GLY B 397 -52.63 36.65 15.87
CA GLY B 397 -52.12 38.02 15.73
C GLY B 397 -51.22 38.27 14.53
N GLU B 398 -51.07 39.55 14.18
CA GLU B 398 -50.46 40.00 12.92
C GLU B 398 -49.00 39.58 12.72
N GLU B 399 -48.18 39.78 13.74
CA GLU B 399 -46.76 39.38 13.71
C GLU B 399 -46.53 38.17 14.60
N ASP B 400 -47.61 37.71 15.23
CA ASP B 400 -47.67 36.41 15.90
C ASP B 400 -47.51 35.32 14.81
N ILE B 401 -47.49 34.06 15.23
CA ILE B 401 -47.41 32.96 14.27
C ILE B 401 -48.28 31.78 14.68
N ARG B 402 -48.84 31.11 13.68
CA ARG B 402 -49.73 30.00 13.89
C ARG B 402 -49.02 28.78 14.43
N LEU B 403 -49.77 27.90 15.07
CA LEU B 403 -49.30 26.78 15.82
C LEU B 403 -48.44 25.92 14.94
N PHE B 404 -48.89 25.59 13.75
CA PHE B 404 -48.22 24.63 12.94
C PHE B 404 -46.84 25.09 12.52
N THR B 405 -46.67 26.38 12.23
CA THR B 405 -45.39 26.96 11.92
C THR B 405 -44.45 26.96 13.12
N ARG B 406 -44.97 27.14 14.30
CA ARG B 406 -44.21 27.23 15.52
C ARG B 406 -43.38 25.96 15.71
N LEU B 407 -43.96 24.80 15.52
CA LEU B 407 -43.30 23.52 15.57
C LEU B 407 -42.09 23.42 14.64
N ARG B 408 -42.19 23.94 13.44
CA ARG B 408 -41.16 23.82 12.42
C ARG B 408 -39.87 24.54 12.86
N HIS B 409 -39.96 25.66 13.52
CA HIS B 409 -38.82 26.44 13.97
C HIS B 409 -38.02 25.62 14.98
N GLU B 410 -38.70 24.90 15.85
CA GLU B 410 -38.07 24.09 16.86
C GLU B 410 -37.24 22.96 16.21
N PHE B 411 -37.68 22.39 15.11
CA PHE B 411 -37.01 21.30 14.45
C PHE B 411 -35.74 21.71 13.73
N HIS B 412 -35.62 22.93 13.29
CA HIS B 412 -34.49 23.35 12.52
C HIS B 412 -33.25 23.35 13.43
N LYS B 413 -33.41 23.79 14.66
CA LYS B 413 -32.35 23.87 15.64
C LYS B 413 -31.80 22.45 15.88
N TRP B 414 -32.67 21.47 16.07
CA TRP B 414 -32.32 20.08 16.24
C TRP B 414 -31.41 19.56 15.15
N SER B 415 -31.68 19.87 13.93
CA SER B 415 -31.10 19.30 12.74
C SER B 415 -29.60 19.62 12.59
N THR B 416 -29.19 20.85 12.90
CA THR B 416 -27.82 21.29 12.68
C THR B 416 -26.86 20.60 13.65
N ILE B 417 -27.25 20.40 14.90
CA ILE B 417 -26.38 19.75 15.89
C ILE B 417 -26.01 18.32 15.50
N ILE B 418 -26.95 17.58 15.00
CA ILE B 418 -26.85 16.20 14.65
C ILE B 418 -25.81 16.01 13.58
N GLU B 419 -25.78 16.84 12.57
CA GLU B 419 -24.88 16.68 11.43
C GLU B 419 -23.40 16.75 11.77
N ASN B 420 -23.03 17.47 12.80
CA ASN B 420 -21.70 17.49 13.34
C ASN B 420 -21.25 16.08 13.65
N ASN B 421 -22.04 15.30 14.34
CA ASN B 421 -21.75 13.99 14.86
C ASN B 421 -21.36 12.98 13.78
N PHE B 422 -21.95 13.06 12.62
CA PHE B 422 -21.75 12.20 11.48
C PHE B 422 -20.30 12.31 10.98
N GLN B 423 -19.72 13.50 10.96
CA GLN B 423 -18.35 13.64 10.49
C GLN B 423 -17.33 13.01 11.44
N GLU B 424 -17.44 13.23 12.74
CA GLU B 424 -16.54 12.69 13.73
C GLU B 424 -16.38 11.17 13.65
N GLY B 425 -17.46 10.44 13.43
CA GLY B 425 -17.42 8.99 13.54
C GLY B 425 -16.46 8.36 12.55
N HIS B 426 -16.54 8.79 11.31
CA HIS B 426 -15.89 8.15 10.19
C HIS B 426 -14.38 8.11 10.41
N LYS B 427 -13.77 9.27 10.66
CA LYS B 427 -12.31 9.43 10.74
C LYS B 427 -11.65 8.81 11.96
N ILE B 428 -12.38 8.63 13.05
CA ILE B 428 -11.83 8.15 14.32
C ILE B 428 -11.38 6.70 14.19
N LEU B 429 -12.24 5.87 13.62
CA LEU B 429 -11.96 4.44 13.50
C LEU B 429 -10.80 4.18 12.55
N SER B 430 -10.75 4.94 11.45
CA SER B 430 -9.67 4.88 10.48
C SER B 430 -8.29 5.11 11.07
N ARG B 431 -8.15 6.14 11.88
CA ARG B 431 -6.86 6.54 12.44
C ARG B 431 -6.20 5.48 13.33
N LYS B 432 -6.99 4.69 14.04
CA LYS B 432 -6.47 3.60 14.87
C LYS B 432 -6.04 2.36 14.07
N ILE B 433 -6.57 2.20 12.87
CA ILE B 433 -6.19 1.11 11.99
C ILE B 433 -4.83 1.32 11.30
N GLN B 434 -4.36 2.58 11.24
CA GLN B 434 -2.95 2.82 10.94
C GLN B 434 -2.18 2.79 12.27
N LYS B 435 -1.77 1.59 12.65
CA LYS B 435 -1.08 1.31 13.91
C LYS B 435 -1.20 -0.16 14.32
N TYR B 451 -10.98 -6.35 18.14
CA TYR B 451 -12.19 -6.14 17.37
C TYR B 451 -13.28 -5.38 18.14
N ARG B 452 -13.58 -5.82 19.37
CA ARG B 452 -14.58 -5.17 20.22
C ARG B 452 -14.15 -3.80 20.71
N THR B 453 -12.85 -3.54 20.79
CA THR B 453 -12.31 -2.22 21.09
C THR B 453 -12.63 -1.21 19.98
N PHE B 454 -12.65 -1.67 18.74
CA PHE B 454 -13.07 -0.83 17.60
C PHE B 454 -14.58 -0.58 17.57
N GLU B 455 -15.39 -1.60 17.86
CA GLU B 455 -16.85 -1.49 17.83
C GLU B 455 -17.37 -0.61 18.96
N THR B 456 -16.66 -0.49 20.06
CA THR B 456 -16.98 0.39 21.18
C THR B 456 -17.13 1.86 20.75
N ILE B 457 -16.39 2.36 19.81
CA ILE B 457 -16.40 3.75 19.43
C ILE B 457 -17.66 4.18 18.68
N VAL B 458 -18.21 3.33 17.83
CA VAL B 458 -19.44 3.71 17.10
C VAL B 458 -20.63 3.83 18.07
N LYS B 459 -20.68 2.96 19.05
CA LYS B 459 -21.81 2.92 19.96
C LYS B 459 -21.79 4.09 20.91
N GLN B 460 -20.63 4.64 21.23
CA GLN B 460 -20.57 5.80 22.13
C GLN B 460 -20.99 7.06 21.37
N GLN B 461 -20.81 7.10 20.06
CA GLN B 461 -21.10 8.29 19.25
C GLN B 461 -22.62 8.49 19.14
N ILE B 462 -23.36 7.41 18.91
CA ILE B 462 -24.82 7.50 18.86
C ILE B 462 -25.42 7.93 20.19
N LYS B 463 -24.93 7.38 21.26
CA LYS B 463 -25.42 7.56 22.60
C LYS B 463 -25.54 9.04 22.98
N ALA B 464 -24.61 9.91 22.63
CA ALA B 464 -24.52 11.31 22.99
C ALA B 464 -25.68 12.19 22.57
N LEU B 465 -26.45 11.83 21.56
CA LEU B 465 -27.64 12.54 21.12
C LEU B 465 -28.89 12.31 21.98
N GLU B 466 -28.90 11.34 22.88
CA GLU B 466 -30.14 10.95 23.56
C GLU B 466 -30.69 12.07 24.43
N GLU B 467 -29.90 12.59 25.36
CA GLU B 467 -30.40 13.54 26.37
C GLU B 467 -30.92 14.87 25.81
N PRO B 468 -30.35 15.36 24.70
CA PRO B 468 -30.96 16.57 24.12
C PRO B 468 -32.37 16.33 23.59
N ALA B 469 -32.63 15.16 23.07
CA ALA B 469 -33.84 14.87 22.34
C ALA B 469 -35.05 15.14 23.22
N VAL B 470 -35.05 14.60 24.42
CA VAL B 470 -36.24 14.56 25.27
C VAL B 470 -36.63 15.96 25.75
N ASP B 471 -35.70 16.86 25.91
CA ASP B 471 -35.95 18.24 26.23
C ASP B 471 -36.91 18.90 25.29
N MET B 472 -36.74 18.76 24.01
CA MET B 472 -37.48 19.52 23.00
C MET B 472 -38.92 19.00 22.90
N LEU B 473 -39.19 17.77 23.26
CA LEU B 473 -40.51 17.17 23.31
C LEU B 473 -41.39 18.03 24.13
N HIS B 474 -40.97 18.39 25.33
CA HIS B 474 -41.73 19.07 26.33
C HIS B 474 -42.28 20.42 25.90
N THR B 475 -41.52 21.22 25.18
CA THR B 475 -41.99 22.59 24.95
C THR B 475 -43.11 22.60 23.90
N VAL B 476 -43.04 21.82 22.85
CA VAL B 476 -44.06 21.77 21.82
C VAL B 476 -45.43 21.37 22.38
N THR B 477 -45.50 20.41 23.25
CA THR B 477 -46.68 20.05 23.97
C THR B 477 -47.40 21.25 24.61
N ASP B 478 -46.70 22.13 25.27
CA ASP B 478 -47.27 23.32 25.88
C ASP B 478 -48.09 24.19 24.96
N MET B 479 -47.65 24.37 23.74
CA MET B 479 -48.29 25.34 22.87
C MET B 479 -49.60 24.90 22.33
N VAL B 480 -49.78 23.64 22.00
CA VAL B 480 -50.98 23.11 21.41
C VAL B 480 -52.04 23.08 22.49
N ARG B 481 -51.74 22.60 23.65
CA ARG B 481 -52.56 22.44 24.81
C ARG B 481 -53.34 23.72 25.19
N LEU B 482 -52.76 24.89 25.09
CA LEU B 482 -53.36 26.19 25.35
C LEU B 482 -54.60 26.47 24.47
N ALA B 483 -54.57 26.03 23.22
CA ALA B 483 -55.66 26.36 22.30
C ALA B 483 -56.89 25.55 22.72
N PHE B 484 -56.79 24.29 22.98
CA PHE B 484 -57.80 23.31 23.18
C PHE B 484 -58.65 23.72 24.35
N THR B 485 -58.07 24.20 25.43
CA THR B 485 -58.76 24.48 26.68
C THR B 485 -59.71 25.63 26.51
N ASP B 486 -59.42 26.59 25.68
CA ASP B 486 -60.26 27.75 25.45
C ASP B 486 -61.62 27.34 24.87
N VAL B 487 -61.71 26.32 24.05
CA VAL B 487 -62.98 25.89 23.48
C VAL B 487 -63.89 25.30 24.54
N SER B 488 -63.36 24.55 25.46
CA SER B 488 -64.12 23.89 26.54
C SER B 488 -64.86 24.93 27.36
N ILE B 489 -64.22 25.99 27.75
CA ILE B 489 -64.69 27.09 28.52
C ILE B 489 -65.91 27.75 27.90
N LYS B 490 -65.89 28.03 26.61
CA LYS B 490 -66.95 28.77 25.92
C LYS B 490 -68.29 28.08 26.04
N ASN B 491 -68.38 26.79 26.03
CA ASN B 491 -69.64 26.07 25.93
C ASN B 491 -70.45 25.87 27.20
N PHE B 492 -69.84 25.80 28.35
CA PHE B 492 -70.40 25.29 29.59
C PHE B 492 -70.15 26.28 30.77
N GLU B 493 -70.30 27.57 30.46
CA GLU B 493 -70.18 28.58 31.54
C GLU B 493 -71.44 28.67 32.40
N GLU B 494 -72.57 28.13 31.96
CA GLU B 494 -73.81 28.12 32.75
C GLU B 494 -74.11 26.74 33.40
N PHE B 495 -73.05 25.92 33.51
CA PHE B 495 -73.11 24.60 34.13
C PHE B 495 -71.81 24.39 34.94
N PHE B 496 -71.74 24.85 36.18
CA PHE B 496 -70.44 24.91 36.89
C PHE B 496 -69.87 23.55 37.23
N ASN B 497 -70.72 22.59 37.64
CA ASN B 497 -70.23 21.22 37.90
C ASN B 497 -69.90 20.46 36.63
N LEU B 498 -70.62 20.76 35.56
CA LEU B 498 -70.52 20.03 34.33
C LEU B 498 -69.20 20.41 33.64
N HIS B 499 -68.78 21.64 33.76
CA HIS B 499 -67.63 22.18 33.08
C HIS B 499 -66.34 21.52 33.56
N ARG B 500 -66.24 21.29 34.84
CA ARG B 500 -65.11 20.72 35.56
C ARG B 500 -64.69 19.37 35.00
N THR B 501 -65.66 18.53 34.63
CA THR B 501 -65.31 17.21 34.12
C THR B 501 -64.77 17.32 32.71
N ALA B 502 -65.43 18.08 31.88
CA ALA B 502 -65.02 18.35 30.53
C ALA B 502 -63.56 18.76 30.42
N LYS B 503 -63.20 19.77 31.18
CA LYS B 503 -61.84 20.31 31.23
C LYS B 503 -60.82 19.26 31.67
N SER B 504 -61.20 18.45 32.63
CA SER B 504 -60.37 17.38 33.12
C SER B 504 -60.01 16.34 32.01
N LYS B 505 -60.86 16.08 31.06
CA LYS B 505 -60.64 15.24 29.93
C LYS B 505 -59.56 15.81 28.99
N ILE B 506 -59.50 17.12 28.87
CA ILE B 506 -58.46 17.80 28.15
C ILE B 506 -57.08 17.46 28.71
N GLU B 507 -56.93 17.43 30.01
CA GLU B 507 -55.70 17.12 30.67
C GLU B 507 -55.36 15.61 30.63
N ASP B 508 -56.31 14.73 30.77
CA ASP B 508 -56.04 13.29 30.77
C ASP B 508 -55.31 12.89 29.48
N ILE B 509 -55.84 13.23 28.33
CA ILE B 509 -55.29 12.92 27.02
C ILE B 509 -53.89 13.55 26.84
N ARG B 510 -53.67 14.75 27.38
CA ARG B 510 -52.35 15.32 27.42
C ARG B 510 -51.35 14.38 28.08
N ALA B 511 -51.67 13.95 29.29
CA ALA B 511 -50.80 13.13 30.12
C ALA B 511 -50.39 11.89 29.35
N GLU B 512 -51.37 11.14 28.90
CA GLU B 512 -51.11 9.80 28.39
C GLU B 512 -50.13 9.76 27.20
N GLN B 513 -50.32 10.59 26.21
CA GLN B 513 -49.59 10.60 24.97
C GLN B 513 -48.19 11.14 25.16
N GLU B 514 -47.98 12.12 25.99
CA GLU B 514 -46.74 12.78 26.27
C GLU B 514 -45.77 11.79 26.93
N ARG B 515 -46.30 10.92 27.79
CA ARG B 515 -45.53 9.78 28.33
C ARG B 515 -45.04 8.90 27.19
N GLU B 516 -45.89 8.62 26.22
CA GLU B 516 -45.58 7.66 25.17
C GLU B 516 -44.53 8.18 24.23
N GLY B 517 -44.67 9.37 23.76
CA GLY B 517 -43.77 10.23 23.05
C GLY B 517 -42.37 10.09 23.59
N GLU B 518 -42.18 10.34 24.86
CA GLU B 518 -40.89 10.39 25.52
C GLU B 518 -40.29 9.01 25.48
N LYS B 519 -41.09 8.02 25.78
CA LYS B 519 -40.76 6.63 25.78
C LYS B 519 -40.11 6.24 24.47
N LEU B 520 -40.71 6.59 23.35
CA LEU B 520 -40.27 6.21 22.01
C LEU B 520 -38.95 6.87 21.61
N ILE B 521 -38.64 8.02 22.15
CA ILE B 521 -37.37 8.64 21.91
C ILE B 521 -36.32 7.69 22.51
N ARG B 522 -36.49 7.23 23.72
CA ARG B 522 -35.48 6.56 24.48
C ARG B 522 -35.29 5.15 23.90
N LEU B 523 -36.36 4.45 23.61
CA LEU B 523 -36.40 3.19 22.86
C LEU B 523 -35.61 3.32 21.56
N HIS B 524 -35.80 4.33 20.79
CA HIS B 524 -35.03 4.59 19.59
C HIS B 524 -33.53 4.56 19.87
N PHE B 525 -33.02 5.16 20.93
CA PHE B 525 -31.59 5.09 21.18
C PHE B 525 -31.14 3.71 21.57
N GLN B 526 -31.90 3.00 22.39
CA GLN B 526 -31.50 1.66 22.86
C GLN B 526 -31.35 0.77 21.61
N MET B 527 -32.24 0.78 20.66
CA MET B 527 -32.25 0.16 19.37
C MET B 527 -30.99 0.44 18.61
N GLU B 528 -30.51 1.64 18.57
CA GLU B 528 -29.29 2.06 17.93
C GLU B 528 -28.08 1.47 18.58
N GLN B 529 -28.07 1.14 19.86
CA GLN B 529 -27.01 0.50 20.59
C GLN B 529 -26.77 -0.95 20.15
N ILE B 530 -27.52 -1.65 19.30
CA ILE B 530 -27.09 -2.82 18.53
C ILE B 530 -26.22 -2.57 17.29
N VAL B 531 -25.11 -3.29 17.24
CA VAL B 531 -24.12 -3.16 16.18
C VAL B 531 -24.30 -4.22 15.09
N GLU B 576 -8.91 -6.83 8.28
CA GLU B 576 -9.93 -7.35 7.37
C GLU B 576 -11.33 -6.80 7.68
N ILE B 577 -11.82 -7.03 8.91
CA ILE B 577 -13.17 -6.65 9.35
C ILE B 577 -13.48 -5.16 9.32
N PHE B 578 -12.50 -4.28 9.33
CA PHE B 578 -12.62 -2.83 9.31
C PHE B 578 -13.55 -2.30 8.23
N GLN B 579 -13.56 -2.85 7.04
CA GLN B 579 -14.32 -2.37 5.91
C GLN B 579 -15.82 -2.61 6.00
N HIS B 580 -16.18 -3.78 6.56
CA HIS B 580 -17.60 -4.12 6.72
C HIS B 580 -18.28 -3.27 7.80
N LEU B 581 -17.52 -2.92 8.82
CA LEU B 581 -17.99 -2.23 10.01
C LEU B 581 -18.16 -0.71 9.82
N MET B 582 -17.50 -0.11 8.87
CA MET B 582 -17.58 1.32 8.63
C MET B 582 -18.86 1.74 7.94
N ALA B 583 -19.60 0.82 7.35
CA ALA B 583 -20.87 1.11 6.68
C ALA B 583 -21.92 1.35 7.75
N TYR B 584 -21.82 0.63 8.84
CA TYR B 584 -22.75 0.77 9.96
C TYR B 584 -22.50 2.04 10.79
N HIS B 585 -21.31 2.56 10.83
CA HIS B 585 -20.95 3.77 11.54
C HIS B 585 -21.57 4.96 10.82
N GLN B 586 -21.39 4.99 9.51
CA GLN B 586 -21.82 6.12 8.69
C GLN B 586 -23.34 6.24 8.70
N GLU B 587 -24.04 5.13 8.52
CA GLU B 587 -25.50 5.15 8.32
C GLU B 587 -26.21 5.67 9.54
N ALA B 588 -25.91 5.07 10.67
CA ALA B 588 -26.51 5.23 11.97
C ALA B 588 -26.86 6.65 12.29
N SER B 589 -25.92 7.54 12.27
CA SER B 589 -26.09 8.91 12.73
C SER B 589 -27.24 9.62 12.04
N LYS B 590 -27.33 9.48 10.72
CA LYS B 590 -28.31 10.16 9.89
C LYS B 590 -29.79 9.99 10.31
N ARG B 591 -30.16 8.85 10.83
CA ARG B 591 -31.46 8.54 11.35
C ARG B 591 -31.87 9.44 12.51
N ILE B 592 -31.07 9.67 13.51
CA ILE B 592 -31.49 10.35 14.73
C ILE B 592 -32.05 11.74 14.46
N SER B 593 -31.41 12.48 13.57
CA SER B 593 -31.72 13.81 13.15
C SER B 593 -33.18 14.00 12.85
N SER B 594 -33.80 13.13 12.08
CA SER B 594 -35.18 13.20 11.71
C SER B 594 -36.23 12.71 12.71
N HIS B 595 -35.95 11.68 13.45
CA HIS B 595 -36.88 10.98 14.27
C HIS B 595 -37.37 11.76 15.49
N ILE B 596 -36.49 12.44 16.19
CA ILE B 596 -36.94 13.20 17.36
C ILE B 596 -38.07 14.20 17.03
N PRO B 597 -37.90 14.95 15.92
CA PRO B 597 -38.99 15.78 15.44
C PRO B 597 -40.30 15.03 15.23
N LEU B 598 -40.28 13.91 14.60
CA LEU B 598 -41.44 13.14 14.27
C LEU B 598 -42.36 12.93 15.47
N ILE B 599 -41.94 12.31 16.53
CA ILE B 599 -42.60 12.14 17.79
C ILE B 599 -43.26 13.45 18.27
N ILE B 600 -42.50 14.52 18.29
CA ILE B 600 -43.01 15.82 18.75
C ILE B 600 -44.21 16.33 17.94
N GLN B 601 -44.25 16.10 16.68
CA GLN B 601 -45.28 16.52 15.80
C GLN B 601 -46.55 15.76 16.05
N PHE B 602 -46.48 14.46 15.96
CA PHE B 602 -47.64 13.60 16.06
C PHE B 602 -48.17 13.71 17.49
N PHE B 603 -47.51 13.52 18.56
CA PHE B 603 -47.70 13.51 19.91
C PHE B 603 -47.92 14.93 20.34
N MET B 604 -49.20 15.13 20.60
CA MET B 604 -49.92 16.22 21.15
C MET B 604 -50.50 17.21 20.12
N LEU B 605 -50.69 16.74 18.94
CA LEU B 605 -51.41 17.44 17.87
C LEU B 605 -52.53 16.55 17.33
N GLN B 606 -52.19 15.43 16.72
CA GLN B 606 -53.14 14.58 16.06
C GLN B 606 -54.03 13.86 17.08
N THR B 607 -53.49 12.95 17.85
CA THR B 607 -54.13 12.18 18.92
C THR B 607 -54.74 13.09 19.95
N TYR B 608 -54.06 14.12 20.35
CA TYR B 608 -54.50 15.01 21.44
C TYR B 608 -55.96 15.42 21.22
N GLY B 609 -56.26 15.96 20.07
CA GLY B 609 -57.61 16.34 19.66
C GLY B 609 -58.62 15.22 19.71
N GLN B 610 -58.35 14.11 19.07
CA GLN B 610 -59.41 13.18 18.66
C GLN B 610 -59.97 12.47 19.86
N GLN B 611 -59.10 11.90 20.67
CA GLN B 611 -59.41 11.12 21.82
C GLN B 611 -60.10 11.98 22.89
N LEU B 612 -59.79 13.23 23.02
CA LEU B 612 -60.37 14.22 23.88
C LEU B 612 -61.87 14.30 23.64
N GLN B 613 -62.29 14.32 22.39
CA GLN B 613 -63.65 14.47 21.95
C GLN B 613 -64.51 13.35 22.50
N LYS B 614 -64.01 12.13 22.52
CA LYS B 614 -64.74 10.97 23.00
C LYS B 614 -65.06 11.03 24.46
N ALA B 615 -64.24 11.65 25.26
CA ALA B 615 -64.39 11.79 26.69
C ALA B 615 -65.54 12.75 27.01
N MET B 616 -65.88 13.69 26.18
CA MET B 616 -66.85 14.74 26.42
C MET B 616 -68.27 14.18 26.46
N LEU B 617 -68.56 13.08 25.79
CA LEU B 617 -69.94 12.59 25.78
C LEU B 617 -70.26 11.87 27.05
N GLN B 618 -69.37 11.48 27.89
CA GLN B 618 -69.35 10.93 29.18
C GLN B 618 -70.16 11.72 30.21
N LEU B 619 -70.33 13.02 30.09
CA LEU B 619 -71.14 13.85 30.87
C LEU B 619 -72.59 13.44 30.86
N LEU B 620 -73.14 12.92 29.77
CA LEU B 620 -74.50 12.55 29.54
C LEU B 620 -75.21 11.56 30.42
N GLN B 621 -74.45 10.74 31.12
CA GLN B 621 -74.90 9.51 31.64
C GLN B 621 -76.06 9.50 32.64
N ASP B 622 -76.02 10.38 33.62
CA ASP B 622 -76.93 10.30 34.79
C ASP B 622 -77.91 11.40 34.73
N LYS B 623 -79.13 11.16 34.26
CA LYS B 623 -80.14 12.23 34.15
C LYS B 623 -80.79 12.59 35.48
N ASP B 624 -80.68 11.77 36.51
CA ASP B 624 -81.02 12.03 37.86
C ASP B 624 -80.09 13.06 38.51
N THR B 625 -78.89 13.23 38.04
CA THR B 625 -77.86 14.18 38.30
C THR B 625 -77.98 15.55 37.65
N TYR B 626 -78.90 15.65 36.68
CA TYR B 626 -79.09 16.90 35.96
C TYR B 626 -79.39 18.12 36.83
N SER B 627 -80.24 17.91 37.84
CA SER B 627 -80.56 18.98 38.79
C SER B 627 -79.34 19.41 39.61
N TRP B 628 -78.48 18.45 39.93
CA TRP B 628 -77.23 18.74 40.61
C TRP B 628 -76.28 19.57 39.74
N LEU B 629 -76.13 19.26 38.46
CA LEU B 629 -75.28 19.98 37.52
C LEU B 629 -75.70 21.45 37.39
N LEU B 630 -76.97 21.72 37.41
CA LEU B 630 -77.61 23.00 37.29
C LEU B 630 -77.72 23.78 38.62
N LYS B 631 -77.20 23.21 39.71
CA LYS B 631 -77.15 23.94 40.97
C LYS B 631 -76.27 25.18 40.80
N GLU B 632 -76.78 26.33 41.23
CA GLU B 632 -76.10 27.60 41.03
C GLU B 632 -75.26 27.96 42.24
N ARG B 633 -74.38 28.93 42.02
CA ARG B 633 -73.39 29.31 43.03
C ARG B 633 -74.00 29.97 44.23
N SER B 634 -75.10 30.69 44.03
CA SER B 634 -75.76 31.51 45.03
C SER B 634 -76.29 30.73 46.23
N ASP B 635 -76.60 29.45 46.12
CA ASP B 635 -77.11 28.68 47.24
C ASP B 635 -76.38 27.36 47.55
N THR B 636 -75.04 27.40 47.60
CA THR B 636 -74.26 26.25 48.09
C THR B 636 -73.95 26.38 49.59
N ILE C 1 21.50 22.25 11.62
CA ILE C 1 22.91 22.61 11.98
C ILE C 1 23.86 22.49 10.78
N LEU C 2 23.88 21.31 10.20
CA LEU C 2 24.71 21.01 9.06
C LEU C 2 24.16 21.77 7.86
N VAL C 3 25.06 22.42 7.11
CA VAL C 3 24.62 23.12 5.91
C VAL C 3 24.50 22.08 4.80
N ILE C 4 23.34 21.94 4.23
CA ILE C 4 23.03 21.07 3.14
C ILE C 4 23.46 21.67 1.79
N ARG C 5 23.28 22.97 1.61
CA ARG C 5 23.61 23.54 0.33
C ARG C 5 23.44 25.02 0.38
N LYS C 6 24.22 25.70 -0.44
CA LYS C 6 24.14 27.15 -0.62
C LYS C 6 24.23 27.28 -2.13
N GLY C 7 23.34 28.07 -2.72
CA GLY C 7 23.34 28.27 -4.15
C GLY C 7 22.30 29.30 -4.52
N TRP C 8 22.45 29.95 -5.67
CA TRP C 8 21.55 31.01 -6.12
C TRP C 8 20.27 30.40 -6.72
N LEU C 9 19.15 31.08 -6.53
CA LEU C 9 17.87 30.67 -7.14
C LEU C 9 17.17 31.98 -7.47
N THR C 10 16.25 32.01 -8.44
CA THR C 10 15.57 33.26 -8.78
C THR C 10 14.22 33.27 -8.11
N ILE C 11 13.87 34.30 -7.37
CA ILE C 11 12.53 34.37 -6.86
C ILE C 11 11.82 35.06 -8.00
N ASN C 12 11.02 34.32 -8.71
CA ASN C 12 10.24 34.69 -9.85
C ASN C 12 9.00 35.52 -9.55
N ASN C 13 8.41 35.33 -8.37
CA ASN C 13 7.23 36.11 -8.04
C ASN C 13 7.36 37.19 -6.97
N ILE C 14 8.44 37.95 -7.05
CA ILE C 14 8.65 39.07 -6.15
C ILE C 14 7.86 40.23 -6.76
N GLY C 15 7.14 40.96 -5.91
CA GLY C 15 6.29 42.04 -6.35
C GLY C 15 6.94 43.17 -7.21
N ILE C 16 6.03 44.09 -7.58
CA ILE C 16 6.46 45.34 -8.21
C ILE C 16 7.28 46.13 -7.28
N MET C 17 6.82 46.31 -6.04
CA MET C 17 7.26 46.85 -4.87
C MET C 17 8.57 46.40 -4.27
N LYS C 18 9.42 45.65 -4.89
CA LYS C 18 10.66 45.10 -4.44
C LYS C 18 11.57 44.76 -5.60
N GLY C 19 11.44 45.53 -6.67
CA GLY C 19 12.31 45.38 -7.82
C GLY C 19 11.79 44.43 -8.87
N GLY C 20 11.00 43.43 -8.53
CA GLY C 20 10.51 42.46 -9.47
C GLY C 20 11.36 41.22 -9.30
N SER C 21 11.36 40.34 -10.30
CA SER C 21 12.15 39.13 -10.21
C SER C 21 13.64 39.42 -10.13
N LYS C 22 14.26 39.11 -9.01
CA LYS C 22 15.69 39.31 -8.85
C LYS C 22 16.29 38.00 -8.37
N GLU C 23 17.61 37.86 -8.41
CA GLU C 23 18.26 36.68 -7.92
C GLU C 23 18.66 36.98 -6.51
N TYR C 24 18.46 36.03 -5.61
CA TYR C 24 18.78 36.17 -4.21
C TYR C 24 19.60 34.96 -3.77
N TRP C 25 20.37 35.17 -2.70
CA TRP C 25 21.33 34.18 -2.20
C TRP C 25 20.71 33.34 -1.11
N PHE C 26 20.49 32.07 -1.40
CA PHE C 26 19.90 31.11 -0.46
C PHE C 26 20.87 30.27 0.33
N VAL C 27 20.50 30.04 1.57
CA VAL C 27 21.28 29.24 2.51
C VAL C 27 20.29 28.26 3.11
N LEU C 28 20.49 26.99 2.87
CA LEU C 28 19.63 25.97 3.44
C LEU C 28 20.39 25.11 4.43
N THR C 29 19.79 24.78 5.54
CA THR C 29 20.33 23.94 6.59
C THR C 29 19.21 22.95 6.90
N ALA C 30 19.35 22.11 7.92
CA ALA C 30 18.27 21.22 8.34
C ALA C 30 17.17 21.96 9.12
N GLU C 31 17.41 23.17 9.61
CA GLU C 31 16.48 23.99 10.37
C GLU C 31 15.86 25.22 9.70
N ASN C 32 16.62 25.93 8.88
CA ASN C 32 16.12 27.14 8.21
C ASN C 32 16.59 27.30 6.78
N LEU C 33 15.91 28.14 6.02
CA LEU C 33 16.26 28.54 4.67
C LEU C 33 16.13 30.05 4.80
N SER C 34 17.23 30.76 4.68
CA SER C 34 17.28 32.21 4.80
C SER C 34 17.67 32.80 3.46
N TRP C 35 17.17 33.98 3.13
CA TRP C 35 17.55 34.65 1.88
C TRP C 35 17.90 36.09 2.16
N TYR C 36 18.94 36.59 1.57
CA TYR C 36 19.50 37.90 1.69
C TYR C 36 19.43 38.65 0.37
N LYS C 37 19.73 39.93 0.40
CA LYS C 37 19.67 40.74 -0.81
C LYS C 37 20.81 40.36 -1.74
N ASP C 38 21.97 40.03 -1.16
CA ASP C 38 23.14 39.60 -1.91
C ASP C 38 24.12 38.81 -1.05
N ASP C 39 25.22 38.40 -1.66
CA ASP C 39 26.25 37.59 -1.03
C ASP C 39 27.16 38.27 -0.03
N GLU C 40 27.02 39.53 0.23
CA GLU C 40 27.74 40.26 1.24
C GLU C 40 27.01 40.09 2.55
N GLU C 41 25.72 39.80 2.47
CA GLU C 41 24.86 39.55 3.61
C GLU C 41 24.69 40.71 4.58
N LYS C 42 24.38 41.88 4.01
CA LYS C 42 24.21 43.08 4.81
C LYS C 42 22.78 43.28 5.19
N GLU C 43 21.83 42.68 4.48
CA GLU C 43 20.43 42.77 4.39
C GLU C 43 19.53 41.97 5.19
N LYS C 44 19.13 40.76 4.95
CA LYS C 44 18.26 39.82 5.40
C LYS C 44 16.79 40.10 5.25
N LYS C 45 16.10 39.72 4.18
CA LYS C 45 14.70 39.97 4.00
C LYS C 45 13.91 39.05 4.91
N TYR C 46 14.36 37.81 5.07
CA TYR C 46 13.60 36.86 5.86
C TYR C 46 14.35 35.57 6.14
N MET C 47 13.87 34.88 7.17
CA MET C 47 14.41 33.59 7.57
C MET C 47 13.19 32.76 7.91
N LEU C 48 12.90 31.79 7.09
CA LEU C 48 11.78 30.89 7.11
C LEU C 48 12.15 29.52 7.73
N SER C 49 11.34 29.06 8.69
CA SER C 49 11.56 27.78 9.35
C SER C 49 11.31 26.71 8.32
N VAL C 50 12.01 25.59 8.45
CA VAL C 50 11.87 24.41 7.65
C VAL C 50 10.69 23.61 8.16
N ASP C 51 10.28 23.83 9.41
CA ASP C 51 9.11 23.17 9.98
C ASP C 51 7.79 23.30 9.27
N ASN C 52 7.27 22.12 8.90
CA ASN C 52 6.05 21.96 8.14
C ASN C 52 6.11 22.42 6.69
N LEU C 53 7.29 22.60 6.14
CA LEU C 53 7.41 22.95 4.75
C LEU C 53 7.32 21.70 3.89
N LYS C 54 6.66 21.83 2.75
CA LYS C 54 6.39 20.75 1.84
C LYS C 54 6.71 21.37 0.47
N LEU C 55 6.74 20.58 -0.58
CA LEU C 55 7.18 21.04 -1.88
C LEU C 55 6.28 20.49 -3.00
N ARG C 56 5.92 21.36 -3.94
CA ARG C 56 5.07 20.96 -5.05
C ARG C 56 5.61 21.43 -6.38
N ASP C 57 5.28 20.67 -7.43
CA ASP C 57 5.72 21.11 -8.77
C ASP C 57 4.69 22.07 -9.26
N VAL C 58 5.13 23.34 -9.41
CA VAL C 58 4.21 24.36 -9.85
C VAL C 58 3.98 24.38 -11.36
N GLU C 59 2.90 23.86 -11.83
CA GLU C 59 2.38 23.69 -13.14
C GLU C 59 2.74 24.78 -14.12
N LYS C 60 3.79 24.70 -14.87
CA LYS C 60 4.37 25.61 -15.79
C LYS C 60 4.75 26.93 -15.19
N GLY C 61 3.94 27.74 -14.68
CA GLY C 61 4.02 28.98 -14.04
C GLY C 61 3.58 30.14 -14.92
N PHE C 62 4.36 31.21 -14.93
CA PHE C 62 4.12 32.37 -15.79
C PHE C 62 4.32 31.93 -17.22
N MET C 63 4.19 32.85 -18.18
CA MET C 63 4.40 32.53 -19.58
C MET C 63 5.87 32.82 -19.87
N SER C 64 6.79 32.00 -19.39
CA SER C 64 8.21 32.10 -19.57
C SER C 64 8.86 30.73 -19.89
N SER C 65 10.17 30.67 -19.76
CA SER C 65 10.93 29.44 -20.02
C SER C 65 11.32 28.75 -18.72
N LYS C 66 10.93 29.36 -17.61
CA LYS C 66 11.23 28.83 -16.31
C LYS C 66 10.39 27.61 -15.98
N HIS C 67 11.00 26.66 -15.29
CA HIS C 67 10.32 25.50 -14.77
C HIS C 67 10.27 25.79 -13.30
N ILE C 68 9.07 25.98 -12.74
CA ILE C 68 8.94 26.40 -11.35
C ILE C 68 8.41 25.35 -10.38
N PHE C 69 8.82 25.55 -9.13
CA PHE C 69 8.45 24.71 -8.01
C PHE C 69 8.40 25.68 -6.84
N ALA C 70 7.84 25.32 -5.72
CA ALA C 70 7.70 26.25 -4.66
C ALA C 70 7.67 25.55 -3.33
N LEU C 71 8.06 26.30 -2.29
CA LEU C 71 7.96 25.84 -0.91
C LEU C 71 6.76 26.53 -0.29
N PHE C 72 5.94 25.78 0.44
CA PHE C 72 4.74 26.39 1.01
C PHE C 72 4.47 25.84 2.40
N ASN C 73 4.02 26.72 3.29
CA ASN C 73 3.74 26.33 4.67
C ASN C 73 2.40 25.63 4.66
N THR C 74 2.36 24.36 5.05
CA THR C 74 1.17 23.55 5.07
C THR C 74 0.10 24.06 6.04
N GLU C 75 0.46 24.72 7.10
CA GLU C 75 -0.38 25.24 8.14
C GLU C 75 -0.75 26.73 8.09
N GLN C 76 -0.48 27.40 6.98
CA GLN C 76 -0.96 28.76 6.85
C GLN C 76 -0.99 29.34 5.43
N ARG C 77 -1.63 30.50 5.30
CA ARG C 77 -1.85 31.17 4.03
C ARG C 77 -0.58 31.66 3.35
N ASN C 78 0.12 32.61 3.97
CA ASN C 78 1.35 33.18 3.43
C ASN C 78 2.58 32.38 3.88
N VAL C 79 3.64 32.38 3.07
CA VAL C 79 4.85 31.65 3.47
C VAL C 79 5.80 32.63 4.15
N TYR C 80 5.76 33.86 3.66
CA TYR C 80 6.58 34.92 4.23
C TYR C 80 5.97 36.19 3.66
N LYS C 81 5.91 37.24 4.49
CA LYS C 81 5.33 38.51 4.09
C LYS C 81 3.93 38.21 3.57
N ASP C 82 3.58 38.83 2.45
CA ASP C 82 2.27 38.68 1.87
C ASP C 82 2.50 37.92 0.56
N TYR C 83 2.94 36.67 0.66
CA TYR C 83 3.27 35.91 -0.54
C TYR C 83 2.59 34.65 -0.99
N ARG C 84 1.97 33.88 -0.12
CA ARG C 84 1.31 32.62 -0.45
C ARG C 84 2.27 31.49 -0.64
N GLN C 85 3.25 31.48 -1.44
CA GLN C 85 4.27 30.61 -1.77
C GLN C 85 5.51 31.37 -2.24
N LEU C 86 6.67 30.82 -2.02
CA LEU C 86 7.95 31.35 -2.47
C LEU C 86 8.31 30.55 -3.73
N GLU C 87 8.24 31.21 -4.89
CA GLU C 87 8.52 30.57 -6.16
C GLU C 87 9.99 30.53 -6.49
N LEU C 88 10.52 29.36 -6.73
CA LEU C 88 11.90 29.12 -7.08
C LEU C 88 11.92 28.51 -8.48
N ALA C 89 12.87 28.92 -9.30
CA ALA C 89 12.97 28.54 -10.68
C ALA C 89 14.38 28.17 -11.07
N CYS C 90 14.48 27.28 -12.08
CA CYS C 90 15.73 26.81 -12.63
C CYS C 90 15.56 26.80 -14.14
N GLU C 91 16.67 26.96 -14.88
CA GLU C 91 16.59 26.93 -16.32
C GLU C 91 16.42 25.53 -16.86
N THR C 92 16.80 24.51 -16.10
CA THR C 92 16.66 23.13 -16.52
C THR C 92 15.92 22.30 -15.48
N GLN C 93 15.28 21.23 -15.94
CA GLN C 93 14.55 20.34 -15.09
C GLN C 93 15.42 19.54 -14.13
N GLU C 94 16.64 19.25 -14.53
CA GLU C 94 17.54 18.49 -13.66
C GLU C 94 18.01 19.34 -12.51
N GLU C 95 18.13 20.64 -12.70
CA GLU C 95 18.50 21.58 -11.66
C GLU C 95 17.44 21.55 -10.55
N VAL C 96 16.17 21.50 -10.94
CA VAL C 96 15.05 21.45 -10.01
C VAL C 96 15.16 20.14 -9.23
N ASP C 97 15.47 19.05 -9.93
CA ASP C 97 15.58 17.73 -9.31
C ASP C 97 16.68 17.56 -8.27
N SER C 98 17.84 18.18 -8.46
CA SER C 98 18.93 18.05 -7.50
C SER C 98 18.58 18.81 -6.23
N TRP C 99 17.91 19.95 -6.38
CA TRP C 99 17.46 20.73 -5.23
C TRP C 99 16.38 20.02 -4.40
N LYS C 100 15.59 19.17 -5.01
CA LYS C 100 14.55 18.44 -4.33
C LYS C 100 15.16 17.46 -3.34
N ALA C 101 16.30 16.86 -3.67
CA ALA C 101 16.99 15.92 -2.81
C ALA C 101 17.60 16.58 -1.60
N SER C 102 17.98 17.84 -1.75
CA SER C 102 18.56 18.61 -0.68
C SER C 102 17.49 19.02 0.33
N PHE C 103 16.31 19.39 -0.14
CA PHE C 103 15.17 19.67 0.71
C PHE C 103 14.74 18.44 1.44
N LEU C 104 14.82 17.26 0.83
CA LEU C 104 14.42 15.98 1.42
C LEU C 104 15.14 15.74 2.70
N ARG C 105 16.45 15.97 2.69
CA ARG C 105 17.39 15.83 3.77
C ARG C 105 17.06 16.68 4.97
N ALA C 106 16.52 17.87 4.75
CA ALA C 106 16.19 18.85 5.74
C ALA C 106 14.77 18.61 6.22
N GLY C 107 14.05 17.71 5.58
CA GLY C 107 12.72 17.34 6.06
C GLY C 107 11.57 17.95 5.30
N VAL C 108 11.79 18.66 4.24
CA VAL C 108 10.79 19.15 3.31
C VAL C 108 10.61 18.05 2.26
N TYR C 109 9.49 17.36 2.38
CA TYR C 109 9.14 16.27 1.47
C TYR C 109 8.17 16.70 0.40
N PRO C 110 8.11 15.98 -0.72
CA PRO C 110 7.25 16.38 -1.84
C PRO C 110 5.77 16.09 -1.65
N GLU C 111 5.01 16.25 -2.73
CA GLU C 111 3.57 16.06 -2.78
C GLU C 111 2.75 17.28 -2.32
N ARG C 112 1.43 17.11 -2.27
CA ARG C 112 0.50 18.17 -1.90
C ARG C 112 0.59 19.28 -2.95
N VAL C 113 0.55 18.83 -4.21
CA VAL C 113 0.61 19.66 -5.40
C VAL C 113 -0.80 20.11 -5.82
N SER D 5 107.93 -63.02 -14.86
CA SER D 5 106.49 -62.87 -14.77
C SER D 5 105.70 -64.01 -15.45
N MET D 6 106.34 -64.67 -16.42
CA MET D 6 105.68 -65.81 -17.06
C MET D 6 105.56 -66.93 -16.07
N GLU D 7 106.58 -67.12 -15.21
CA GLU D 7 106.64 -68.22 -14.31
C GLU D 7 105.62 -68.19 -13.22
N ASP D 8 105.24 -67.01 -12.78
CA ASP D 8 104.27 -66.84 -11.72
C ASP D 8 102.83 -66.77 -12.24
N LEU D 9 102.71 -66.36 -13.49
CA LEU D 9 101.44 -66.20 -14.17
C LEU D 9 100.79 -67.54 -14.46
N ILE D 10 101.54 -68.51 -14.93
CA ILE D 10 101.04 -69.81 -15.34
C ILE D 10 100.10 -70.49 -14.34
N PRO D 11 100.52 -70.68 -13.08
CA PRO D 11 99.64 -71.34 -12.10
C PRO D 11 98.44 -70.50 -11.74
N LEU D 12 98.60 -69.18 -11.66
CA LEU D 12 97.52 -68.29 -11.23
C LEU D 12 96.36 -68.29 -12.21
N VAL D 13 96.63 -68.43 -13.48
CA VAL D 13 95.67 -68.47 -14.56
C VAL D 13 94.75 -69.67 -14.44
N ASN D 14 95.30 -70.83 -14.05
CA ASN D 14 94.47 -72.03 -13.91
C ASN D 14 93.56 -71.87 -12.70
N ARG D 15 94.08 -71.28 -11.64
CA ARG D 15 93.37 -71.07 -10.39
C ARG D 15 92.18 -70.14 -10.60
N LEU D 16 92.32 -69.14 -11.42
CA LEU D 16 91.32 -68.13 -11.72
C LEU D 16 90.14 -68.75 -12.44
N GLN D 17 90.36 -69.75 -13.27
CA GLN D 17 89.31 -70.40 -14.00
C GLN D 17 88.44 -71.17 -13.02
N ASP D 18 89.01 -71.76 -12.00
CA ASP D 18 88.30 -72.57 -11.02
C ASP D 18 87.34 -71.70 -10.23
N ALA D 19 87.78 -70.53 -9.79
CA ALA D 19 86.94 -69.60 -9.03
C ALA D 19 85.74 -69.21 -9.87
N PHE D 20 85.93 -68.90 -11.13
CA PHE D 20 84.92 -68.50 -12.09
C PHE D 20 83.86 -69.59 -12.19
N SER D 21 84.27 -70.85 -12.26
CA SER D 21 83.41 -71.99 -12.33
C SER D 21 82.38 -71.99 -11.20
N ALA D 22 82.79 -71.72 -9.99
CA ALA D 22 81.98 -71.66 -8.82
C ALA D 22 80.91 -70.62 -8.88
N ILE D 23 81.12 -69.48 -9.50
CA ILE D 23 80.18 -68.40 -9.67
C ILE D 23 79.09 -68.81 -10.66
N GLY D 24 79.43 -69.67 -11.61
CA GLY D 24 78.48 -70.19 -12.58
C GLY D 24 78.36 -69.11 -13.63
N GLN D 25 79.48 -68.53 -13.99
CA GLN D 25 79.55 -67.57 -15.06
C GLN D 25 80.48 -68.07 -16.13
N ASN D 26 80.18 -67.72 -17.37
CA ASN D 26 81.07 -68.08 -18.49
C ASN D 26 82.06 -66.94 -18.55
N ALA D 27 83.14 -66.99 -17.81
CA ALA D 27 84.17 -65.94 -17.78
C ALA D 27 85.52 -66.57 -18.01
N ASP D 28 86.17 -66.15 -19.09
CA ASP D 28 87.44 -66.72 -19.48
C ASP D 28 88.44 -65.60 -19.70
N LEU D 29 89.72 -65.95 -19.67
CA LEU D 29 90.78 -64.98 -19.85
C LEU D 29 91.00 -64.73 -21.33
N ASP D 30 90.71 -65.72 -22.17
CA ASP D 30 90.90 -65.62 -23.61
C ASP D 30 92.37 -65.34 -23.94
N LEU D 31 93.22 -66.30 -23.57
CA LEU D 31 94.66 -66.19 -23.79
C LEU D 31 94.92 -65.98 -25.28
N PRO D 32 95.75 -64.96 -25.60
CA PRO D 32 96.05 -64.63 -27.00
C PRO D 32 96.71 -65.78 -27.73
N GLN D 33 96.44 -65.89 -29.03
CA GLN D 33 97.00 -66.99 -29.81
C GLN D 33 98.33 -66.59 -30.41
N ILE D 34 99.21 -67.46 -30.76
CA ILE D 34 100.49 -67.29 -31.40
C ILE D 34 100.50 -68.06 -32.73
N ALA D 35 100.88 -67.43 -33.83
CA ALA D 35 100.86 -68.05 -35.14
C ALA D 35 102.20 -67.99 -35.82
N VAL D 36 102.60 -69.08 -36.46
CA VAL D 36 103.87 -69.18 -37.13
C VAL D 36 103.62 -69.02 -38.64
N VAL D 37 104.35 -68.11 -39.28
CA VAL D 37 104.16 -67.83 -40.71
C VAL D 37 105.47 -67.77 -41.48
N GLY D 38 105.42 -68.07 -42.76
CA GLY D 38 106.62 -68.10 -43.57
C GLY D 38 106.43 -68.63 -44.96
N GLY D 39 107.45 -68.45 -45.81
CA GLY D 39 107.33 -68.89 -47.19
C GLY D 39 107.16 -70.39 -47.22
N GLN D 40 106.87 -70.96 -48.37
CA GLN D 40 106.78 -72.39 -48.55
C GLN D 40 108.13 -73.01 -48.18
N SER D 41 108.08 -74.11 -47.42
CA SER D 41 109.27 -74.88 -47.02
C SER D 41 110.16 -74.22 -46.01
N ALA D 42 109.59 -73.28 -45.24
CA ALA D 42 110.44 -72.29 -44.54
C ALA D 42 111.16 -72.99 -43.40
N GLY D 43 110.60 -74.02 -42.79
CA GLY D 43 111.06 -74.49 -41.48
C GLY D 43 110.09 -74.08 -40.37
N LYS D 44 109.02 -73.39 -40.78
CA LYS D 44 107.86 -73.10 -39.97
C LYS D 44 107.41 -74.08 -38.86
N SER D 45 107.26 -75.35 -39.23
CA SER D 45 106.96 -76.39 -38.24
C SER D 45 108.09 -76.56 -37.22
N SER D 46 109.34 -76.44 -37.65
CA SER D 46 110.52 -76.63 -36.79
C SER D 46 110.47 -75.56 -35.72
N VAL D 47 110.25 -74.32 -36.13
CA VAL D 47 110.28 -73.20 -35.19
C VAL D 47 109.24 -73.40 -34.12
N LEU D 48 107.99 -73.59 -34.52
CA LEU D 48 106.89 -73.81 -33.62
C LEU D 48 107.08 -74.95 -32.63
N GLU D 49 107.56 -76.10 -33.11
CA GLU D 49 107.72 -77.23 -32.23
C GLU D 49 108.86 -77.07 -31.24
N ASN D 50 109.86 -76.29 -31.59
CA ASN D 50 110.95 -76.01 -30.73
C ASN D 50 110.44 -75.21 -29.53
N PHE D 51 109.53 -74.27 -29.76
CA PHE D 51 108.97 -73.49 -28.67
C PHE D 51 108.15 -74.32 -27.71
N VAL D 52 107.38 -75.26 -28.25
CA VAL D 52 106.48 -76.12 -27.50
C VAL D 52 107.27 -77.16 -26.70
N GLY D 53 108.42 -77.57 -27.17
CA GLY D 53 109.26 -78.56 -26.60
C GLY D 53 108.92 -79.99 -26.96
N ARG D 54 108.44 -80.23 -28.18
CA ARG D 54 108.04 -81.56 -28.63
C ARG D 54 108.01 -81.78 -30.12
N ASP D 55 108.26 -82.99 -30.57
CA ASP D 55 108.10 -83.36 -31.96
C ASP D 55 106.65 -83.78 -32.16
N PHE D 56 105.87 -82.96 -32.82
CA PHE D 56 104.49 -83.31 -33.16
C PHE D 56 104.00 -82.71 -34.48
N LEU D 57 104.81 -81.85 -35.10
CA LEU D 57 104.43 -81.23 -36.36
C LEU D 57 105.02 -81.94 -37.57
N PRO D 58 104.17 -82.24 -38.58
CA PRO D 58 104.61 -83.01 -39.73
C PRO D 58 105.62 -82.20 -40.53
N ARG D 59 106.67 -82.87 -41.00
CA ARG D 59 107.65 -82.23 -41.87
C ARG D 59 107.98 -83.19 -43.01
N GLY D 60 108.24 -82.61 -44.18
CA GLY D 60 108.46 -83.44 -45.35
C GLY D 60 109.21 -82.74 -46.46
N SER D 61 109.12 -83.30 -47.64
CA SER D 61 109.71 -82.81 -48.81
C SER D 61 109.00 -81.77 -49.53
N GLY D 62 109.58 -80.80 -50.21
CA GLY D 62 108.75 -79.88 -50.98
C GLY D 62 107.88 -78.98 -50.08
N ILE D 63 106.56 -79.04 -50.21
CA ILE D 63 105.61 -78.39 -49.37
C ILE D 63 105.35 -79.17 -48.08
N VAL D 64 105.52 -78.52 -46.95
CA VAL D 64 105.42 -79.16 -45.64
C VAL D 64 104.11 -78.87 -44.88
N THR D 65 103.88 -77.60 -44.57
CA THR D 65 102.58 -77.25 -44.03
C THR D 65 101.58 -77.25 -45.17
N ARG D 66 100.76 -78.28 -45.25
CA ARG D 66 99.81 -78.43 -46.36
C ARG D 66 98.34 -78.20 -46.01
N ARG D 67 98.08 -78.05 -44.72
CA ARG D 67 96.75 -77.75 -44.19
C ARG D 67 97.00 -76.95 -42.89
N PRO D 68 96.13 -75.98 -42.58
CA PRO D 68 96.38 -75.31 -41.30
C PRO D 68 96.05 -76.28 -40.18
N LEU D 69 96.76 -76.20 -39.08
CA LEU D 69 96.48 -77.04 -37.93
C LEU D 69 96.23 -76.09 -36.77
N VAL D 70 94.98 -76.04 -36.32
CA VAL D 70 94.59 -75.24 -35.18
C VAL D 70 94.60 -76.12 -33.96
N LEU D 71 95.61 -76.03 -33.16
CA LEU D 71 95.84 -76.68 -31.91
C LEU D 71 95.59 -75.79 -30.74
N GLN D 72 94.76 -76.20 -29.80
CA GLN D 72 94.37 -75.62 -28.57
C GLN D 72 95.01 -76.50 -27.56
N LEU D 73 95.75 -76.07 -26.59
CA LEU D 73 96.47 -76.76 -25.61
C LEU D 73 95.54 -76.74 -24.43
N VAL D 74 95.46 -77.81 -23.66
CA VAL D 74 94.51 -77.95 -22.57
C VAL D 74 95.24 -78.47 -21.34
N ASN D 75 95.11 -77.77 -20.22
CA ASN D 75 95.73 -78.26 -19.00
C ASN D 75 94.96 -79.51 -18.52
N ALA D 76 95.68 -80.59 -18.29
CA ALA D 76 95.08 -81.83 -17.87
C ALA D 76 96.15 -82.73 -17.29
N THR D 77 95.76 -83.71 -16.47
CA THR D 77 96.74 -84.53 -15.78
C THR D 77 97.47 -85.46 -16.74
N THR D 78 96.74 -86.14 -17.60
CA THR D 78 97.31 -87.14 -18.51
C THR D 78 97.85 -86.50 -19.79
N GLU D 79 98.91 -87.10 -20.34
CA GLU D 79 99.53 -86.63 -21.57
C GLU D 79 99.10 -87.53 -22.74
N TYR D 80 98.32 -86.95 -23.66
CA TYR D 80 97.79 -87.64 -24.84
C TYR D 80 97.22 -86.63 -25.82
N ALA D 81 96.73 -87.05 -26.98
CA ALA D 81 96.16 -86.19 -28.00
C ALA D 81 94.91 -86.80 -28.57
N GLU D 82 94.05 -86.00 -29.14
CA GLU D 82 92.81 -86.48 -29.75
C GLU D 82 92.41 -85.53 -30.88
N PHE D 83 91.92 -86.11 -31.99
CA PHE D 83 91.50 -85.30 -33.15
C PHE D 83 89.98 -85.09 -33.12
N LEU D 84 89.54 -83.95 -33.65
CA LEU D 84 88.11 -83.67 -33.76
C LEU D 84 87.50 -84.68 -34.71
N HIS D 85 88.14 -84.91 -35.85
CA HIS D 85 87.73 -85.91 -36.82
C HIS D 85 87.96 -87.35 -36.44
N CYS D 86 88.64 -87.66 -35.35
CA CYS D 86 88.85 -89.02 -34.88
C CYS D 86 88.32 -89.09 -33.43
N LYS D 87 87.01 -89.08 -33.28
CA LYS D 87 86.39 -89.11 -31.96
C LYS D 87 86.74 -90.38 -31.22
N GLY D 88 87.27 -90.24 -30.01
CA GLY D 88 87.60 -91.33 -29.16
C GLY D 88 88.94 -92.03 -29.25
N LYS D 89 89.82 -91.62 -30.16
CA LYS D 89 91.01 -92.37 -30.46
C LYS D 89 92.10 -92.21 -29.40
N LYS D 90 92.69 -93.27 -28.86
CA LYS D 90 93.66 -93.31 -27.84
C LYS D 90 94.92 -93.93 -28.40
N PHE D 91 96.03 -93.31 -28.57
CA PHE D 91 97.40 -93.42 -28.61
C PHE D 91 97.97 -93.60 -27.26
N THR D 92 98.89 -92.71 -26.80
CA THR D 92 99.64 -92.86 -25.53
C THR D 92 101.15 -92.87 -25.85
N ASP D 93 101.46 -92.81 -27.11
CA ASP D 93 102.83 -92.82 -27.60
C ASP D 93 102.96 -91.51 -28.30
N PHE D 94 103.75 -90.56 -27.86
CA PHE D 94 103.96 -89.29 -28.59
C PHE D 94 104.70 -89.39 -29.89
N GLU D 95 105.42 -90.46 -30.19
CA GLU D 95 106.03 -90.58 -31.49
C GLU D 95 104.92 -90.92 -32.45
N GLU D 96 103.98 -91.75 -32.05
CA GLU D 96 102.82 -92.13 -32.77
C GLU D 96 101.94 -90.93 -33.03
N VAL D 97 101.82 -90.00 -32.13
CA VAL D 97 101.06 -88.79 -32.29
C VAL D 97 101.51 -88.01 -33.52
N ARG D 98 102.81 -87.86 -33.64
CA ARG D 98 103.43 -87.10 -34.72
C ARG D 98 102.99 -87.75 -36.01
N LEU D 99 103.18 -89.06 -36.11
CA LEU D 99 102.85 -89.85 -37.27
C LEU D 99 101.42 -89.71 -37.69
N GLU D 100 100.48 -89.73 -36.78
CA GLU D 100 99.07 -89.64 -37.04
C GLU D 100 98.74 -88.28 -37.60
N ILE D 101 99.29 -87.21 -37.06
CA ILE D 101 99.02 -85.87 -37.56
C ILE D 101 99.47 -85.80 -39.00
N GLU D 102 100.67 -86.27 -39.28
CA GLU D 102 101.23 -86.26 -40.62
C GLU D 102 100.32 -86.99 -41.62
N ALA D 103 99.84 -88.16 -41.25
CA ALA D 103 98.96 -89.00 -42.02
C ALA D 103 97.70 -88.29 -42.51
N GLU D 104 97.11 -87.46 -41.68
CA GLU D 104 95.86 -86.78 -41.94
C GLU D 104 96.06 -85.76 -43.04
N THR D 105 97.22 -85.10 -43.08
CA THR D 105 97.56 -84.15 -44.11
C THR D 105 97.69 -84.86 -45.47
N ASP D 106 98.37 -86.00 -45.49
CA ASP D 106 98.50 -86.83 -46.68
C ASP D 106 97.14 -87.26 -47.21
N ARG D 107 96.20 -87.59 -46.37
CA ARG D 107 94.88 -87.98 -46.67
C ARG D 107 94.20 -87.15 -47.75
N VAL D 108 94.25 -85.84 -47.64
CA VAL D 108 93.57 -84.98 -48.58
C VAL D 108 94.41 -84.51 -49.76
N THR D 109 95.63 -84.03 -49.47
CA THR D 109 96.49 -83.40 -50.48
C THR D 109 97.53 -84.28 -51.18
N GLY D 110 97.87 -85.41 -50.61
CA GLY D 110 98.91 -86.28 -51.06
C GLY D 110 100.28 -85.70 -50.71
N THR D 111 101.35 -86.28 -51.23
CA THR D 111 102.69 -85.69 -51.05
C THR D 111 103.29 -85.12 -52.37
N ASN D 112 102.38 -84.69 -53.24
CA ASN D 112 102.76 -84.16 -54.55
C ASN D 112 102.38 -82.67 -54.68
N LYS D 113 102.91 -81.89 -53.73
CA LYS D 113 102.70 -80.43 -53.65
C LYS D 113 101.36 -79.84 -53.26
N GLY D 114 100.39 -80.65 -52.91
CA GLY D 114 99.41 -80.32 -51.91
C GLY D 114 98.64 -79.07 -52.07
N ILE D 115 97.91 -78.62 -51.11
CA ILE D 115 97.24 -77.67 -50.49
C ILE D 115 95.76 -77.91 -50.24
N SER D 116 95.21 -77.59 -49.09
CA SER D 116 93.83 -77.66 -48.70
C SER D 116 93.61 -76.63 -47.60
N PRO D 117 92.44 -75.92 -47.67
CA PRO D 117 92.07 -74.88 -46.72
C PRO D 117 91.41 -75.45 -45.46
N VAL D 118 91.09 -76.72 -45.43
CA VAL D 118 90.39 -77.35 -44.33
C VAL D 118 91.37 -77.62 -43.17
N PRO D 119 91.15 -77.02 -41.99
CA PRO D 119 91.98 -77.25 -40.80
C PRO D 119 91.87 -78.63 -40.17
N ILE D 120 92.95 -79.07 -39.55
CA ILE D 120 93.01 -80.33 -38.84
C ILE D 120 92.82 -79.84 -37.41
N ASN D 121 91.95 -80.50 -36.66
CA ASN D 121 91.70 -80.09 -35.28
C ASN D 121 92.30 -81.01 -34.25
N LEU D 122 93.19 -80.47 -33.44
CA LEU D 122 93.90 -81.27 -32.45
C LEU D 122 93.93 -80.68 -31.07
N ARG D 123 93.64 -81.48 -30.07
CA ARG D 123 93.68 -81.08 -28.67
C ARG D 123 94.82 -81.85 -28.02
N VAL D 124 95.84 -81.17 -27.54
CA VAL D 124 96.93 -81.80 -26.83
C VAL D 124 96.86 -81.37 -25.35
N TYR D 125 96.60 -82.28 -24.48
CA TYR D 125 96.54 -82.19 -23.05
C TYR D 125 97.91 -82.38 -22.44
N SER D 126 98.21 -81.54 -21.45
CA SER D 126 99.46 -81.60 -20.71
C SER D 126 99.27 -80.79 -19.44
N PRO D 127 100.00 -81.13 -18.37
CA PRO D 127 99.78 -80.40 -17.13
C PRO D 127 100.72 -79.20 -16.99
N HIS D 128 101.59 -78.96 -17.94
CA HIS D 128 102.55 -77.86 -17.86
C HIS D 128 102.37 -76.80 -18.94
N VAL D 129 101.13 -76.60 -19.39
CA VAL D 129 100.89 -75.63 -20.45
C VAL D 129 99.73 -74.70 -20.16
N LEU D 130 99.74 -73.56 -20.83
CA LEU D 130 98.78 -72.54 -20.90
C LEU D 130 97.67 -73.02 -21.77
N ASN D 131 96.44 -72.58 -21.70
CA ASN D 131 95.37 -72.92 -22.58
C ASN D 131 95.52 -71.92 -23.72
N LEU D 132 96.38 -72.07 -24.64
CA LEU D 132 96.84 -71.37 -25.80
C LEU D 132 96.31 -71.90 -27.12
N THR D 133 96.47 -71.13 -28.18
CA THR D 133 96.10 -71.54 -29.53
C THR D 133 97.29 -71.26 -30.44
N LEU D 134 97.89 -72.23 -31.05
CA LEU D 134 99.00 -72.13 -31.97
C LEU D 134 98.53 -72.62 -33.35
N VAL D 135 99.04 -72.07 -34.41
CA VAL D 135 98.61 -72.31 -35.75
C VAL D 135 99.78 -72.50 -36.72
N ASP D 136 99.80 -73.65 -37.39
CA ASP D 136 100.81 -73.90 -38.42
C ASP D 136 100.12 -73.55 -39.73
N LEU D 137 100.73 -72.70 -40.54
CA LEU D 137 100.09 -72.25 -41.76
C LEU D 137 100.83 -72.53 -43.05
N PRO D 138 100.08 -72.66 -44.16
CA PRO D 138 100.69 -73.02 -45.44
C PRO D 138 101.67 -71.95 -45.89
N GLY D 139 102.74 -72.40 -46.54
CA GLY D 139 103.77 -71.44 -46.90
C GLY D 139 103.37 -70.52 -48.02
N MET D 140 103.46 -69.20 -47.88
CA MET D 140 103.08 -68.29 -48.98
C MET D 140 104.16 -68.36 -50.04
N THR D 141 103.80 -68.19 -51.32
CA THR D 141 104.81 -68.22 -52.40
C THR D 141 104.72 -67.06 -53.36
N LYS D 142 105.68 -66.97 -54.25
CA LYS D 142 105.69 -65.94 -55.30
C LYS D 142 105.68 -66.50 -56.73
N VAL D 143 106.17 -67.72 -56.89
CA VAL D 143 106.17 -68.45 -58.15
C VAL D 143 105.73 -69.91 -57.90
N PRO D 144 104.92 -70.45 -58.82
CA PRO D 144 104.39 -71.82 -58.73
C PRO D 144 105.45 -72.92 -58.92
N VAL D 145 105.26 -74.00 -58.18
CA VAL D 145 106.19 -75.13 -58.22
C VAL D 145 105.37 -76.41 -58.21
N GLY D 146 105.90 -77.46 -58.81
CA GLY D 146 105.15 -78.68 -58.95
C GLY D 146 103.90 -78.46 -59.78
N ASP D 147 102.75 -78.96 -59.33
CA ASP D 147 101.52 -78.75 -60.03
C ASP D 147 100.61 -77.65 -59.49
N GLN D 148 101.15 -76.80 -58.63
CA GLN D 148 100.36 -75.70 -58.10
C GLN D 148 99.98 -74.74 -59.21
N PRO D 149 98.78 -74.14 -59.11
CA PRO D 149 98.28 -73.23 -60.13
C PRO D 149 99.08 -71.93 -60.14
N PRO D 150 98.86 -71.08 -61.16
CA PRO D 150 99.57 -69.80 -61.26
C PRO D 150 99.19 -68.86 -60.11
N ASP D 151 97.96 -68.92 -59.63
CA ASP D 151 97.49 -68.15 -58.51
C ASP D 151 97.58 -68.81 -57.11
N ILE D 152 98.57 -69.71 -56.98
CA ILE D 152 98.88 -70.32 -55.68
C ILE D 152 99.07 -69.29 -54.55
N GLU D 153 99.83 -68.24 -54.83
CA GLU D 153 100.12 -67.18 -53.88
C GLU D 153 98.87 -66.63 -53.21
N PHE D 154 97.84 -66.33 -53.97
CA PHE D 154 96.65 -65.70 -53.48
C PHE D 154 95.78 -66.63 -52.65
N GLN D 155 95.85 -67.94 -52.88
CA GLN D 155 94.98 -68.83 -52.13
C GLN D 155 95.59 -68.97 -50.75
N ILE D 156 96.91 -69.16 -50.68
CA ILE D 156 97.58 -69.48 -49.42
C ILE D 156 97.58 -68.26 -48.55
N ARG D 157 97.93 -67.13 -49.12
CA ARG D 157 98.10 -65.89 -48.40
C ARG D 157 96.87 -65.56 -47.56
N ASP D 158 95.68 -65.62 -48.12
CA ASP D 158 94.41 -65.28 -47.47
C ASP D 158 94.22 -66.09 -46.21
N MET D 159 94.45 -67.38 -46.37
CA MET D 159 94.26 -68.38 -45.33
C MET D 159 94.97 -68.00 -44.04
N LEU D 160 96.26 -67.69 -44.12
CA LEU D 160 97.00 -67.37 -42.90
C LEU D 160 96.74 -65.98 -42.35
N MET D 161 96.27 -65.06 -43.17
CA MET D 161 95.99 -63.71 -42.78
C MET D 161 94.89 -63.61 -41.77
N GLN D 162 93.94 -64.50 -41.69
CA GLN D 162 92.89 -64.57 -40.73
C GLN D 162 93.30 -64.88 -39.32
N PHE D 163 94.49 -65.36 -39.07
CA PHE D 163 95.02 -65.66 -37.78
C PHE D 163 95.95 -64.58 -37.25
N VAL D 164 96.80 -64.07 -38.12
CA VAL D 164 97.84 -63.13 -37.75
C VAL D 164 97.40 -61.69 -37.48
N THR D 165 96.14 -61.36 -37.77
CA THR D 165 95.65 -60.01 -37.54
C THR D 165 95.09 -59.90 -36.13
N LYS D 166 94.83 -61.06 -35.51
CA LYS D 166 94.29 -61.14 -34.16
C LYS D 166 95.19 -60.45 -33.17
N GLU D 167 94.62 -59.51 -32.42
CA GLU D 167 95.38 -58.69 -31.49
C GLU D 167 96.16 -59.60 -30.56
N ASN D 168 97.42 -59.23 -30.33
CA ASN D 168 98.30 -60.03 -29.52
C ASN D 168 98.57 -61.40 -30.17
N CYS D 169 99.19 -61.35 -31.36
CA CYS D 169 99.56 -62.59 -32.01
C CYS D 169 101.05 -62.52 -32.14
N LEU D 170 101.80 -63.25 -31.35
CA LEU D 170 103.21 -63.40 -31.45
C LEU D 170 103.52 -64.06 -32.80
N ILE D 171 104.16 -63.35 -33.67
CA ILE D 171 104.53 -63.77 -34.97
C ILE D 171 105.91 -64.39 -35.06
N LEU D 172 105.92 -65.69 -35.34
CA LEU D 172 107.18 -66.38 -35.62
C LEU D 172 107.44 -66.15 -37.11
N ALA D 173 108.17 -65.06 -37.37
CA ALA D 173 108.35 -64.57 -38.70
C ALA D 173 109.54 -65.32 -39.30
N VAL D 174 109.28 -66.34 -40.11
CA VAL D 174 110.28 -67.12 -40.84
C VAL D 174 110.40 -66.65 -42.28
N SER D 175 111.59 -66.45 -42.81
CA SER D 175 111.73 -65.84 -44.15
C SER D 175 112.54 -66.67 -45.11
N PRO D 176 111.94 -67.11 -46.23
CA PRO D 176 112.64 -68.13 -47.02
C PRO D 176 113.73 -67.51 -47.90
N ALA D 177 114.87 -68.15 -47.98
CA ALA D 177 116.00 -67.77 -48.82
C ALA D 177 115.75 -67.94 -50.29
N ASN D 178 114.83 -68.80 -50.72
CA ASN D 178 114.49 -69.03 -52.09
C ASN D 178 113.49 -68.04 -52.65
N SER D 179 113.24 -66.91 -52.07
CA SER D 179 112.51 -65.75 -52.39
C SER D 179 113.39 -64.55 -52.01
N ASP D 180 113.15 -63.41 -52.66
CA ASP D 180 113.95 -62.21 -52.39
C ASP D 180 113.67 -61.72 -50.96
N LEU D 181 114.75 -61.32 -50.28
CA LEU D 181 114.69 -61.02 -48.86
C LEU D 181 113.92 -59.77 -48.58
N ALA D 182 113.97 -58.75 -49.44
CA ALA D 182 113.18 -57.56 -49.34
C ALA D 182 111.69 -57.80 -49.56
N ASN D 183 111.28 -58.85 -50.22
CA ASN D 183 109.93 -59.31 -50.54
C ASN D 183 109.43 -60.31 -49.49
N SER D 184 110.02 -60.29 -48.33
CA SER D 184 109.73 -61.19 -47.24
C SER D 184 108.30 -61.21 -46.71
N ASP D 185 107.66 -62.38 -46.79
CA ASP D 185 106.33 -62.59 -46.30
C ASP D 185 106.37 -62.39 -44.78
N ALA D 186 107.38 -62.94 -44.12
CA ALA D 186 107.47 -62.82 -42.67
C ALA D 186 107.54 -61.38 -42.24
N LEU D 187 108.51 -60.63 -42.76
CA LEU D 187 108.76 -59.25 -42.35
C LEU D 187 107.58 -58.33 -42.65
N LYS D 188 106.84 -58.58 -43.73
CA LYS D 188 105.66 -57.82 -44.09
C LYS D 188 104.62 -57.94 -42.97
N VAL D 189 104.22 -59.16 -42.66
CA VAL D 189 103.16 -59.41 -41.68
C VAL D 189 103.56 -58.90 -40.32
N ALA D 190 104.78 -59.18 -39.92
CA ALA D 190 105.32 -58.82 -38.61
C ALA D 190 105.26 -57.32 -38.41
N LYS D 191 105.67 -56.55 -39.41
CA LYS D 191 105.69 -55.10 -39.36
C LYS D 191 104.29 -54.50 -39.34
N GLU D 192 103.30 -55.13 -39.95
CA GLU D 192 101.96 -54.63 -40.04
C GLU D 192 101.29 -54.50 -38.68
N VAL D 193 101.49 -55.51 -37.84
CA VAL D 193 100.76 -55.57 -36.57
C VAL D 193 101.44 -54.91 -35.38
N ASP D 194 102.74 -54.85 -35.33
CA ASP D 194 103.54 -54.49 -34.18
C ASP D 194 104.80 -53.86 -34.78
N PRO D 195 104.67 -52.62 -35.27
CA PRO D 195 105.76 -51.87 -35.93
C PRO D 195 106.97 -51.59 -35.06
N GLN D 196 106.80 -51.36 -33.77
CA GLN D 196 107.93 -50.99 -32.96
C GLN D 196 108.75 -52.16 -32.42
N GLY D 197 108.18 -53.36 -32.49
CA GLY D 197 108.98 -54.53 -32.19
C GLY D 197 109.12 -54.87 -30.70
N GLN D 198 108.05 -54.63 -29.94
CA GLN D 198 107.96 -55.13 -28.56
C GLN D 198 107.82 -56.64 -28.45
N ARG D 199 107.20 -57.24 -29.42
CA ARG D 199 107.01 -58.63 -29.65
C ARG D 199 107.29 -59.15 -31.06
N THR D 200 107.86 -58.31 -31.94
CA THR D 200 108.33 -58.77 -33.23
C THR D 200 109.82 -58.90 -33.24
N ILE D 201 110.34 -60.05 -33.61
CA ILE D 201 111.73 -60.35 -33.78
C ILE D 201 111.82 -60.76 -35.24
N GLY D 202 112.55 -59.96 -36.02
CA GLY D 202 112.71 -60.33 -37.44
C GLY D 202 113.72 -61.45 -37.62
N VAL D 203 113.31 -62.58 -38.14
CA VAL D 203 114.11 -63.79 -38.22
C VAL D 203 114.28 -64.19 -39.68
N ILE D 204 115.52 -64.27 -40.13
CA ILE D 204 115.77 -64.73 -41.51
C ILE D 204 116.38 -66.12 -41.40
N THR D 205 115.67 -67.10 -41.91
CA THR D 205 116.04 -68.48 -41.94
C THR D 205 116.69 -68.93 -43.23
N LYS D 206 117.09 -70.20 -43.28
CA LYS D 206 117.71 -70.80 -44.44
C LYS D 206 118.81 -70.00 -45.13
N LEU D 207 119.70 -69.37 -44.32
CA LEU D 207 120.58 -68.32 -44.82
C LEU D 207 121.62 -68.87 -45.74
N ASP D 208 122.03 -70.12 -45.58
CA ASP D 208 122.94 -70.87 -46.37
C ASP D 208 122.50 -71.20 -47.79
N LEU D 209 121.30 -70.98 -48.19
CA LEU D 209 120.75 -71.26 -49.48
C LEU D 209 120.43 -70.03 -50.33
N MET D 210 120.64 -68.85 -49.77
CA MET D 210 120.34 -67.63 -50.49
C MET D 210 121.13 -67.53 -51.79
N ASP D 211 120.45 -67.01 -52.81
CA ASP D 211 121.00 -66.83 -54.14
C ASP D 211 122.26 -65.95 -54.05
N GLU D 212 123.31 -66.31 -54.79
CA GLU D 212 124.51 -65.45 -54.75
C GLU D 212 124.16 -64.02 -55.15
N GLY D 213 124.58 -63.06 -54.34
CA GLY D 213 124.59 -61.70 -54.83
C GLY D 213 123.44 -60.92 -54.31
N THR D 214 122.67 -61.44 -53.35
CA THR D 214 121.65 -60.59 -52.75
C THR D 214 121.76 -60.56 -51.21
N ASP D 215 121.34 -59.43 -50.62
CA ASP D 215 121.36 -59.25 -49.17
C ASP D 215 120.46 -58.06 -48.79
N ALA D 216 120.02 -57.99 -47.55
CA ALA D 216 119.23 -56.87 -47.04
C ALA D 216 120.01 -55.90 -46.13
N ARG D 217 121.25 -55.60 -46.45
CA ARG D 217 122.28 -55.23 -45.47
C ARG D 217 121.84 -54.12 -44.52
N ASP D 218 121.29 -53.00 -45.01
CA ASP D 218 120.95 -51.88 -44.13
C ASP D 218 119.92 -52.29 -43.11
N VAL D 219 118.84 -52.91 -43.55
CA VAL D 219 117.76 -53.42 -42.70
C VAL D 219 118.29 -54.38 -41.63
N LEU D 220 119.10 -55.34 -42.04
CA LEU D 220 119.71 -56.35 -41.19
C LEU D 220 120.78 -55.84 -40.24
N GLU D 221 121.26 -54.63 -40.33
CA GLU D 221 122.25 -54.04 -39.47
C GLU D 221 121.53 -53.26 -38.37
N ASN D 222 120.22 -53.23 -38.40
CA ASN D 222 119.36 -52.51 -37.49
C ASN D 222 119.64 -51.03 -37.60
N LYS D 223 119.87 -50.51 -38.81
CA LYS D 223 120.09 -49.11 -39.05
C LYS D 223 119.08 -48.48 -39.98
N LEU D 224 118.75 -49.18 -41.08
CA LEU D 224 117.79 -48.74 -42.06
C LEU D 224 116.46 -48.38 -41.45
N LEU D 225 115.94 -49.39 -40.78
CA LEU D 225 114.70 -49.14 -39.96
C LEU D 225 114.99 -49.82 -38.65
N PRO D 226 115.62 -49.08 -37.72
CA PRO D 226 115.89 -49.53 -36.35
C PRO D 226 114.72 -50.01 -35.50
N LEU D 227 114.85 -51.18 -34.95
CA LEU D 227 113.92 -51.88 -34.11
C LEU D 227 114.59 -52.02 -32.76
N ARG D 228 113.83 -51.88 -31.68
CA ARG D 228 114.38 -51.98 -30.34
C ARG D 228 115.06 -53.33 -30.12
N ARG D 229 114.43 -54.40 -30.55
CA ARG D 229 114.99 -55.71 -30.35
C ARG D 229 115.87 -56.20 -31.49
N GLY D 230 115.92 -55.39 -32.54
CA GLY D 230 116.73 -55.73 -33.70
C GLY D 230 116.26 -56.89 -34.56
N TYR D 231 117.24 -57.66 -35.04
CA TYR D 231 116.99 -58.88 -35.79
C TYR D 231 117.84 -60.02 -35.26
N ILE D 232 117.29 -61.21 -35.17
CA ILE D 232 117.99 -62.38 -34.74
C ILE D 232 117.80 -63.38 -35.87
N GLY D 233 118.89 -63.94 -36.33
CA GLY D 233 118.86 -64.89 -37.41
C GLY D 233 118.86 -66.28 -36.89
N VAL D 234 118.49 -67.28 -37.62
CA VAL D 234 118.52 -68.65 -37.36
C VAL D 234 118.70 -69.44 -38.64
N VAL D 235 119.29 -70.60 -38.53
CA VAL D 235 119.47 -71.51 -39.63
C VAL D 235 118.87 -72.83 -39.17
N ASN D 236 117.72 -73.11 -39.75
CA ASN D 236 116.96 -74.31 -39.44
C ASN D 236 117.19 -75.47 -40.39
N ARG D 237 116.49 -76.58 -40.14
CA ARG D 237 116.69 -77.80 -40.91
C ARG D 237 116.48 -77.70 -42.42
N SER D 238 117.47 -78.25 -43.11
CA SER D 238 117.55 -78.18 -44.55
C SER D 238 116.76 -79.33 -45.16
N GLN D 239 116.70 -79.44 -46.47
CA GLN D 239 115.95 -80.53 -47.09
C GLN D 239 116.48 -81.90 -46.73
N LYS D 240 117.80 -82.03 -46.64
CA LYS D 240 118.40 -83.31 -46.28
C LYS D 240 117.93 -83.59 -44.86
N ASP D 241 118.01 -82.63 -43.96
CA ASP D 241 117.66 -82.73 -42.55
C ASP D 241 116.23 -83.28 -42.35
N ILE D 242 115.24 -82.71 -43.01
CA ILE D 242 113.83 -83.10 -42.85
C ILE D 242 113.65 -84.53 -43.36
N ASP D 243 114.27 -84.85 -44.49
CA ASP D 243 114.14 -86.16 -45.09
C ASP D 243 114.57 -87.26 -44.16
N GLY D 244 115.67 -87.07 -43.43
CA GLY D 244 116.28 -88.04 -42.58
C GLY D 244 115.59 -88.30 -41.21
N LYS D 245 114.62 -87.49 -40.86
CA LYS D 245 114.16 -87.41 -39.48
C LYS D 245 115.27 -86.87 -38.52
N LYS D 246 116.05 -85.91 -38.98
CA LYS D 246 117.03 -85.27 -38.12
C LYS D 246 116.28 -84.67 -36.92
N ASP D 247 116.73 -85.00 -35.71
CA ASP D 247 116.04 -84.52 -34.53
C ASP D 247 116.34 -83.09 -34.10
N ILE D 248 115.55 -82.57 -33.17
CA ILE D 248 115.61 -81.23 -32.75
C ILE D 248 116.91 -80.63 -32.33
N THR D 249 117.68 -81.35 -31.50
CA THR D 249 118.94 -80.72 -31.03
C THR D 249 119.84 -80.49 -32.20
N ALA D 250 119.96 -81.44 -33.10
CA ALA D 250 120.82 -81.40 -34.23
C ALA D 250 120.72 -80.16 -35.12
N ALA D 251 119.53 -79.68 -35.32
CA ALA D 251 119.26 -78.60 -36.25
C ALA D 251 120.02 -77.32 -35.91
N LEU D 252 120.13 -77.01 -34.63
CA LEU D 252 120.79 -75.85 -34.09
C LEU D 252 122.27 -75.80 -34.45
N ALA D 253 122.94 -76.90 -34.56
CA ALA D 253 124.34 -77.07 -34.85
C ALA D 253 124.70 -76.50 -36.22
N ALA D 254 123.81 -76.63 -37.20
CA ALA D 254 124.07 -76.15 -38.57
C ALA D 254 124.12 -74.61 -38.59
N GLU D 255 123.40 -73.94 -37.74
CA GLU D 255 123.27 -72.50 -37.67
C GLU D 255 124.60 -71.76 -37.56
N ARG D 256 125.46 -72.24 -36.73
CA ARG D 256 126.72 -71.62 -36.33
C ARG D 256 127.55 -71.28 -37.54
N LYS D 257 127.69 -72.21 -38.46
CA LYS D 257 128.63 -72.18 -39.54
C LYS D 257 128.39 -71.00 -40.43
N PHE D 258 127.14 -70.77 -40.81
CA PHE D 258 126.83 -69.74 -41.77
C PHE D 258 127.19 -68.35 -41.28
N PHE D 259 126.73 -67.98 -40.11
CA PHE D 259 126.79 -66.68 -39.54
C PHE D 259 128.11 -65.98 -39.44
N LEU D 260 129.20 -66.69 -39.37
CA LEU D 260 130.51 -66.14 -39.31
C LEU D 260 130.98 -65.47 -40.61
N SER D 261 130.40 -65.85 -41.74
CA SER D 261 130.82 -65.27 -43.00
C SER D 261 129.98 -64.15 -43.57
N HIS D 262 128.69 -64.18 -43.31
CA HIS D 262 127.75 -63.21 -43.84
C HIS D 262 128.04 -61.81 -43.31
N PRO D 263 128.37 -60.87 -44.20
CA PRO D 263 128.75 -59.50 -43.85
C PRO D 263 127.71 -58.77 -43.02
N SER D 264 126.44 -58.99 -43.32
CA SER D 264 125.34 -58.27 -42.69
C SER D 264 125.02 -58.70 -41.26
N TYR D 265 125.60 -59.80 -40.78
CA TYR D 265 125.32 -60.28 -39.43
C TYR D 265 126.47 -60.51 -38.42
N ARG D 266 127.72 -60.48 -38.87
CA ARG D 266 128.80 -60.77 -37.90
C ARG D 266 129.01 -59.86 -36.75
N HIS D 267 128.65 -58.58 -36.89
CA HIS D 267 128.84 -57.64 -35.81
C HIS D 267 127.74 -57.85 -34.77
N LEU D 268 126.59 -58.41 -35.11
CA LEU D 268 125.47 -58.71 -34.24
C LEU D 268 125.44 -60.19 -33.84
N ALA D 269 126.52 -60.92 -34.07
CA ALA D 269 126.60 -62.34 -33.71
C ALA D 269 126.18 -62.77 -32.33
N ASP D 270 126.40 -61.98 -31.31
CA ASP D 270 126.05 -62.29 -29.93
C ASP D 270 124.55 -62.18 -29.67
N ARG D 271 123.72 -61.71 -30.50
CA ARG D 271 122.31 -61.51 -30.52
C ARG D 271 121.70 -62.27 -31.71
N MET D 272 122.07 -63.53 -31.75
CA MET D 272 121.65 -64.48 -32.75
C MET D 272 121.27 -65.76 -32.06
N GLY D 273 120.69 -66.73 -32.66
CA GLY D 273 120.15 -67.95 -32.31
C GLY D 273 118.67 -68.05 -32.02
N THR D 274 118.05 -69.18 -32.27
CA THR D 274 116.78 -69.68 -31.78
C THR D 274 116.56 -69.44 -30.27
N PRO D 275 117.54 -69.80 -29.43
CA PRO D 275 117.31 -69.69 -27.96
C PRO D 275 117.00 -68.26 -27.54
N TYR D 276 117.67 -67.27 -28.14
CA TYR D 276 117.43 -65.89 -27.75
C TYR D 276 116.04 -65.40 -28.15
N LEU D 277 115.46 -65.91 -29.19
CA LEU D 277 114.16 -65.51 -29.70
C LEU D 277 113.15 -65.89 -28.63
N GLN D 278 113.25 -67.06 -28.06
CA GLN D 278 112.44 -67.63 -27.04
C GLN D 278 112.19 -66.66 -25.91
N LYS D 279 113.25 -66.09 -25.38
CA LYS D 279 113.16 -65.28 -24.17
C LYS D 279 112.18 -64.14 -24.34
N VAL D 280 112.25 -63.39 -25.41
CA VAL D 280 111.53 -62.15 -25.62
C VAL D 280 110.04 -62.40 -25.63
N LEU D 281 109.54 -63.31 -26.44
CA LEU D 281 108.12 -63.51 -26.74
C LEU D 281 107.30 -63.74 -25.48
N ASN D 282 107.80 -64.48 -24.52
CA ASN D 282 107.09 -64.90 -23.33
C ASN D 282 106.63 -63.70 -22.54
N GLN D 283 107.40 -62.69 -22.41
CA GLN D 283 107.22 -61.53 -21.59
C GLN D 283 105.95 -60.81 -22.01
N GLN D 284 105.68 -60.68 -23.28
CA GLN D 284 104.55 -59.89 -23.79
C GLN D 284 103.26 -60.56 -23.37
N LEU D 285 103.17 -61.86 -23.37
CA LEU D 285 101.99 -62.66 -23.24
C LEU D 285 101.31 -62.30 -21.93
N THR D 286 102.01 -62.28 -20.85
CA THR D 286 101.59 -62.07 -19.47
C THR D 286 100.74 -60.83 -19.36
N ASN D 287 101.07 -59.73 -19.96
CA ASN D 287 100.46 -58.44 -19.90
C ASN D 287 98.98 -58.51 -20.17
N HIS D 288 98.54 -59.25 -21.15
CA HIS D 288 97.17 -59.28 -21.59
C HIS D 288 96.28 -59.84 -20.50
N ILE D 289 96.69 -60.91 -19.87
CA ILE D 289 95.93 -61.64 -18.88
C ILE D 289 95.46 -60.74 -17.76
N ARG D 290 96.36 -60.04 -17.14
CA ARG D 290 96.18 -59.18 -16.03
C ARG D 290 95.21 -58.07 -16.28
N ASP D 291 95.15 -57.52 -17.46
CA ASP D 291 94.45 -56.30 -17.77
C ASP D 291 92.95 -56.44 -17.56
N THR D 292 92.41 -57.59 -17.88
CA THR D 292 91.01 -57.95 -17.74
C THR D 292 90.53 -58.19 -16.30
N LEU D 293 91.45 -58.50 -15.39
CA LEU D 293 91.07 -58.79 -14.03
C LEU D 293 90.48 -57.73 -13.12
N PRO D 294 90.91 -56.46 -13.22
CA PRO D 294 90.27 -55.45 -12.37
C PRO D 294 88.77 -55.33 -12.60
N GLY D 295 88.33 -55.40 -13.84
CA GLY D 295 86.95 -55.18 -14.14
C GLY D 295 86.01 -56.11 -13.39
N LEU D 296 86.36 -57.39 -13.30
CA LEU D 296 85.53 -58.36 -12.65
C LEU D 296 85.40 -58.17 -11.17
N ARG D 297 86.47 -57.83 -10.53
CA ARG D 297 86.67 -57.69 -9.12
C ARG D 297 85.67 -56.70 -8.62
N ASN D 298 85.55 -55.56 -9.24
CA ASN D 298 84.68 -54.50 -8.87
C ASN D 298 83.22 -54.90 -8.88
N LYS D 299 82.80 -55.62 -9.92
CA LYS D 299 81.41 -56.04 -10.05
C LYS D 299 81.01 -56.82 -8.80
N LEU D 300 81.80 -57.78 -8.39
CA LEU D 300 81.62 -58.63 -7.24
C LEU D 300 81.42 -57.85 -5.94
N GLN D 301 82.13 -56.77 -5.72
CA GLN D 301 82.05 -55.96 -4.52
C GLN D 301 80.66 -55.37 -4.43
N SER D 302 80.14 -54.87 -5.54
CA SER D 302 78.88 -54.14 -5.57
C SER D 302 77.72 -55.04 -5.17
N GLN D 303 77.72 -56.28 -5.61
CA GLN D 303 76.59 -57.16 -5.45
C GLN D 303 76.38 -57.45 -3.96
N LEU D 304 77.43 -57.78 -3.25
CA LEU D 304 77.46 -58.16 -1.86
C LEU D 304 76.82 -57.10 -0.99
N LEU D 305 77.29 -55.88 -1.06
CA LEU D 305 76.92 -54.75 -0.21
C LEU D 305 75.44 -54.64 0.03
N SER D 306 74.63 -54.65 -1.03
CA SER D 306 73.21 -54.36 -0.97
C SER D 306 72.53 -55.17 0.11
N ILE D 307 72.59 -56.48 -0.04
CA ILE D 307 71.88 -57.42 0.82
C ILE D 307 72.32 -57.33 2.30
N GLU D 308 73.59 -57.13 2.53
CA GLU D 308 74.22 -57.08 3.83
C GLU D 308 73.63 -56.05 4.76
N LYS D 309 73.34 -54.85 4.25
CA LYS D 309 72.94 -53.71 5.08
C LYS D 309 71.50 -53.87 5.48
N GLU D 310 70.69 -54.53 4.69
CA GLU D 310 69.29 -54.80 4.90
C GLU D 310 69.04 -56.15 5.52
N VAL D 311 70.11 -56.87 5.87
CA VAL D 311 70.09 -58.28 6.24
C VAL D 311 68.86 -58.59 7.12
N ASP D 329 69.02 -59.40 3.15
CA ASP D 329 67.76 -59.87 2.59
C ASP D 329 67.39 -61.26 3.08
N GLU D 330 68.36 -61.89 3.81
CA GLU D 330 68.34 -63.30 4.20
C GLU D 330 68.85 -64.20 3.07
N MET D 331 69.30 -63.64 1.98
CA MET D 331 69.95 -64.32 0.87
C MET D 331 71.43 -64.25 1.21
N LEU D 332 71.91 -65.00 2.16
CA LEU D 332 73.24 -65.01 2.67
C LEU D 332 74.12 -65.90 1.85
N ARG D 333 73.57 -66.68 0.93
CA ARG D 333 74.34 -67.52 0.02
C ARG D 333 75.27 -66.69 -0.83
N MET D 334 74.85 -65.54 -1.33
CA MET D 334 75.72 -64.63 -2.06
C MET D 334 77.00 -64.37 -1.34
N TYR D 335 76.93 -64.01 -0.05
CA TYR D 335 78.06 -63.60 0.75
C TYR D 335 79.24 -64.52 0.53
N HIS D 336 79.05 -65.81 0.73
CA HIS D 336 80.08 -66.81 0.60
C HIS D 336 80.64 -67.02 -0.79
N ALA D 337 79.81 -67.00 -1.79
CA ALA D 337 80.23 -67.24 -3.17
C ALA D 337 81.17 -66.10 -3.56
N LEU D 338 80.70 -64.87 -3.44
CA LEU D 338 81.40 -63.67 -3.86
C LEU D 338 82.74 -63.54 -3.18
N LYS D 339 82.81 -63.84 -1.89
CA LYS D 339 84.00 -63.68 -1.09
C LYS D 339 85.14 -64.48 -1.72
N GLU D 340 84.89 -65.71 -2.07
CA GLU D 340 85.78 -66.64 -2.70
C GLU D 340 86.37 -66.07 -3.98
N ALA D 341 85.54 -65.61 -4.89
CA ALA D 341 86.00 -65.05 -6.16
C ALA D 341 87.00 -63.94 -5.92
N LEU D 342 86.70 -63.01 -5.02
CA LEU D 342 87.51 -61.83 -4.80
C LEU D 342 88.92 -62.16 -4.36
N SER D 343 89.12 -63.21 -3.58
CA SER D 343 90.42 -63.58 -3.06
C SER D 343 91.34 -64.00 -4.18
N ILE D 344 90.84 -64.83 -5.09
CA ILE D 344 91.60 -65.33 -6.22
C ILE D 344 92.05 -64.19 -7.10
N ILE D 345 91.14 -63.28 -7.39
CA ILE D 345 91.42 -62.13 -8.23
C ILE D 345 92.53 -61.30 -7.63
N GLY D 346 92.46 -61.06 -6.33
CA GLY D 346 93.39 -60.20 -5.64
C GLY D 346 94.80 -60.71 -5.83
N ASN D 347 95.01 -62.01 -5.66
CA ASN D 347 96.36 -62.57 -5.67
C ASN D 347 97.02 -62.40 -7.02
N ILE D 348 96.29 -62.55 -8.09
CA ILE D 348 96.80 -62.38 -9.43
C ILE D 348 97.15 -60.92 -9.66
N ASN D 349 96.37 -59.98 -9.16
CA ASN D 349 96.54 -58.56 -9.32
C ASN D 349 97.81 -58.07 -8.65
N THR D 350 98.28 -58.68 -7.61
CA THR D 350 99.44 -58.32 -6.84
C THR D 350 100.70 -58.96 -7.48
N THR D 351 100.47 -60.04 -8.18
CA THR D 351 101.43 -60.85 -8.90
C THR D 351 102.14 -61.83 -7.98
N GLU E 366 80.98 -49.93 13.08
CA GLU E 366 79.90 -50.70 13.74
C GLU E 366 78.86 -51.15 12.73
N ASP E 367 78.42 -52.41 12.92
CA ASP E 367 77.38 -53.03 12.12
C ASP E 367 76.00 -52.57 12.60
N GLU E 368 75.95 -52.07 13.84
CA GLU E 368 74.76 -51.45 14.43
C GLU E 368 74.47 -50.12 13.73
N ASN E 369 75.51 -49.28 13.60
CA ASN E 369 75.43 -48.08 12.78
C ASN E 369 75.04 -48.36 11.36
N GLU E 370 75.66 -49.38 10.77
CA GLU E 370 75.36 -49.73 9.37
C GLU E 370 73.86 -50.05 9.23
N LYS E 371 73.31 -50.88 10.11
CA LYS E 371 71.90 -51.29 10.12
C LYS E 371 70.92 -50.10 10.33
N MET E 372 71.26 -49.18 11.18
CA MET E 372 70.53 -47.93 11.39
C MET E 372 70.36 -47.14 10.09
N PHE E 373 71.38 -47.07 9.22
CA PHE E 373 71.26 -46.21 8.04
C PHE E 373 70.13 -46.63 7.16
N PHE E 374 69.95 -47.93 6.94
CA PHE E 374 69.05 -48.39 5.87
C PHE E 374 67.59 -48.09 6.31
N LEU E 375 67.19 -48.43 7.51
CA LEU E 375 65.80 -48.34 7.93
C LEU E 375 65.44 -46.88 8.17
N ILE E 376 66.24 -46.17 8.95
CA ILE E 376 66.04 -44.79 9.33
C ILE E 376 65.92 -43.90 8.13
N ASP E 377 66.74 -44.09 7.10
CA ASP E 377 66.60 -43.29 5.88
C ASP E 377 65.26 -43.41 5.16
N LYS E 378 64.66 -44.58 5.12
CA LYS E 378 63.48 -44.83 4.31
C LYS E 378 62.29 -44.09 4.86
N VAL E 379 62.05 -44.14 6.14
CA VAL E 379 60.82 -43.70 6.79
C VAL E 379 60.58 -42.21 6.52
N ASN E 380 61.58 -41.37 6.62
CA ASN E 380 61.48 -39.96 6.33
C ASN E 380 61.03 -39.67 4.92
N ALA E 381 61.54 -40.34 3.94
CA ALA E 381 61.29 -40.03 2.54
C ALA E 381 59.78 -40.14 2.26
N PHE E 382 59.12 -41.16 2.76
CA PHE E 382 57.67 -41.28 2.66
C PHE E 382 56.97 -40.01 3.17
N ASN E 383 57.29 -39.51 4.34
CA ASN E 383 56.70 -38.32 4.96
C ASN E 383 56.87 -37.04 4.15
N GLN E 384 57.97 -36.81 3.51
CA GLN E 384 58.30 -35.67 2.68
C GLN E 384 57.35 -35.60 1.50
N ASP E 385 57.06 -36.76 0.91
CA ASP E 385 56.10 -36.80 -0.22
C ASP E 385 54.67 -36.41 0.20
N ILE E 386 54.26 -36.75 1.40
CA ILE E 386 53.04 -36.33 2.01
C ILE E 386 52.86 -34.78 1.96
N THR E 387 53.89 -34.05 2.28
CA THR E 387 53.92 -32.60 2.21
C THR E 387 53.62 -32.06 0.81
N ALA E 388 54.17 -32.72 -0.21
CA ALA E 388 53.86 -32.38 -1.61
C ALA E 388 52.39 -32.64 -1.90
N LEU E 389 51.86 -33.75 -1.45
CA LEU E 389 50.46 -34.12 -1.64
C LEU E 389 49.50 -33.08 -1.07
N MET E 390 49.82 -32.49 0.08
CA MET E 390 48.95 -31.51 0.76
C MET E 390 48.89 -30.17 -0.01
N GLN E 391 49.86 -29.86 -0.84
CA GLN E 391 50.07 -28.59 -1.48
C GLN E 391 49.77 -28.60 -2.97
N GLY E 392 49.18 -29.64 -3.53
CA GLY E 392 48.92 -29.71 -5.00
C GLY E 392 50.20 -29.63 -5.84
N GLU E 393 51.28 -30.17 -5.37
CA GLU E 393 52.60 -30.25 -5.98
C GLU E 393 53.07 -31.67 -6.26
N GLU E 394 52.35 -32.71 -5.82
CA GLU E 394 52.89 -34.09 -5.84
C GLU E 394 53.28 -34.54 -7.22
N THR E 395 54.17 -35.52 -7.30
CA THR E 395 54.54 -36.08 -8.59
C THR E 395 53.45 -37.08 -9.02
N VAL E 396 52.99 -36.97 -10.26
CA VAL E 396 51.85 -37.77 -10.74
C VAL E 396 52.19 -38.52 -12.02
N GLY E 397 51.44 -39.61 -12.26
CA GLY E 397 51.65 -40.52 -13.38
C GLY E 397 51.53 -39.83 -14.72
N GLU E 398 51.92 -40.56 -15.76
CA GLU E 398 52.27 -39.94 -17.05
C GLU E 398 51.16 -39.06 -17.62
N GLU E 399 49.91 -39.49 -17.59
CA GLU E 399 48.83 -38.65 -18.05
C GLU E 399 47.65 -38.58 -17.07
N ASP E 400 48.04 -38.54 -15.78
CA ASP E 400 47.08 -38.40 -14.70
C ASP E 400 46.89 -36.92 -14.40
N ILE E 401 45.95 -36.61 -13.52
CA ILE E 401 45.73 -35.24 -13.06
C ILE E 401 45.97 -35.25 -11.55
N ARG E 402 46.56 -34.16 -11.06
CA ARG E 402 46.82 -34.02 -9.62
C ARG E 402 45.53 -33.98 -8.83
N LEU E 403 45.52 -34.45 -7.62
CA LEU E 403 44.36 -34.47 -6.74
C LEU E 403 43.69 -33.10 -6.65
N PHE E 404 44.46 -32.05 -6.44
CA PHE E 404 43.90 -30.73 -6.23
C PHE E 404 43.08 -30.21 -7.42
N THR E 405 43.52 -30.53 -8.64
CA THR E 405 42.80 -30.03 -9.80
C THR E 405 41.48 -30.78 -9.98
N ARG E 406 41.43 -32.08 -9.79
CA ARG E 406 40.23 -32.88 -9.98
C ARG E 406 39.10 -32.47 -9.03
N LEU E 407 39.42 -32.13 -7.80
CA LEU E 407 38.51 -31.58 -6.85
C LEU E 407 37.86 -30.30 -7.34
N ARG E 408 38.59 -29.43 -8.00
CA ARG E 408 38.05 -28.17 -8.43
C ARG E 408 36.84 -28.33 -9.36
N HIS E 409 36.84 -29.30 -10.25
CA HIS E 409 35.78 -29.59 -11.18
C HIS E 409 34.51 -29.98 -10.41
N GLU E 410 34.60 -30.82 -9.40
CA GLU E 410 33.42 -31.25 -8.64
C GLU E 410 32.72 -30.07 -7.99
N PHE E 411 33.42 -29.10 -7.48
CA PHE E 411 32.90 -27.96 -6.76
C PHE E 411 32.08 -27.03 -7.64
N HIS E 412 32.34 -26.98 -8.94
CA HIS E 412 31.66 -26.07 -9.86
C HIS E 412 30.22 -26.53 -10.08
N LYS E 413 29.98 -27.82 -10.14
CA LYS E 413 28.66 -28.41 -10.25
C LYS E 413 27.84 -28.03 -9.05
N TRP E 414 28.39 -28.08 -7.86
CA TRP E 414 27.78 -27.68 -6.63
C TRP E 414 27.23 -26.26 -6.70
N SER E 415 27.97 -25.33 -7.24
CA SER E 415 27.66 -23.92 -7.22
C SER E 415 26.33 -23.64 -7.83
N THR E 416 26.05 -24.25 -8.95
CA THR E 416 24.83 -24.07 -9.71
C THR E 416 23.59 -24.42 -8.89
N ILE E 417 23.57 -25.52 -8.20
CA ILE E 417 22.45 -26.08 -7.48
C ILE E 417 21.91 -25.06 -6.50
N ILE E 418 22.77 -24.45 -5.72
CA ILE E 418 22.42 -23.55 -4.66
C ILE E 418 21.81 -22.26 -5.17
N GLU E 419 22.22 -21.76 -6.30
CA GLU E 419 21.80 -20.46 -6.81
C GLU E 419 20.28 -20.46 -7.01
N ASN E 420 19.74 -21.45 -7.65
CA ASN E 420 18.34 -21.70 -7.90
C ASN E 420 17.50 -21.60 -6.63
N ASN E 421 17.93 -22.16 -5.55
CA ASN E 421 17.29 -22.13 -4.24
C ASN E 421 16.96 -20.72 -3.79
N PHE E 422 17.85 -19.80 -3.92
CA PHE E 422 17.83 -18.45 -3.44
C PHE E 422 16.69 -17.64 -4.07
N GLN E 423 16.48 -17.72 -5.36
CA GLN E 423 15.43 -16.99 -6.08
C GLN E 423 14.05 -17.47 -5.60
N GLU E 424 13.90 -18.74 -5.38
CA GLU E 424 12.71 -19.41 -4.93
C GLU E 424 12.22 -18.83 -3.62
N GLY E 425 13.08 -18.65 -2.66
CA GLY E 425 12.77 -18.35 -1.28
C GLY E 425 12.14 -17.00 -1.07
N HIS E 426 12.66 -15.98 -1.70
CA HIS E 426 12.24 -14.59 -1.58
C HIS E 426 10.75 -14.45 -1.95
N LYS E 427 10.36 -15.06 -3.05
CA LYS E 427 8.99 -14.96 -3.54
C LYS E 427 8.03 -15.67 -2.61
N ILE E 428 8.39 -16.83 -2.07
CA ILE E 428 7.55 -17.71 -1.28
C ILE E 428 6.82 -17.00 -0.14
N LEU E 429 7.50 -16.12 0.57
CA LEU E 429 6.92 -15.42 1.69
C LEU E 429 5.94 -14.34 1.22
N SER E 430 6.34 -13.51 0.26
CA SER E 430 5.46 -12.48 -0.29
C SER E 430 4.13 -13.06 -0.69
N ARG E 431 4.20 -14.09 -1.52
CA ARG E 431 2.98 -14.73 -2.04
C ARG E 431 2.19 -15.43 -0.98
N LYS E 432 2.84 -15.95 0.04
CA LYS E 432 2.18 -16.68 1.10
C LYS E 432 1.06 -15.84 1.73
N ILE E 433 1.34 -14.58 2.04
CA ILE E 433 0.39 -13.63 2.58
C ILE E 433 -0.78 -13.36 1.67
N GLN E 434 -0.53 -13.08 0.40
CA GLN E 434 -1.57 -12.73 -0.55
C GLN E 434 -2.56 -13.88 -0.71
N LYS E 435 -2.07 -15.07 -0.97
CA LYS E 435 -2.82 -16.27 -1.29
C LYS E 435 -3.84 -16.60 -0.22
N PHE E 436 -3.45 -16.54 1.03
CA PHE E 436 -4.35 -16.79 2.15
C PHE E 436 -5.50 -15.81 2.22
N GLU E 437 -5.25 -14.56 1.87
CA GLU E 437 -6.28 -13.51 1.68
C GLU E 437 -7.32 -13.94 0.66
N ASN E 438 -6.97 -14.59 -0.44
CA ASN E 438 -7.79 -15.06 -1.46
C ASN E 438 -8.06 -16.59 -1.35
N PHE E 448 0.98 -10.27 12.69
CA PHE E 448 2.21 -10.95 13.07
C PHE E 448 2.01 -11.83 14.32
N VAL E 449 0.85 -12.47 14.42
CA VAL E 449 0.60 -13.49 15.45
C VAL E 449 1.20 -14.82 14.98
N ASN E 450 1.40 -14.96 13.68
CA ASN E 450 1.93 -16.13 13.02
C ASN E 450 3.44 -15.97 12.75
N TYR E 451 4.13 -15.36 13.69
CA TYR E 451 5.57 -15.25 13.66
C TYR E 451 6.27 -16.60 13.52
N ARG E 452 5.80 -17.60 14.27
CA ARG E 452 6.38 -18.92 14.26
C ARG E 452 6.17 -19.59 12.92
N THR E 453 5.01 -19.38 12.31
CA THR E 453 4.67 -19.97 11.05
C THR E 453 5.50 -19.43 9.89
N PHE E 454 5.73 -18.12 9.83
CA PHE E 454 6.45 -17.52 8.70
C PHE E 454 7.93 -17.85 8.71
N GLU E 455 8.51 -17.86 9.89
CA GLU E 455 9.90 -18.22 10.12
C GLU E 455 10.15 -19.65 9.63
N THR E 456 9.23 -20.57 9.92
CA THR E 456 9.28 -21.94 9.49
C THR E 456 9.50 -22.12 7.99
N ILE E 457 8.88 -21.32 7.14
CA ILE E 457 8.99 -21.42 5.70
C ILE E 457 10.40 -21.17 5.19
N VAL E 458 11.02 -20.10 5.67
CA VAL E 458 12.38 -19.81 5.20
C VAL E 458 13.36 -20.90 5.67
N LYS E 459 13.28 -21.29 6.94
CA LYS E 459 14.07 -22.38 7.52
C LYS E 459 14.02 -23.62 6.63
N GLN E 460 12.88 -24.07 6.18
CA GLN E 460 12.72 -25.30 5.42
C GLN E 460 13.35 -25.28 4.03
N GLN E 461 13.47 -24.13 3.41
CA GLN E 461 14.12 -24.00 2.09
C GLN E 461 15.61 -24.37 2.16
N ILE E 462 16.25 -24.03 3.27
CA ILE E 462 17.69 -24.26 3.44
C ILE E 462 18.00 -25.71 3.71
N LYS E 463 17.21 -26.40 4.50
CA LYS E 463 17.20 -27.85 4.73
C LYS E 463 17.18 -28.72 3.46
N ALA E 464 16.55 -28.30 2.36
CA ALA E 464 16.46 -28.98 1.11
C ALA E 464 17.79 -29.18 0.42
N LEU E 465 18.77 -28.32 0.65
CA LEU E 465 20.14 -28.45 0.19
C LEU E 465 20.97 -29.54 0.84
N GLU E 466 20.54 -30.10 1.98
CA GLU E 466 21.45 -30.93 2.80
C GLU E 466 21.88 -32.21 2.10
N GLU E 467 20.92 -32.99 1.64
CA GLU E 467 21.20 -34.31 1.06
C GLU E 467 22.12 -34.28 -0.17
N PRO E 468 22.01 -33.25 -1.02
CA PRO E 468 22.93 -33.13 -2.16
C PRO E 468 24.38 -33.01 -1.69
N ALA E 469 24.63 -32.28 -0.65
CA ALA E 469 25.97 -31.99 -0.19
C ALA E 469 26.75 -33.25 0.08
N VAL E 470 26.15 -34.21 0.76
CA VAL E 470 26.88 -35.41 1.17
C VAL E 470 27.31 -36.24 -0.05
N ASP E 471 26.59 -36.26 -1.12
CA ASP E 471 26.90 -36.99 -2.31
C ASP E 471 28.28 -36.60 -2.82
N MET E 472 28.55 -35.33 -2.93
CA MET E 472 29.82 -34.80 -3.40
C MET E 472 30.98 -35.30 -2.56
N LEU E 473 30.83 -35.35 -1.26
CA LEU E 473 31.88 -35.82 -0.37
C LEU E 473 32.46 -37.13 -0.89
N HIS E 474 31.67 -38.14 -1.16
CA HIS E 474 32.08 -39.50 -1.47
C HIS E 474 33.03 -39.63 -2.65
N THR E 475 32.82 -38.85 -3.70
CA THR E 475 33.58 -38.92 -4.93
C THR E 475 35.02 -38.50 -4.63
N VAL E 476 35.21 -37.42 -3.94
CA VAL E 476 36.47 -36.80 -3.64
C VAL E 476 37.39 -37.68 -2.82
N THR E 477 36.91 -38.45 -1.86
CA THR E 477 37.79 -39.29 -1.07
C THR E 477 38.33 -40.43 -1.91
N ASP E 478 37.62 -40.91 -2.89
CA ASP E 478 38.18 -41.83 -3.87
C ASP E 478 39.43 -41.30 -4.60
N MET E 479 39.44 -40.03 -4.93
CA MET E 479 40.53 -39.39 -5.65
C MET E 479 41.78 -39.37 -4.81
N VAL E 480 41.69 -39.12 -3.54
CA VAL E 480 42.76 -38.86 -2.65
C VAL E 480 43.51 -40.13 -2.35
N ARG E 481 42.88 -41.21 -2.07
CA ARG E 481 43.42 -42.52 -1.86
C ARG E 481 44.44 -42.94 -2.94
N LEU E 482 44.19 -42.70 -4.21
CA LEU E 482 45.06 -43.02 -5.31
C LEU E 482 46.42 -42.30 -5.23
N ALA E 483 46.40 -41.07 -4.82
CA ALA E 483 47.60 -40.27 -4.63
C ALA E 483 48.37 -40.95 -3.51
N PHE E 484 47.87 -41.04 -2.32
CA PHE E 484 48.45 -41.43 -1.08
C PHE E 484 49.08 -42.80 -1.21
N THR E 485 48.43 -43.75 -1.84
CA THR E 485 48.90 -45.11 -1.96
C THR E 485 50.16 -45.13 -2.82
N ASP E 486 50.30 -44.35 -3.84
CA ASP E 486 51.44 -44.37 -4.75
C ASP E 486 52.72 -43.88 -4.06
N VAL E 487 52.64 -43.03 -3.08
CA VAL E 487 53.73 -42.54 -2.28
C VAL E 487 54.21 -43.70 -1.44
N SER E 488 53.33 -44.47 -0.86
CA SER E 488 53.69 -45.47 0.14
C SER E 488 54.41 -46.61 -0.54
N ILE E 489 53.83 -47.19 -1.56
CA ILE E 489 54.30 -48.21 -2.43
C ILE E 489 55.68 -47.85 -2.93
N LYS E 490 55.90 -46.67 -3.43
CA LYS E 490 57.12 -46.15 -3.97
C LYS E 490 58.37 -46.39 -3.13
N ASN E 491 58.26 -46.21 -1.84
CA ASN E 491 59.40 -46.38 -0.94
C ASN E 491 59.64 -47.82 -0.47
N PHE E 492 58.64 -48.65 -0.45
CA PHE E 492 58.38 -49.79 0.29
C PHE E 492 57.83 -50.99 -0.43
N GLU E 493 58.19 -51.30 -1.67
CA GLU E 493 57.32 -52.35 -2.29
C GLU E 493 57.96 -53.68 -2.22
N GLU E 494 59.25 -53.78 -2.14
CA GLU E 494 60.12 -54.99 -2.10
C GLU E 494 60.29 -55.51 -0.61
N PHE E 495 59.27 -55.53 0.17
CA PHE E 495 58.57 -55.34 1.31
C PHE E 495 57.73 -56.56 1.63
N PHE E 496 57.59 -57.65 2.27
CA PHE E 496 57.15 -58.64 3.08
C PHE E 496 57.41 -59.24 4.31
N ASN E 497 57.63 -59.21 5.68
CA ASN E 497 57.55 -58.92 7.01
C ASN E 497 57.84 -57.80 8.00
N LEU E 498 58.20 -56.55 8.16
CA LEU E 498 58.63 -55.28 8.24
C LEU E 498 57.78 -54.19 7.84
N HIS E 499 57.20 -53.58 6.99
CA HIS E 499 56.19 -52.86 6.21
C HIS E 499 54.91 -52.95 6.78
N ARG E 500 53.90 -53.59 6.50
CA ARG E 500 52.59 -53.84 6.69
C ARG E 500 51.97 -53.23 7.78
N THR E 501 52.10 -53.44 8.98
CA THR E 501 51.99 -52.66 10.10
C THR E 501 51.91 -51.08 9.93
N ALA E 502 52.79 -50.44 9.29
CA ALA E 502 52.81 -49.18 8.68
C ALA E 502 51.61 -48.90 7.77
N LYS E 503 51.41 -49.58 6.71
CA LYS E 503 50.30 -49.83 5.86
C LYS E 503 48.95 -49.71 6.50
N SER E 504 48.61 -50.38 7.50
CA SER E 504 47.39 -50.51 8.21
C SER E 504 47.02 -49.13 8.79
N LYS E 505 47.91 -48.33 9.24
CA LYS E 505 47.79 -46.93 9.58
C LYS E 505 47.28 -46.06 8.40
N ILE E 506 47.70 -46.37 7.20
CA ILE E 506 47.28 -45.70 5.97
C ILE E 506 45.79 -45.94 5.76
N GLU E 507 45.21 -47.05 6.05
CA GLU E 507 43.94 -47.60 5.77
C GLU E 507 42.96 -47.17 6.85
N ASP E 508 43.14 -47.35 8.09
CA ASP E 508 42.40 -47.00 9.24
C ASP E 508 42.11 -45.52 9.23
N ILE E 509 43.09 -44.68 8.92
CA ILE E 509 42.89 -43.27 8.79
C ILE E 509 42.03 -42.89 7.57
N ARG E 510 41.97 -43.70 6.55
CA ARG E 510 41.06 -43.47 5.43
C ARG E 510 39.65 -43.51 5.98
N ALA E 511 39.23 -44.61 6.52
CA ALA E 511 37.95 -44.92 7.06
C ALA E 511 37.51 -43.78 7.97
N GLU E 512 38.31 -43.43 8.95
CA GLU E 512 38.02 -42.51 10.00
C GLU E 512 37.59 -41.13 9.46
N GLN E 513 38.29 -40.55 8.56
CA GLN E 513 38.24 -39.19 8.08
C GLN E 513 36.99 -38.93 7.25
N GLU E 514 36.61 -39.83 6.41
CA GLU E 514 35.43 -39.81 5.60
C GLU E 514 34.19 -39.85 6.49
N ARG E 515 34.16 -40.59 7.58
CA ARG E 515 33.10 -40.55 8.57
C ARG E 515 32.97 -39.12 9.12
N GLU E 516 34.09 -38.49 9.45
CA GLU E 516 34.14 -37.22 10.09
C GLU E 516 33.62 -36.09 9.20
N GLY E 517 33.96 -36.10 7.97
CA GLY E 517 33.71 -35.15 6.92
C GLY E 517 32.23 -35.06 6.68
N GLU E 518 31.53 -36.13 6.50
CA GLU E 518 30.09 -36.21 6.37
C GLU E 518 29.42 -35.61 7.60
N LYS E 519 29.90 -35.93 8.78
CA LYS E 519 29.35 -35.39 10.00
C LYS E 519 29.38 -33.87 10.00
N LEU E 520 30.47 -33.27 9.59
CA LEU E 520 30.65 -31.83 9.66
C LEU E 520 29.73 -31.12 8.69
N ILE E 521 29.51 -31.64 7.52
CA ILE E 521 28.58 -31.13 6.53
C ILE E 521 27.19 -31.07 7.15
N ARG E 522 26.70 -32.13 7.78
CA ARG E 522 25.37 -32.22 8.32
C ARG E 522 25.17 -31.25 9.47
N LEU E 523 26.17 -31.12 10.31
CA LEU E 523 26.25 -30.17 11.41
C LEU E 523 26.16 -28.74 10.89
N HIS E 524 26.77 -28.43 9.78
CA HIS E 524 26.78 -27.18 9.15
C HIS E 524 25.36 -26.83 8.82
N PHE E 525 24.57 -27.71 8.25
CA PHE E 525 23.17 -27.47 8.01
C PHE E 525 22.32 -27.22 9.22
N GLN E 526 22.61 -27.84 10.35
CA GLN E 526 21.85 -27.46 11.54
C GLN E 526 22.27 -26.11 12.12
N MET E 527 23.43 -25.60 11.80
CA MET E 527 23.91 -24.29 12.11
C MET E 527 23.05 -23.26 11.49
N GLU E 528 22.70 -23.41 10.20
CA GLU E 528 21.84 -22.75 9.29
C GLU E 528 20.42 -22.64 9.69
N GLN E 529 19.92 -23.22 10.71
CA GLN E 529 18.61 -23.02 11.31
C GLN E 529 18.51 -21.74 12.14
N ILE E 530 19.39 -20.79 12.19
CA ILE E 530 19.42 -19.60 12.98
C ILE E 530 19.53 -18.35 12.11
N VAL E 531 18.59 -17.43 12.21
CA VAL E 531 18.31 -16.40 11.29
C VAL E 531 19.45 -15.47 11.08
N TYR E 532 19.77 -15.06 9.87
CA TYR E 532 20.60 -13.94 9.43
C TYR E 532 21.97 -14.31 9.71
N SER E 573 6.42 -3.25 13.45
CA SER E 573 5.33 -3.36 12.48
C SER E 573 5.37 -4.68 11.73
N MET E 574 4.43 -4.82 10.80
CA MET E 574 4.43 -5.96 9.89
C MET E 574 5.57 -5.81 8.88
N GLU E 575 5.93 -4.57 8.53
CA GLU E 575 7.04 -4.23 7.63
C GLU E 575 8.44 -4.45 8.18
N GLU E 576 8.56 -4.50 9.52
CA GLU E 576 9.84 -4.67 10.15
C GLU E 576 10.17 -6.13 10.37
N ILE E 577 9.12 -6.94 10.58
CA ILE E 577 9.28 -8.39 10.69
C ILE E 577 9.57 -8.97 9.31
N PHE E 578 8.91 -8.42 8.29
CA PHE E 578 9.09 -8.87 6.91
C PHE E 578 10.53 -8.67 6.48
N GLN E 579 11.07 -7.45 6.60
CA GLN E 579 12.37 -7.05 6.15
C GLN E 579 13.49 -7.89 6.82
N HIS E 580 13.39 -7.90 8.13
CA HIS E 580 14.31 -8.63 9.04
C HIS E 580 14.45 -10.11 8.69
N LEU E 581 13.34 -10.82 8.69
CA LEU E 581 13.33 -12.24 8.45
C LEU E 581 13.87 -12.61 7.07
N MET E 582 13.64 -11.82 6.05
CA MET E 582 14.07 -12.07 4.69
C MET E 582 15.55 -11.90 4.50
N ALA E 583 16.20 -11.16 5.36
CA ALA E 583 17.64 -10.96 5.32
C ALA E 583 18.30 -12.32 5.46
N TYR E 584 17.86 -13.09 6.44
CA TYR E 584 18.27 -14.44 6.75
C TYR E 584 18.41 -15.34 5.53
N HIS E 585 17.49 -15.36 4.62
CA HIS E 585 17.51 -16.20 3.43
C HIS E 585 18.74 -15.93 2.58
N GLN E 586 19.01 -14.69 2.27
CA GLN E 586 20.00 -14.27 1.30
C GLN E 586 21.41 -14.68 1.72
N GLU E 587 21.78 -14.41 2.97
CA GLU E 587 23.13 -14.73 3.42
C GLU E 587 23.35 -16.24 3.44
N ALA E 588 22.33 -16.97 3.85
CA ALA E 588 22.32 -18.41 3.98
C ALA E 588 22.72 -19.17 2.71
N SER E 589 22.37 -18.69 1.54
CA SER E 589 22.58 -19.35 0.27
C SER E 589 24.05 -19.30 -0.04
N LYS E 590 24.68 -18.15 0.05
CA LYS E 590 26.10 -18.01 -0.30
C LYS E 590 26.93 -18.93 0.61
N ARG E 591 26.64 -18.94 1.89
CA ARG E 591 27.36 -19.73 2.86
C ARG E 591 27.35 -21.22 2.54
N ILE E 592 26.25 -21.76 2.06
CA ILE E 592 26.18 -23.18 1.79
C ILE E 592 27.07 -23.52 0.61
N SER E 593 27.16 -22.66 -0.38
CA SER E 593 27.86 -22.83 -1.63
C SER E 593 29.35 -22.98 -1.43
N SER E 594 29.88 -22.28 -0.46
CA SER E 594 31.28 -22.21 -0.19
C SER E 594 31.77 -23.32 0.77
N HIS E 595 30.99 -23.66 1.77
CA HIS E 595 31.37 -24.54 2.83
C HIS E 595 31.33 -26.03 2.50
N ILE E 596 30.37 -26.50 1.74
CA ILE E 596 30.31 -27.92 1.39
C ILE E 596 31.56 -28.44 0.61
N PRO E 597 32.04 -27.63 -0.35
CA PRO E 597 33.34 -27.95 -0.97
C PRO E 597 34.51 -27.89 0.02
N LEU E 598 34.49 -26.98 0.97
CA LEU E 598 35.61 -26.80 1.88
C LEU E 598 35.83 -28.01 2.74
N ILE E 599 34.86 -28.51 3.44
CA ILE E 599 34.84 -29.62 4.34
C ILE E 599 35.52 -30.84 3.68
N ILE E 600 35.08 -31.17 2.49
CA ILE E 600 35.64 -32.25 1.72
C ILE E 600 37.19 -32.23 1.57
N GLN E 601 37.73 -31.07 1.29
CA GLN E 601 39.13 -30.88 1.12
C GLN E 601 39.82 -30.99 2.49
N PHE E 602 39.34 -30.34 3.51
CA PHE E 602 39.88 -30.17 4.82
C PHE E 602 40.07 -31.50 5.49
N PHE E 603 39.11 -32.37 5.45
CA PHE E 603 39.13 -33.64 6.12
C PHE E 603 39.93 -34.68 5.41
N MET E 604 39.85 -34.72 4.10
CA MET E 604 40.38 -35.80 3.30
C MET E 604 41.68 -35.52 2.57
N LEU E 605 42.28 -34.37 2.78
CA LEU E 605 43.60 -34.07 2.28
C LEU E 605 44.47 -33.59 3.43
N GLN E 606 44.18 -32.45 4.03
CA GLN E 606 45.05 -31.96 5.10
C GLN E 606 45.15 -32.94 6.30
N THR E 607 44.09 -33.23 7.02
CA THR E 607 44.05 -34.01 8.25
C THR E 607 44.49 -35.43 7.98
N TYR E 608 44.01 -36.02 6.92
CA TYR E 608 44.33 -37.42 6.57
C TYR E 608 45.84 -37.66 6.56
N GLY E 609 46.54 -36.81 5.86
CA GLY E 609 47.98 -36.89 5.64
C GLY E 609 48.72 -36.79 6.96
N GLN E 610 48.39 -35.80 7.78
CA GLN E 610 49.25 -35.40 8.90
C GLN E 610 49.28 -36.49 9.94
N GLN E 611 48.16 -37.05 10.30
CA GLN E 611 48.00 -38.10 11.30
C GLN E 611 48.77 -39.35 10.93
N LEU E 612 48.85 -39.69 9.65
CA LEU E 612 49.63 -40.83 9.18
C LEU E 612 51.05 -40.66 9.61
N GLN E 613 51.65 -39.52 9.43
CA GLN E 613 53.05 -39.30 9.65
C GLN E 613 53.47 -39.71 11.08
N LYS E 614 52.75 -39.31 12.11
CA LYS E 614 53.13 -39.53 13.52
C LYS E 614 53.20 -41.01 13.86
N ALA E 615 52.25 -41.79 13.41
CA ALA E 615 52.20 -43.26 13.60
C ALA E 615 53.39 -43.94 12.93
N MET E 616 53.84 -43.44 11.81
CA MET E 616 54.96 -44.04 11.07
C MET E 616 56.32 -43.93 11.81
N LEU E 617 56.46 -42.94 12.65
CA LEU E 617 57.66 -42.78 13.49
C LEU E 617 57.73 -43.83 14.55
N GLN E 618 56.64 -44.41 15.01
CA GLN E 618 56.55 -45.36 16.11
C GLN E 618 57.29 -46.65 15.87
N LEU E 619 57.50 -47.11 14.65
CA LEU E 619 58.18 -48.36 14.37
C LEU E 619 59.64 -48.41 14.83
N LEU E 620 60.35 -47.33 15.03
CA LEU E 620 61.75 -47.26 15.35
C LEU E 620 62.15 -47.70 16.75
N GLN E 621 61.22 -47.99 17.63
CA GLN E 621 61.58 -48.06 19.05
C GLN E 621 62.51 -49.24 19.39
N ASP E 622 62.30 -50.41 18.83
CA ASP E 622 62.90 -51.68 19.31
C ASP E 622 64.19 -52.13 18.70
N LYS E 623 65.28 -51.77 19.37
CA LYS E 623 66.65 -52.10 19.00
C LYS E 623 66.93 -53.59 18.70
N ASP E 624 66.48 -54.46 19.60
CA ASP E 624 66.76 -55.89 19.44
C ASP E 624 65.85 -56.55 18.35
N THR E 625 64.80 -55.91 17.94
CA THR E 625 63.99 -56.00 16.73
C THR E 625 64.58 -55.31 15.45
N TYR E 626 65.81 -54.81 15.60
CA TYR E 626 66.63 -54.28 14.62
C TYR E 626 66.80 -55.14 13.41
N SER E 627 67.71 -56.12 13.72
CA SER E 627 68.08 -57.11 12.72
C SER E 627 66.83 -57.91 12.28
N TRP E 628 65.98 -58.31 13.24
CA TRP E 628 64.60 -58.71 13.16
C TRP E 628 63.79 -57.86 12.27
N LEU E 629 63.88 -56.56 12.22
CA LEU E 629 63.24 -55.77 11.21
C LEU E 629 64.00 -55.96 9.88
N LEU E 630 65.21 -55.96 9.48
CA LEU E 630 65.84 -55.60 8.24
C LEU E 630 65.76 -56.40 6.95
N LYS E 631 65.43 -57.64 6.95
CA LYS E 631 65.78 -58.59 5.86
C LYS E 631 65.07 -58.14 4.61
N GLU E 632 65.66 -58.27 3.43
CA GLU E 632 65.18 -57.85 2.16
C GLU E 632 65.28 -58.88 1.08
N ARG E 633 65.85 -60.04 1.21
CA ARG E 633 65.80 -61.18 0.40
C ARG E 633 65.34 -61.33 -1.00
N ILE F 1 -4.79 -12.10 -13.89
CA ILE F 1 -5.66 -11.77 -12.72
C ILE F 1 -5.01 -10.75 -11.79
N LEU F 2 -3.83 -11.09 -11.33
CA LEU F 2 -3.07 -10.27 -10.41
C LEU F 2 -2.61 -9.02 -11.17
N VAL F 3 -2.78 -7.86 -10.53
CA VAL F 3 -2.31 -6.62 -11.16
C VAL F 3 -0.82 -6.51 -10.83
N ILE F 4 0.01 -6.43 -11.82
CA ILE F 4 1.43 -6.22 -11.73
C ILE F 4 1.78 -4.75 -11.50
N ARG F 5 1.05 -3.84 -12.13
CA ARG F 5 1.40 -2.44 -11.99
C ARG F 5 0.39 -1.62 -12.71
N LYS F 6 0.23 -0.39 -12.24
CA LYS F 6 -0.63 0.61 -12.87
C LYS F 6 0.26 1.84 -12.82
N GLY F 7 0.37 2.56 -13.93
CA GLY F 7 1.21 3.74 -13.98
C GLY F 7 1.06 4.41 -15.33
N TRP F 8 1.29 5.71 -15.41
CA TRP F 8 1.11 6.48 -16.64
C TRP F 8 2.32 6.30 -17.56
N LEU F 9 2.09 6.31 -18.87
CA LEU F 9 3.17 6.25 -19.86
C LEU F 9 2.66 7.12 -21.02
N THR F 10 3.54 7.69 -21.84
CA THR F 10 3.08 8.52 -22.96
C THR F 10 3.14 7.70 -24.21
N ILE F 11 2.09 7.61 -25.00
CA ILE F 11 2.21 6.98 -26.28
C ILE F 11 2.66 8.11 -27.15
N ASN F 12 3.91 8.11 -27.55
CA ASN F 12 4.59 9.08 -28.34
C ASN F 12 4.26 9.07 -29.83
N ASN F 13 3.97 7.88 -30.38
CA ASN F 13 3.64 7.83 -31.79
C ASN F 13 2.20 7.56 -32.18
N ILE F 14 1.28 8.23 -31.48
CA ILE F 14 -0.13 8.12 -31.82
C ILE F 14 -0.35 9.11 -33.00
N GLY F 15 -1.05 8.61 -34.02
CA GLY F 15 -1.25 9.37 -35.23
C GLY F 15 -1.85 10.80 -35.08
N ILE F 16 -1.90 11.43 -36.26
CA ILE F 16 -2.59 12.72 -36.38
C ILE F 16 -4.05 12.53 -36.12
N MET F 17 -4.65 11.47 -36.61
CA MET F 17 -5.98 11.04 -36.50
C MET F 17 -6.42 10.49 -35.16
N LYS F 18 -5.83 10.78 -34.04
CA LYS F 18 -6.08 10.32 -32.72
C LYS F 18 -5.56 11.27 -31.67
N GLY F 19 -5.47 12.55 -32.04
CA GLY F 19 -5.03 13.58 -31.12
C GLY F 19 -3.54 13.82 -31.10
N GLY F 20 -2.71 12.83 -31.40
CA GLY F 20 -1.28 12.96 -31.36
C GLY F 20 -0.81 12.32 -30.08
N SER F 21 0.40 12.68 -29.63
CA SER F 21 0.93 12.10 -28.41
C SER F 21 0.11 12.48 -27.21
N LYS F 22 -0.55 11.51 -26.58
CA LYS F 22 -1.31 11.76 -25.38
C LYS F 22 -0.84 10.81 -24.29
N GLU F 23 -1.16 11.07 -23.04
CA GLU F 23 -0.76 10.21 -21.96
C GLU F 23 -1.93 9.30 -21.71
N TYR F 24 -1.67 8.03 -21.46
CA TYR F 24 -2.69 7.04 -21.21
C TYR F 24 -2.30 6.25 -19.97
N TRP F 25 -3.31 5.71 -19.30
CA TRP F 25 -3.16 4.97 -18.04
C TRP F 25 -3.10 3.49 -18.33
N PHE F 26 -1.95 2.88 -18.08
CA PHE F 26 -1.73 1.46 -18.32
C PHE F 26 -1.93 0.53 -17.13
N VAL F 27 -2.52 -0.62 -17.44
CA VAL F 27 -2.82 -1.65 -16.48
C VAL F 27 -2.28 -2.93 -17.07
N LEU F 28 -1.31 -3.52 -16.42
CA LEU F 28 -0.74 -4.77 -16.89
C LEU F 28 -1.04 -5.90 -15.93
N THR F 29 -1.38 -7.06 -16.42
CA THR F 29 -1.70 -8.26 -15.69
C THR F 29 -0.89 -9.35 -16.37
N ALA F 30 -1.06 -10.61 -15.98
CA ALA F 30 -0.37 -11.72 -16.63
C ALA F 30 -0.99 -12.09 -17.98
N GLU F 31 -2.20 -11.64 -18.28
CA GLU F 31 -2.92 -11.92 -19.52
C GLU F 31 -3.10 -10.78 -20.55
N ASN F 32 -3.26 -9.55 -20.07
CA ASN F 32 -3.44 -8.40 -20.97
C ASN F 32 -2.71 -7.13 -20.52
N LEU F 33 -2.56 -6.18 -21.41
CA LEU F 33 -2.04 -4.86 -21.18
C LEU F 33 -3.13 -4.02 -21.83
N SER F 34 -3.86 -3.26 -21.05
CA SER F 34 -4.95 -2.43 -21.53
C SER F 34 -4.56 -0.97 -21.28
N TRP F 35 -5.04 -0.05 -22.11
CA TRP F 35 -4.75 1.37 -21.88
C TRP F 35 -6.04 2.14 -22.00
N TYR F 36 -6.25 3.06 -21.09
CA TYR F 36 -7.41 3.90 -20.94
C TYR F 36 -7.03 5.35 -21.11
N LYS F 37 -8.03 6.23 -21.16
CA LYS F 37 -7.74 7.66 -21.30
C LYS F 37 -7.21 8.19 -19.96
N ASP F 38 -7.70 7.63 -18.86
CA ASP F 38 -7.26 8.03 -17.52
C ASP F 38 -7.56 6.95 -16.49
N ASP F 39 -7.22 7.22 -15.23
CA ASP F 39 -7.38 6.32 -14.12
C ASP F 39 -8.77 6.05 -13.60
N GLU F 40 -9.79 6.60 -14.18
CA GLU F 40 -11.15 6.39 -13.80
C GLU F 40 -11.71 5.18 -14.44
N GLU F 41 -11.05 4.72 -15.49
CA GLU F 41 -11.46 3.59 -16.27
C GLU F 41 -12.86 3.60 -16.88
N LYS F 42 -13.24 4.78 -17.39
CA LYS F 42 -14.56 4.93 -17.96
C LYS F 42 -14.56 4.68 -19.44
N GLU F 43 -13.44 4.77 -20.11
CA GLU F 43 -13.05 4.79 -21.45
C GLU F 43 -12.80 3.62 -22.26
N LYS F 44 -11.74 2.88 -22.26
CA LYS F 44 -11.18 1.85 -22.95
C LYS F 44 -10.68 2.13 -24.33
N LYS F 45 -9.44 2.52 -24.54
CA LYS F 45 -8.84 2.73 -25.82
C LYS F 45 -8.66 1.43 -26.55
N TYR F 46 -8.41 0.35 -25.82
CA TYR F 46 -8.33 -0.97 -26.27
C TYR F 46 -7.72 -1.96 -25.36
N MET F 47 -7.88 -3.25 -25.49
CA MET F 47 -7.22 -4.25 -24.72
C MET F 47 -6.65 -5.19 -25.78
N LEU F 48 -5.32 -5.17 -25.86
CA LEU F 48 -4.42 -5.96 -26.65
C LEU F 48 -3.87 -7.16 -25.87
N SER F 49 -3.78 -8.30 -26.50
CA SER F 49 -3.27 -9.50 -25.86
C SER F 49 -1.76 -9.29 -25.75
N VAL F 50 -1.18 -9.82 -24.68
CA VAL F 50 0.20 -9.81 -24.37
C VAL F 50 0.92 -10.86 -25.21
N ASP F 51 0.19 -11.87 -25.67
CA ASP F 51 0.72 -12.84 -26.62
C ASP F 51 1.27 -12.32 -27.95
N ASN F 52 2.54 -12.64 -28.16
CA ASN F 52 3.35 -12.13 -29.20
C ASN F 52 3.86 -10.72 -29.03
N LEU F 53 3.72 -10.11 -27.90
CA LEU F 53 4.37 -8.88 -27.59
C LEU F 53 5.80 -9.10 -27.14
N LYS F 54 6.70 -8.29 -27.66
CA LYS F 54 8.11 -8.35 -27.30
C LYS F 54 8.48 -6.87 -27.14
N LEU F 55 9.68 -6.59 -26.68
CA LEU F 55 10.09 -5.23 -26.42
C LEU F 55 11.47 -4.89 -26.97
N ARG F 56 11.58 -3.75 -27.65
CA ARG F 56 12.85 -3.38 -28.25
C ARG F 56 13.24 -1.96 -27.93
N ASP F 57 14.53 -1.75 -27.84
CA ASP F 57 15.10 -0.41 -27.70
C ASP F 57 15.03 0.27 -29.03
N VAL F 58 14.07 1.17 -29.26
CA VAL F 58 13.91 1.71 -30.58
C VAL F 58 14.91 2.79 -30.97
N GLU F 59 15.88 2.41 -31.77
CA GLU F 59 17.06 3.00 -32.25
C GLU F 59 17.21 4.47 -32.06
N LYS F 60 17.69 5.01 -31.00
CA LYS F 60 17.83 6.35 -30.56
C LYS F 60 16.54 7.10 -30.49
N GLY F 61 15.85 7.42 -31.48
CA GLY F 61 14.55 7.87 -31.66
C GLY F 61 14.48 9.30 -32.16
N PHE F 62 13.45 10.01 -31.71
CA PHE F 62 13.25 11.41 -32.05
C PHE F 62 14.38 12.21 -31.42
N MET F 63 14.46 13.50 -31.73
CA MET F 63 15.49 14.35 -31.15
C MET F 63 14.85 14.96 -29.91
N SER F 64 14.65 14.20 -28.85
CA SER F 64 14.07 14.66 -27.61
C SER F 64 14.85 14.17 -26.38
N SER F 65 14.23 14.31 -25.22
CA SER F 65 14.80 13.82 -23.94
C SER F 65 14.15 12.50 -23.54
N LYS F 66 13.25 12.04 -24.38
CA LYS F 66 12.54 10.81 -24.15
C LYS F 66 13.45 9.59 -24.31
N HIS F 67 13.20 8.59 -23.49
CA HIS F 67 13.90 7.32 -23.53
C HIS F 67 12.82 6.41 -24.07
N ILE F 68 13.11 5.80 -25.21
CA ILE F 68 12.17 4.97 -25.91
C ILE F 68 12.36 3.46 -25.88
N PHE F 69 11.21 2.78 -25.90
CA PHE F 69 11.08 1.35 -25.93
C PHE F 69 9.77 1.12 -26.66
N ALA F 70 9.41 -0.04 -27.09
CA ALA F 70 8.22 -0.25 -27.82
C ALA F 70 7.77 -1.69 -27.69
N LEU F 71 6.48 -1.89 -27.84
CA LEU F 71 5.86 -3.21 -27.90
C LEU F 71 5.53 -3.49 -29.34
N PHE F 72 5.83 -4.68 -29.83
CA PHE F 72 5.58 -4.96 -31.26
C PHE F 72 5.12 -6.40 -31.44
N ASN F 73 4.18 -6.58 -32.37
CA ASN F 73 3.68 -7.92 -32.68
C ASN F 73 4.74 -8.59 -33.54
N THR F 74 5.35 -9.65 -33.00
CA THR F 74 6.42 -10.35 -33.68
C THR F 74 5.99 -11.04 -34.97
N GLU F 75 4.75 -11.45 -35.08
CA GLU F 75 4.22 -12.18 -36.22
C GLU F 75 3.38 -11.39 -37.24
N GLN F 76 3.44 -10.07 -37.17
CA GLN F 76 2.77 -9.28 -38.18
C GLN F 76 3.22 -7.82 -38.28
N ARG F 77 2.78 -7.16 -39.34
CA ARG F 77 3.17 -5.80 -39.68
C ARG F 77 2.77 -4.75 -38.64
N ASN F 78 1.48 -4.61 -38.40
CA ASN F 78 0.94 -3.66 -37.41
C ASN F 78 0.83 -4.31 -36.02
N VAL F 79 0.92 -3.52 -34.95
CA VAL F 79 0.83 -4.10 -33.61
C VAL F 79 -0.61 -4.02 -33.13
N TYR F 80 -1.27 -2.96 -33.56
CA TYR F 80 -2.67 -2.75 -33.25
C TYR F 80 -3.10 -1.65 -34.23
N LYS F 81 -4.31 -1.76 -34.75
CA LYS F 81 -4.83 -0.80 -35.72
C LYS F 81 -3.80 -0.71 -36.84
N ASP F 82 -3.46 0.50 -37.24
CA ASP F 82 -2.54 0.71 -38.35
C ASP F 82 -1.31 1.36 -37.73
N TYR F 83 -0.60 0.61 -36.89
CA TYR F 83 0.54 1.20 -36.19
C TYR F 83 1.97 0.76 -36.33
N ARG F 84 2.25 -0.47 -36.72
CA ARG F 84 3.62 -0.99 -36.84
C ARG F 84 4.22 -1.33 -35.52
N GLN F 85 4.37 -0.55 -34.54
CA GLN F 85 4.84 -0.61 -33.24
C GLN F 85 4.15 0.45 -32.37
N LEU F 86 3.98 0.18 -31.12
CA LEU F 86 3.43 1.05 -30.10
C LEU F 86 4.64 1.58 -29.33
N GLU F 87 4.99 2.84 -29.49
CA GLU F 87 6.10 3.49 -28.81
C GLU F 87 5.71 4.00 -27.45
N LEU F 88 6.43 3.67 -26.43
CA LEU F 88 6.28 4.05 -25.05
C LEU F 88 7.53 4.82 -24.63
N ALA F 89 7.35 5.88 -23.88
CA ALA F 89 8.37 6.80 -23.48
C ALA F 89 8.23 7.22 -22.03
N CYS F 90 9.35 7.58 -21.42
CA CYS F 90 9.43 8.04 -20.04
C CYS F 90 10.32 9.27 -20.03
N GLU F 91 10.09 10.17 -19.08
CA GLU F 91 10.95 11.33 -18.95
C GLU F 91 12.28 11.00 -18.35
N THR F 92 12.41 9.90 -17.61
CA THR F 92 13.65 9.48 -17.03
C THR F 92 13.98 8.03 -17.37
N GLN F 93 15.26 7.70 -17.35
CA GLN F 93 15.73 6.36 -17.62
C GLN F 93 15.31 5.35 -16.56
N GLU F 94 15.14 5.77 -15.33
CA GLU F 94 14.73 4.85 -14.28
C GLU F 94 13.28 4.46 -14.46
N GLU F 95 12.46 5.33 -15.00
CA GLU F 95 11.07 5.04 -15.25
C GLU F 95 10.96 3.91 -16.30
N VAL F 96 11.82 3.98 -17.32
CA VAL F 96 11.82 3.02 -18.41
C VAL F 96 12.25 1.68 -17.81
N ASP F 97 13.25 1.67 -16.95
CA ASP F 97 13.79 0.46 -16.35
C ASP F 97 12.84 -0.28 -15.43
N SER F 98 12.03 0.42 -14.63
CA SER F 98 11.11 -0.24 -13.71
C SER F 98 9.99 -0.88 -14.51
N TRP F 99 9.53 -0.19 -15.56
CA TRP F 99 8.48 -0.74 -16.42
C TRP F 99 8.92 -1.96 -17.21
N LYS F 100 10.18 -2.09 -17.52
CA LYS F 100 10.71 -3.23 -18.23
C LYS F 100 10.59 -4.48 -17.38
N ALA F 101 10.79 -4.37 -16.06
CA ALA F 101 10.67 -5.49 -15.14
C ALA F 101 9.23 -5.94 -14.98
N SER F 102 8.28 -5.03 -15.14
CA SER F 102 6.89 -5.34 -15.04
C SER F 102 6.39 -6.08 -16.25
N PHE F 103 6.87 -5.71 -17.43
CA PHE F 103 6.59 -6.44 -18.66
C PHE F 103 7.18 -7.82 -18.61
N LEU F 104 8.34 -8.00 -18.00
CA LEU F 104 9.02 -9.30 -17.89
C LEU F 104 8.13 -10.31 -17.25
N ARG F 105 7.48 -9.92 -16.16
CA ARG F 105 6.57 -10.68 -15.35
C ARG F 105 5.36 -11.14 -16.11
N ALA F 106 4.87 -10.36 -17.05
CA ALA F 106 3.69 -10.59 -17.85
C ALA F 106 4.08 -11.37 -19.10
N GLY F 107 5.37 -11.57 -19.33
CA GLY F 107 5.81 -12.43 -20.42
C GLY F 107 6.30 -11.71 -21.65
N VAL F 108 6.36 -10.42 -21.67
CA VAL F 108 6.97 -9.60 -22.70
C VAL F 108 8.43 -9.42 -22.29
N TYR F 109 9.29 -10.16 -23.00
CA TYR F 109 10.73 -10.13 -22.76
C TYR F 109 11.44 -9.25 -23.75
N PRO F 110 12.65 -8.78 -23.43
CA PRO F 110 13.40 -7.89 -24.31
C PRO F 110 14.03 -8.56 -25.53
N GLU F 111 14.87 -7.81 -26.22
CA GLU F 111 15.57 -8.19 -27.44
C GLU F 111 14.74 -8.02 -28.72
N ARG F 112 15.36 -8.35 -29.85
CA ARG F 112 14.78 -8.18 -31.19
C ARG F 112 14.58 -6.67 -31.42
N VAL F 113 15.65 -5.94 -31.13
CA VAL F 113 15.74 -4.48 -31.26
C VAL F 113 16.16 -4.08 -32.67
#